data_1PFZ
#
_entry.id   1PFZ
#
_cell.length_a   52.007
_cell.length_b   133.223
_cell.length_c   114.234
_cell.angle_alpha   90.00
_cell.angle_beta   98.45
_cell.angle_gamma   90.00
#
_symmetry.space_group_name_H-M   'P 1 21 1'
#
loop_
_entity.id
_entity.type
_entity.pdbx_description
1 polymer 'PROPLASMEPSIN II'
2 non-polymer GLYCEROL
3 water water
#
_entity_poly.entity_id   1
_entity_poly.type   'polypeptide(L)'
_entity_poly.pdbx_seq_one_letter_code
;GRGSEHLTIGFKVENAHDRILKTIKTHKLKNYIKESVNFLNSGLTKTNYLGSSNDNIELVDFQNIMFYGDAEVGDNQQPF
TFILDTGSANLWVPSVKCTTAGCLTKHLYDSSKSRTYEKDGTKVEMNYVSGTVSGFFSKDLVTVGNLSLPYKFIEVIDTN
GFEPTYTASTFDGILGLGWKDLSIGSVDPIVVELKNQNKIENALFTFYLPVHDKHTGFLTIGGIEERFYEGPLTYEKLNH
DLYWQITLDAHVGNIMLEKANCIVDSGTSAITVPTDFLNKMLQNLDVIKVPFLPFYVTLCNNSKLPTFEFTSENGKYTLE
PEYYLQHIEDVGPGLCMLNIIGLDFPVPTFILGDPFMRKYFTVFDYDNHSVGIALAKKNL
;
_entity_poly.pdbx_strand_id   A,B,C,D
#
loop_
_chem_comp.id
_chem_comp.type
_chem_comp.name
_chem_comp.formula
GOL non-polymer GLYCEROL 'C3 H8 O3'
#
# COMPACT_ATOMS: atom_id res chain seq x y z
N HIS A 6 -2.98 -48.60 6.13
CA HIS A 6 -4.07 -48.15 5.22
C HIS A 6 -3.47 -47.45 4.01
N LEU A 7 -4.17 -47.54 2.88
CA LEU A 7 -3.69 -46.91 1.65
C LEU A 7 -3.87 -45.40 1.66
N THR A 8 -2.78 -44.68 1.49
CA THR A 8 -2.82 -43.23 1.41
C THR A 8 -2.23 -42.83 0.07
N ILE A 9 -2.94 -42.02 -0.68
CA ILE A 9 -2.42 -41.56 -1.96
C ILE A 9 -2.33 -40.04 -1.95
N GLY A 10 -1.33 -39.52 -2.64
CA GLY A 10 -1.17 -38.07 -2.71
C GLY A 10 -1.76 -37.55 -4.00
N PHE A 11 -2.28 -36.33 -3.96
CA PHE A 11 -2.85 -35.71 -5.14
C PHE A 11 -2.42 -34.25 -5.23
N LYS A 12 -2.50 -33.70 -6.43
CA LYS A 12 -2.12 -32.31 -6.65
C LYS A 12 -3.38 -31.47 -6.71
N VAL A 13 -3.26 -30.21 -6.33
CA VAL A 13 -4.40 -29.31 -6.33
C VAL A 13 -4.22 -28.06 -7.17
N GLU A 14 -5.22 -27.75 -7.99
CA GLU A 14 -5.23 -26.53 -8.79
C GLU A 14 -6.38 -25.76 -8.13
N ASN A 15 -6.06 -24.66 -7.46
CA ASN A 15 -7.11 -23.89 -6.78
C ASN A 15 -7.50 -22.59 -7.48
N ALA A 16 -8.46 -21.89 -6.88
CA ALA A 16 -8.95 -20.63 -7.42
C ALA A 16 -7.81 -19.63 -7.61
N HIS A 17 -6.96 -19.55 -6.60
CA HIS A 17 -5.81 -18.64 -6.62
C HIS A 17 -4.98 -18.93 -7.87
N ASP A 18 -4.73 -20.21 -8.13
CA ASP A 18 -3.94 -20.61 -9.31
C ASP A 18 -4.51 -20.02 -10.59
N ARG A 19 -5.81 -20.24 -10.81
CA ARG A 19 -6.44 -19.76 -12.02
C ARG A 19 -6.52 -18.23 -12.10
N ILE A 20 -6.69 -17.59 -10.95
CA ILE A 20 -6.75 -16.14 -10.91
C ILE A 20 -5.40 -15.59 -11.37
N LEU A 21 -4.32 -16.16 -10.84
CA LEU A 21 -2.98 -15.71 -11.24
C LEU A 21 -2.79 -15.90 -12.73
N LYS A 22 -3.18 -17.06 -13.25
CA LYS A 22 -3.04 -17.36 -14.67
C LYS A 22 -3.74 -16.28 -15.50
N THR A 23 -4.98 -15.97 -15.15
CA THR A 23 -5.75 -14.96 -15.86
C THR A 23 -5.05 -13.60 -15.81
N ILE A 24 -4.65 -13.19 -14.61
CA ILE A 24 -3.97 -11.90 -14.43
C ILE A 24 -2.74 -11.83 -15.32
N LYS A 25 -1.99 -12.93 -15.40
CA LYS A 25 -0.80 -12.97 -16.22
C LYS A 25 -1.13 -12.93 -17.71
N THR A 26 -2.03 -13.83 -18.13
CA THR A 26 -2.42 -13.90 -19.52
C THR A 26 -2.95 -12.58 -20.09
N HIS A 27 -3.79 -11.89 -19.32
CA HIS A 27 -4.35 -10.64 -19.80
C HIS A 27 -3.76 -9.38 -19.16
N LYS A 28 -2.56 -9.50 -18.59
CA LYS A 28 -1.89 -8.38 -17.95
C LYS A 28 -2.86 -7.50 -17.16
N LEU A 29 -3.54 -8.11 -16.19
CA LEU A 29 -4.51 -7.38 -15.38
C LEU A 29 -3.92 -6.84 -14.08
N LYS A 30 -2.61 -7.01 -13.90
CA LYS A 30 -1.93 -6.54 -12.71
C LYS A 30 -2.28 -5.10 -12.31
N ASN A 31 -2.06 -4.15 -13.21
CA ASN A 31 -2.33 -2.76 -12.88
C ASN A 31 -3.80 -2.46 -12.68
N TYR A 32 -4.66 -3.16 -13.42
CA TYR A 32 -6.08 -2.95 -13.27
C TYR A 32 -6.44 -3.24 -11.82
N ILE A 33 -6.02 -4.41 -11.34
CA ILE A 33 -6.31 -4.81 -9.97
C ILE A 33 -5.69 -3.85 -8.96
N LYS A 34 -4.43 -3.49 -9.16
CA LYS A 34 -3.76 -2.57 -8.24
C LYS A 34 -4.46 -1.22 -8.20
N GLU A 35 -4.74 -0.64 -9.36
CA GLU A 35 -5.41 0.66 -9.43
C GLU A 35 -6.82 0.55 -8.87
N SER A 36 -7.49 -0.57 -9.15
CA SER A 36 -8.84 -0.77 -8.65
C SER A 36 -8.83 -0.80 -7.14
N VAL A 37 -7.88 -1.52 -6.58
CA VAL A 37 -7.76 -1.64 -5.13
C VAL A 37 -7.42 -0.30 -4.48
N ASN A 38 -6.39 0.36 -4.97
CA ASN A 38 -5.99 1.65 -4.40
C ASN A 38 -7.17 2.62 -4.36
N PHE A 39 -7.89 2.72 -5.48
CA PHE A 39 -9.03 3.62 -5.57
C PHE A 39 -10.19 3.20 -4.67
N LEU A 40 -10.65 1.97 -4.82
CA LEU A 40 -11.78 1.46 -4.05
C LEU A 40 -11.52 1.27 -2.56
N ASN A 41 -10.25 1.06 -2.19
CA ASN A 41 -9.91 0.85 -0.79
C ASN A 41 -9.32 2.12 -0.18
N SER A 42 -9.55 3.25 -0.84
CA SER A 42 -9.02 4.53 -0.36
C SER A 42 -10.04 5.31 0.47
N GLY A 43 -11.31 5.03 0.27
CA GLY A 43 -12.34 5.72 1.04
C GLY A 43 -13.03 6.85 0.30
N LEU A 44 -12.73 6.99 -0.99
CA LEU A 44 -13.37 8.04 -1.79
C LEU A 44 -14.83 7.68 -1.98
N THR A 45 -15.11 6.38 -2.05
CA THR A 45 -16.48 5.89 -2.20
C THR A 45 -17.12 5.87 -0.81
N LYS A 46 -18.44 6.05 -0.76
CA LYS A 46 -19.15 6.05 0.51
C LYS A 46 -18.92 4.76 1.29
N THR A 47 -18.93 3.64 0.58
CA THR A 47 -18.72 2.34 1.20
C THR A 47 -17.74 1.52 0.37
N ASN A 48 -17.19 0.47 0.97
CA ASN A 48 -16.25 -0.41 0.28
C ASN A 48 -17.00 -1.37 -0.63
N TYR A 49 -16.72 -1.28 -1.94
CA TYR A 49 -17.37 -2.11 -2.94
C TYR A 49 -17.11 -3.60 -2.70
N LEU A 50 -18.20 -4.36 -2.60
CA LEU A 50 -18.10 -5.80 -2.37
C LEU A 50 -18.80 -6.60 -3.47
N GLY A 51 -18.99 -5.95 -4.62
CA GLY A 51 -19.64 -6.61 -5.73
C GLY A 51 -21.13 -6.36 -5.81
N SER A 52 -21.81 -7.16 -6.61
CA SER A 52 -23.25 -7.03 -6.79
C SER A 52 -23.82 -8.26 -7.47
N SER A 53 -25.13 -8.24 -7.73
CA SER A 53 -25.81 -9.33 -8.40
C SER A 53 -25.18 -9.53 -9.76
N ASN A 54 -24.80 -8.42 -10.39
CA ASN A 54 -24.18 -8.46 -11.71
C ASN A 54 -22.72 -8.90 -11.59
N ASP A 55 -21.95 -8.17 -10.79
CA ASP A 55 -20.54 -8.47 -10.59
C ASP A 55 -20.33 -9.39 -9.39
N ASN A 56 -20.58 -10.68 -9.59
CA ASN A 56 -20.45 -11.68 -8.54
C ASN A 56 -19.34 -12.70 -8.82
N ILE A 57 -19.27 -13.72 -7.96
CA ILE A 57 -18.27 -14.76 -8.09
C ILE A 57 -18.93 -16.12 -8.29
N GLU A 58 -18.60 -16.78 -9.38
CA GLU A 58 -19.17 -18.09 -9.68
C GLU A 58 -18.41 -19.21 -8.98
N LEU A 59 -19.15 -20.17 -8.42
CA LEU A 59 -18.54 -21.28 -7.70
C LEU A 59 -17.51 -22.02 -8.55
N VAL A 60 -17.72 -22.08 -9.87
CA VAL A 60 -16.78 -22.76 -10.75
C VAL A 60 -15.41 -22.08 -10.70
N ASP A 61 -15.40 -20.78 -10.41
CA ASP A 61 -14.15 -20.06 -10.31
C ASP A 61 -13.38 -20.50 -9.07
N PHE A 62 -14.11 -21.03 -8.07
CA PHE A 62 -13.45 -21.51 -6.87
C PHE A 62 -13.45 -23.01 -6.68
N GLN A 63 -13.25 -23.73 -7.78
CA GLN A 63 -13.16 -25.17 -7.72
C GLN A 63 -11.75 -25.52 -7.30
N ASN A 64 -11.65 -26.51 -6.42
CA ASN A 64 -10.37 -26.99 -5.91
C ASN A 64 -10.22 -28.34 -6.64
N ILE A 65 -9.52 -28.34 -7.78
CA ILE A 65 -9.37 -29.56 -8.55
C ILE A 65 -8.24 -30.44 -8.00
N MET A 66 -8.59 -31.65 -7.60
CA MET A 66 -7.66 -32.62 -7.04
C MET A 66 -7.31 -33.71 -8.04
N PHE A 67 -6.10 -33.62 -8.60
CA PHE A 67 -5.63 -34.57 -9.60
C PHE A 67 -4.84 -35.75 -9.05
N TYR A 68 -5.17 -36.95 -9.54
CA TYR A 68 -4.47 -38.17 -9.17
C TYR A 68 -4.13 -38.85 -10.50
N GLY A 69 -2.87 -39.17 -10.73
CA GLY A 69 -2.50 -39.78 -11.99
C GLY A 69 -2.10 -41.24 -12.03
N ASP A 70 -2.16 -41.94 -10.91
CA ASP A 70 -1.76 -43.35 -10.93
C ASP A 70 -2.90 -44.36 -10.87
N ALA A 71 -4.12 -43.93 -11.14
CA ALA A 71 -5.25 -44.85 -11.14
C ALA A 71 -5.23 -45.61 -12.45
N GLU A 72 -5.64 -46.88 -12.41
CA GLU A 72 -5.68 -47.71 -13.59
C GLU A 72 -7.06 -48.28 -13.77
N VAL A 73 -7.49 -48.41 -15.02
CA VAL A 73 -8.78 -48.98 -15.33
C VAL A 73 -8.55 -50.00 -16.44
N GLY A 74 -8.64 -51.28 -16.10
CA GLY A 74 -8.40 -52.34 -17.07
C GLY A 74 -6.91 -52.42 -17.35
N ASP A 75 -6.51 -53.25 -18.31
CA ASP A 75 -5.09 -53.34 -18.66
C ASP A 75 -4.92 -52.98 -20.13
N ASN A 76 -3.67 -52.86 -20.56
CA ASN A 76 -3.35 -52.48 -21.92
C ASN A 76 -3.97 -51.12 -22.26
N GLN A 77 -3.99 -50.23 -21.28
CA GLN A 77 -4.55 -48.89 -21.43
C GLN A 77 -3.47 -47.82 -21.30
N GLN A 78 -3.84 -46.59 -21.63
CA GLN A 78 -2.90 -45.47 -21.48
C GLN A 78 -3.08 -45.01 -20.03
N PRO A 79 -2.13 -44.24 -19.49
CA PRO A 79 -2.29 -43.78 -18.10
C PRO A 79 -3.48 -42.82 -18.08
N PHE A 80 -4.13 -42.71 -16.93
CA PHE A 80 -5.28 -41.83 -16.78
C PHE A 80 -5.06 -40.79 -15.70
N THR A 81 -5.69 -39.63 -15.88
CA THR A 81 -5.63 -38.58 -14.88
C THR A 81 -7.06 -38.48 -14.37
N PHE A 82 -7.22 -38.69 -13.07
CA PHE A 82 -8.53 -38.63 -12.44
C PHE A 82 -8.56 -37.51 -11.43
N ILE A 83 -9.72 -36.86 -11.31
CA ILE A 83 -9.85 -35.83 -10.31
C ILE A 83 -10.82 -36.41 -9.28
N LEU A 84 -10.63 -36.03 -8.02
CA LEU A 84 -11.49 -36.50 -6.96
C LEU A 84 -12.72 -35.61 -6.89
N ASP A 85 -13.87 -36.21 -6.68
CA ASP A 85 -15.12 -35.47 -6.60
C ASP A 85 -15.91 -36.03 -5.43
N THR A 86 -15.97 -35.30 -4.31
CA THR A 86 -16.70 -35.78 -3.13
C THR A 86 -18.19 -35.70 -3.33
N GLY A 87 -18.62 -35.17 -4.48
CA GLY A 87 -20.04 -35.05 -4.77
C GLY A 87 -20.58 -36.09 -5.73
N SER A 88 -19.71 -36.98 -6.23
CA SER A 88 -20.17 -38.03 -7.15
C SER A 88 -19.94 -39.43 -6.60
N ALA A 89 -20.91 -40.30 -6.82
CA ALA A 89 -20.82 -41.67 -6.35
C ALA A 89 -20.03 -42.57 -7.31
N ASN A 90 -19.96 -42.18 -8.57
CA ASN A 90 -19.29 -43.04 -9.53
C ASN A 90 -17.91 -42.66 -10.02
N LEU A 91 -17.33 -43.62 -10.74
CA LEU A 91 -16.03 -43.46 -11.36
C LEU A 91 -16.43 -43.19 -12.82
N TRP A 92 -15.96 -42.09 -13.40
CA TRP A 92 -16.29 -41.75 -14.79
C TRP A 92 -15.02 -41.81 -15.61
N VAL A 93 -15.07 -42.50 -16.74
N VAL A 93 -15.06 -42.49 -16.74
CA VAL A 93 -13.90 -42.63 -17.59
CA VAL A 93 -13.89 -42.60 -17.59
C VAL A 93 -14.31 -42.38 -19.05
C VAL A 93 -14.31 -42.36 -19.04
N PRO A 94 -13.58 -41.49 -19.76
CA PRO A 94 -13.90 -41.19 -21.16
C PRO A 94 -13.61 -42.43 -21.99
N SER A 95 -14.53 -42.75 -22.90
CA SER A 95 -14.42 -43.93 -23.74
C SER A 95 -13.77 -43.69 -25.10
N VAL A 96 -13.14 -44.73 -25.63
CA VAL A 96 -12.52 -44.62 -26.96
C VAL A 96 -13.66 -44.39 -27.96
N LYS A 97 -14.88 -44.67 -27.53
CA LYS A 97 -16.05 -44.47 -28.37
C LYS A 97 -16.42 -43.00 -28.45
N CYS A 98 -15.77 -42.17 -27.62
CA CYS A 98 -16.02 -40.73 -27.67
C CYS A 98 -14.99 -40.26 -28.67
N THR A 99 -15.45 -39.72 -29.79
CA THR A 99 -14.53 -39.31 -30.84
C THR A 99 -14.60 -37.84 -31.23
N THR A 100 -15.14 -37.01 -30.35
CA THR A 100 -15.23 -35.58 -30.60
C THR A 100 -13.81 -35.04 -30.53
N ALA A 101 -13.60 -33.82 -31.01
CA ALA A 101 -12.28 -33.22 -30.98
C ALA A 101 -11.76 -33.19 -29.54
N GLY A 102 -12.64 -32.84 -28.60
CA GLY A 102 -12.25 -32.77 -27.20
C GLY A 102 -11.76 -34.09 -26.65
N CYS A 103 -12.48 -35.18 -26.93
CA CYS A 103 -12.09 -36.49 -26.44
C CYS A 103 -10.79 -36.98 -27.00
N LEU A 104 -10.52 -36.61 -28.25
CA LEU A 104 -9.29 -37.03 -28.90
C LEU A 104 -8.07 -36.42 -28.23
N THR A 105 -8.28 -35.43 -27.36
CA THR A 105 -7.18 -34.80 -26.64
C THR A 105 -7.01 -35.44 -25.28
N LYS A 106 -7.82 -36.44 -24.99
CA LYS A 106 -7.77 -37.12 -23.69
C LYS A 106 -7.22 -38.55 -23.80
N HIS A 107 -6.98 -39.17 -22.64
CA HIS A 107 -6.55 -40.57 -22.61
C HIS A 107 -7.86 -41.32 -22.40
N LEU A 108 -8.21 -42.12 -23.40
CA LEU A 108 -9.47 -42.84 -23.40
C LEU A 108 -9.39 -44.32 -23.06
N TYR A 109 -10.43 -44.81 -22.41
CA TYR A 109 -10.52 -46.21 -22.02
C TYR A 109 -11.01 -47.02 -23.22
N ASP A 110 -10.29 -48.09 -23.54
CA ASP A 110 -10.61 -48.97 -24.67
C ASP A 110 -10.83 -50.38 -24.13
N SER A 111 -12.08 -50.77 -23.96
CA SER A 111 -12.40 -52.09 -23.42
C SER A 111 -11.91 -53.25 -24.30
N SER A 112 -11.87 -53.04 -25.62
CA SER A 112 -11.46 -54.11 -26.53
C SER A 112 -10.03 -54.55 -26.30
N LYS A 113 -9.26 -53.74 -25.58
CA LYS A 113 -7.87 -54.08 -25.30
C LYS A 113 -7.63 -54.60 -23.89
N SER A 114 -8.63 -54.53 -23.03
CA SER A 114 -8.47 -54.98 -21.64
C SER A 114 -8.90 -56.42 -21.41
N ARG A 115 -7.98 -57.24 -20.90
CA ARG A 115 -8.25 -58.66 -20.64
C ARG A 115 -9.31 -58.87 -19.56
N THR A 116 -9.33 -57.97 -18.57
CA THR A 116 -10.24 -58.07 -17.45
C THR A 116 -11.61 -57.42 -17.64
N TYR A 117 -11.81 -56.76 -18.76
CA TYR A 117 -13.08 -56.11 -19.06
C TYR A 117 -14.24 -57.09 -19.12
N GLU A 118 -15.35 -56.68 -18.52
CA GLU A 118 -16.58 -57.47 -18.54
C GLU A 118 -17.67 -56.50 -18.93
N LYS A 119 -18.44 -56.88 -19.95
CA LYS A 119 -19.52 -56.03 -20.43
C LYS A 119 -20.66 -55.88 -19.44
N ASP A 120 -21.26 -54.69 -19.44
CA ASP A 120 -22.43 -54.40 -18.64
C ASP A 120 -23.35 -53.74 -19.67
N GLY A 121 -23.02 -52.54 -20.07
CA GLY A 121 -23.79 -51.86 -21.09
C GLY A 121 -24.97 -51.00 -20.67
N THR A 122 -25.31 -51.03 -19.37
CA THR A 122 -26.43 -50.22 -18.89
C THR A 122 -26.16 -48.75 -19.20
N LYS A 123 -27.06 -48.13 -19.96
CA LYS A 123 -26.89 -46.73 -20.33
C LYS A 123 -26.97 -45.74 -19.17
N VAL A 124 -26.27 -44.62 -19.33
CA VAL A 124 -26.23 -43.56 -18.33
C VAL A 124 -26.41 -42.23 -19.05
N GLU A 125 -27.29 -41.38 -18.51
CA GLU A 125 -27.55 -40.07 -19.12
C GLU A 125 -27.47 -38.95 -18.08
N MET A 126 -26.37 -38.88 -17.34
CA MET A 126 -26.21 -37.83 -16.34
C MET A 126 -25.91 -36.50 -17.03
N THR A 132 -25.53 -32.11 -21.31
CA THR A 132 -25.70 -33.41 -20.61
C THR A 132 -24.49 -34.32 -20.86
N VAL A 133 -24.52 -35.51 -20.27
CA VAL A 133 -23.44 -36.47 -20.43
C VAL A 133 -24.01 -37.84 -20.73
N SER A 134 -23.47 -38.49 -21.76
CA SER A 134 -23.95 -39.82 -22.15
C SER A 134 -22.86 -40.88 -22.03
N GLY A 135 -23.25 -42.07 -21.60
CA GLY A 135 -22.31 -43.17 -21.47
C GLY A 135 -23.01 -44.46 -21.09
N PHE A 136 -22.23 -45.43 -20.62
CA PHE A 136 -22.79 -46.72 -20.21
C PHE A 136 -21.84 -47.38 -19.21
N PHE A 137 -22.37 -48.28 -18.41
CA PHE A 137 -21.57 -48.98 -17.42
C PHE A 137 -20.71 -50.09 -18.01
N SER A 138 -19.53 -50.26 -17.45
CA SER A 138 -18.61 -51.30 -17.86
C SER A 138 -17.95 -51.78 -16.59
N LYS A 139 -17.45 -53.01 -16.60
CA LYS A 139 -16.79 -53.54 -15.44
C LYS A 139 -15.36 -53.90 -15.80
N ASP A 140 -14.43 -53.53 -14.93
CA ASP A 140 -13.04 -53.86 -15.19
C ASP A 140 -12.29 -53.70 -13.87
N LEU A 141 -11.03 -54.11 -13.86
CA LEU A 141 -10.22 -53.99 -12.67
C LEU A 141 -9.78 -52.54 -12.51
N VAL A 142 -10.15 -51.92 -11.40
CA VAL A 142 -9.75 -50.55 -11.14
C VAL A 142 -8.70 -50.59 -10.06
N THR A 143 -7.61 -49.87 -10.28
CA THR A 143 -6.52 -49.85 -9.33
C THR A 143 -6.18 -48.45 -8.84
N VAL A 144 -6.18 -48.30 -7.52
CA VAL A 144 -5.84 -47.04 -6.87
C VAL A 144 -4.80 -47.41 -5.82
N GLY A 145 -3.55 -47.02 -6.06
CA GLY A 145 -2.49 -47.36 -5.13
C GLY A 145 -2.26 -48.87 -5.18
N ASN A 146 -2.23 -49.51 -4.01
CA ASN A 146 -2.01 -50.95 -3.96
C ASN A 146 -3.35 -51.69 -3.87
N LEU A 147 -4.44 -50.95 -4.02
CA LEU A 147 -5.77 -51.56 -3.96
C LEU A 147 -6.32 -51.76 -5.37
N SER A 148 -6.78 -52.96 -5.64
CA SER A 148 -7.34 -53.30 -6.95
C SER A 148 -8.62 -54.07 -6.73
N LEU A 149 -9.63 -53.77 -7.54
CA LEU A 149 -10.89 -54.49 -7.42
C LEU A 149 -11.70 -54.39 -8.68
N PRO A 150 -12.46 -55.46 -8.99
CA PRO A 150 -13.31 -55.46 -10.17
C PRO A 150 -14.36 -54.42 -9.78
N TYR A 151 -14.59 -53.42 -10.64
CA TYR A 151 -15.52 -52.37 -10.31
C TYR A 151 -16.34 -51.90 -11.50
N LYS A 152 -17.57 -51.51 -11.25
CA LYS A 152 -18.43 -51.01 -12.33
C LYS A 152 -18.35 -49.50 -12.41
N PHE A 153 -17.87 -49.00 -13.55
CA PHE A 153 -17.73 -47.58 -13.77
C PHE A 153 -18.46 -47.14 -15.02
N ILE A 154 -18.51 -45.85 -15.24
CA ILE A 154 -19.20 -45.28 -16.39
C ILE A 154 -18.28 -44.88 -17.54
N GLU A 155 -18.48 -45.48 -18.71
CA GLU A 155 -17.72 -45.11 -19.91
C GLU A 155 -18.51 -43.99 -20.53
N VAL A 156 -17.90 -42.82 -20.66
CA VAL A 156 -18.58 -41.67 -21.23
C VAL A 156 -18.31 -41.56 -22.73
N ILE A 157 -19.37 -41.46 -23.51
CA ILE A 157 -19.21 -41.36 -24.96
C ILE A 157 -19.55 -39.96 -25.48
N ASP A 158 -20.22 -39.17 -24.65
CA ASP A 158 -20.58 -37.81 -25.04
C ASP A 158 -20.67 -36.87 -23.84
N THR A 159 -19.90 -35.79 -23.89
CA THR A 159 -19.90 -34.81 -22.82
C THR A 159 -20.81 -33.63 -23.18
N ASN A 160 -21.52 -33.79 -24.30
CA ASN A 160 -22.44 -32.78 -24.81
C ASN A 160 -21.97 -31.34 -24.56
N GLY A 161 -22.70 -30.61 -23.72
CA GLY A 161 -22.35 -29.23 -23.44
C GLY A 161 -21.14 -29.03 -22.54
N PHE A 162 -20.77 -30.09 -21.82
CA PHE A 162 -19.63 -30.04 -20.91
C PHE A 162 -18.33 -29.98 -21.70
N GLU A 163 -18.43 -30.24 -23.01
CA GLU A 163 -17.31 -30.23 -23.93
C GLU A 163 -16.24 -29.15 -23.70
N PRO A 164 -16.62 -27.86 -23.81
CA PRO A 164 -15.66 -26.76 -23.61
C PRO A 164 -14.89 -26.83 -22.30
N THR A 165 -15.62 -26.92 -21.20
CA THR A 165 -15.02 -27.01 -19.88
C THR A 165 -14.07 -28.21 -19.80
N TYR A 166 -14.55 -29.36 -20.24
CA TYR A 166 -13.79 -30.60 -20.22
C TYR A 166 -12.56 -30.50 -21.12
N THR A 167 -12.76 -30.05 -22.35
CA THR A 167 -11.67 -29.92 -23.31
C THR A 167 -10.59 -28.98 -22.77
N ALA A 168 -11.02 -27.93 -22.07
CA ALA A 168 -10.09 -26.96 -21.53
C ALA A 168 -9.44 -27.47 -20.25
N SER A 169 -10.01 -28.50 -19.64
CA SER A 169 -9.47 -29.05 -18.40
C SER A 169 -8.28 -29.94 -18.70
N THR A 170 -7.61 -30.41 -17.67
CA THR A 170 -6.44 -31.26 -17.83
C THR A 170 -6.57 -32.64 -17.18
N PHE A 171 -7.78 -33.17 -17.14
CA PHE A 171 -7.98 -34.50 -16.58
C PHE A 171 -8.79 -35.35 -17.55
N ASP A 172 -8.82 -36.64 -17.27
CA ASP A 172 -9.57 -37.56 -18.12
C ASP A 172 -10.86 -38.01 -17.48
N GLY A 173 -10.76 -38.51 -16.25
CA GLY A 173 -11.95 -39.00 -15.57
C GLY A 173 -12.17 -38.46 -14.17
N ILE A 174 -13.25 -38.90 -13.55
CA ILE A 174 -13.63 -38.46 -12.21
C ILE A 174 -13.79 -39.66 -11.28
N LEU A 175 -13.14 -39.61 -10.12
CA LEU A 175 -13.22 -40.70 -9.14
C LEU A 175 -14.14 -40.19 -8.04
N GLY A 176 -15.30 -40.82 -7.92
CA GLY A 176 -16.27 -40.39 -6.93
C GLY A 176 -16.04 -40.82 -5.50
N LEU A 177 -16.13 -39.84 -4.60
CA LEU A 177 -15.96 -40.07 -3.16
C LEU A 177 -17.25 -39.61 -2.49
N GLY A 178 -18.31 -39.53 -3.28
CA GLY A 178 -19.60 -39.10 -2.76
C GLY A 178 -20.51 -40.27 -2.45
N TRP A 179 -21.81 -40.01 -2.32
CA TRP A 179 -22.79 -41.04 -1.98
C TRP A 179 -23.58 -41.59 -3.15
N LYS A 180 -23.87 -42.88 -3.09
CA LYS A 180 -24.64 -43.56 -4.13
C LYS A 180 -25.94 -42.83 -4.36
N ASP A 181 -26.22 -42.51 -5.62
CA ASP A 181 -27.44 -41.80 -5.99
C ASP A 181 -28.16 -42.65 -7.05
N LEU A 182 -29.20 -43.35 -6.61
CA LEU A 182 -29.97 -44.24 -7.46
C LEU A 182 -30.40 -43.72 -8.83
N SER A 183 -30.41 -42.41 -9.03
CA SER A 183 -30.80 -41.86 -10.32
C SER A 183 -29.82 -42.31 -11.39
N ILE A 184 -28.53 -42.29 -11.06
CA ILE A 184 -27.49 -42.69 -12.00
C ILE A 184 -27.30 -44.21 -11.99
N GLY A 185 -27.47 -44.81 -10.82
CA GLY A 185 -27.32 -46.25 -10.71
C GLY A 185 -27.38 -46.78 -9.29
N SER A 186 -27.19 -48.09 -9.16
CA SER A 186 -27.23 -48.74 -7.86
C SER A 186 -25.84 -49.22 -7.49
N VAL A 187 -24.84 -48.74 -8.22
CA VAL A 187 -23.46 -49.12 -7.96
C VAL A 187 -22.93 -48.36 -6.76
N ASP A 188 -22.31 -49.07 -5.83
CA ASP A 188 -21.75 -48.38 -4.66
C ASP A 188 -20.50 -47.63 -5.03
N PRO A 189 -20.19 -46.55 -4.30
CA PRO A 189 -19.00 -45.74 -4.55
C PRO A 189 -17.80 -46.66 -4.37
N ILE A 190 -16.69 -46.36 -5.02
CA ILE A 190 -15.53 -47.24 -4.93
C ILE A 190 -15.04 -47.57 -3.52
N VAL A 191 -15.07 -46.59 -2.61
CA VAL A 191 -14.62 -46.86 -1.24
C VAL A 191 -15.53 -47.90 -0.58
N VAL A 192 -16.84 -47.77 -0.80
CA VAL A 192 -17.79 -48.71 -0.23
C VAL A 192 -17.60 -50.10 -0.84
N GLU A 193 -17.40 -50.15 -2.15
CA GLU A 193 -17.20 -51.42 -2.83
C GLU A 193 -15.93 -52.13 -2.33
N LEU A 194 -14.86 -51.37 -2.10
CA LEU A 194 -13.61 -51.92 -1.59
C LEU A 194 -13.87 -52.62 -0.27
N LYS A 195 -14.72 -52.02 0.57
CA LYS A 195 -15.05 -52.62 1.85
C LYS A 195 -15.93 -53.85 1.62
N ASN A 196 -16.86 -53.76 0.67
CA ASN A 196 -17.74 -54.90 0.37
C ASN A 196 -16.92 -56.12 -0.02
N GLN A 197 -15.81 -55.89 -0.71
CA GLN A 197 -14.94 -56.96 -1.16
C GLN A 197 -13.85 -57.30 -0.16
N ASN A 198 -13.99 -56.73 1.03
CA ASN A 198 -13.06 -56.94 2.14
C ASN A 198 -11.61 -56.65 1.77
N LYS A 199 -11.41 -55.58 1.00
CA LYS A 199 -10.08 -55.17 0.58
C LYS A 199 -9.53 -54.07 1.47
N ILE A 200 -10.40 -53.46 2.27
CA ILE A 200 -10.02 -52.41 3.22
C ILE A 200 -10.78 -52.69 4.51
N GLU A 201 -10.28 -52.16 5.62
CA GLU A 201 -10.91 -52.38 6.92
C GLU A 201 -12.24 -51.67 7.15
N ASN A 202 -12.35 -50.45 6.66
CA ASN A 202 -13.57 -49.67 6.87
C ASN A 202 -14.01 -48.92 5.63
N ALA A 203 -15.31 -48.68 5.50
CA ALA A 203 -15.81 -47.91 4.36
C ALA A 203 -15.68 -46.44 4.77
N LEU A 204 -14.45 -45.93 4.72
CA LEU A 204 -14.21 -44.54 5.08
C LEU A 204 -12.97 -44.05 4.37
N PHE A 205 -12.84 -42.74 4.27
CA PHE A 205 -11.65 -42.16 3.68
C PHE A 205 -11.38 -40.88 4.47
N THR A 206 -10.15 -40.40 4.42
CA THR A 206 -9.82 -39.19 5.16
C THR A 206 -9.05 -38.25 4.25
N PHE A 207 -9.09 -36.96 4.60
CA PHE A 207 -8.35 -35.96 3.84
C PHE A 207 -7.40 -35.24 4.77
N TYR A 208 -6.14 -35.18 4.38
CA TYR A 208 -5.14 -34.46 5.14
C TYR A 208 -4.58 -33.48 4.14
N LEU A 209 -4.88 -32.20 4.33
CA LEU A 209 -4.38 -31.18 3.42
C LEU A 209 -3.30 -30.39 4.15
N PRO A 210 -2.02 -30.68 3.87
CA PRO A 210 -0.92 -29.98 4.53
C PRO A 210 -1.11 -28.47 4.51
N VAL A 211 -1.11 -27.85 5.68
CA VAL A 211 -1.34 -26.41 5.78
C VAL A 211 -0.28 -25.61 5.02
N HIS A 212 0.92 -26.16 4.95
CA HIS A 212 2.04 -25.50 4.29
C HIS A 212 2.13 -25.71 2.78
N ASP A 213 1.28 -26.54 2.22
CA ASP A 213 1.34 -26.74 0.77
C ASP A 213 -0.03 -26.89 0.17
N LYS A 214 -0.58 -25.77 -0.26
CA LYS A 214 -1.90 -25.70 -0.86
C LYS A 214 -2.06 -26.46 -2.16
N HIS A 215 -0.96 -26.82 -2.81
CA HIS A 215 -1.04 -27.56 -4.06
C HIS A 215 -0.98 -29.07 -3.83
N THR A 216 -1.10 -29.49 -2.58
CA THR A 216 -1.04 -30.91 -2.29
C THR A 216 -2.10 -31.36 -1.30
N GLY A 217 -2.42 -32.64 -1.36
CA GLY A 217 -3.40 -33.23 -0.45
C GLY A 217 -3.21 -34.73 -0.39
N PHE A 218 -3.70 -35.34 0.68
CA PHE A 218 -3.56 -36.78 0.85
C PHE A 218 -4.88 -37.44 1.19
N LEU A 219 -5.23 -38.46 0.41
CA LEU A 219 -6.44 -39.22 0.60
C LEU A 219 -6.08 -40.60 1.15
N THR A 220 -6.64 -40.94 2.30
CA THR A 220 -6.38 -42.24 2.90
C THR A 220 -7.68 -43.02 2.79
N ILE A 221 -7.59 -44.25 2.29
CA ILE A 221 -8.77 -45.07 2.11
C ILE A 221 -8.79 -46.32 2.99
N GLY A 222 -9.88 -46.48 3.74
CA GLY A 222 -10.03 -47.66 4.57
C GLY A 222 -9.70 -47.57 6.05
N GLY A 223 -9.01 -46.52 6.47
CA GLY A 223 -8.66 -46.42 7.87
C GLY A 223 -8.21 -45.03 8.26
N ILE A 224 -8.04 -44.84 9.57
CA ILE A 224 -7.65 -43.57 10.13
C ILE A 224 -6.21 -43.64 10.64
N GLU A 225 -5.35 -42.82 10.06
CA GLU A 225 -3.94 -42.78 10.46
C GLU A 225 -3.76 -41.71 11.54
N GLU A 226 -3.30 -42.14 12.71
CA GLU A 226 -3.08 -41.24 13.84
C GLU A 226 -2.07 -40.13 13.58
N ARG A 227 -1.15 -40.37 12.65
CA ARG A 227 -0.13 -39.37 12.36
C ARG A 227 -0.65 -38.06 11.77
N PHE A 228 -1.87 -38.08 11.25
CA PHE A 228 -2.44 -36.88 10.63
C PHE A 228 -3.12 -35.90 11.57
N TYR A 229 -3.45 -36.33 12.78
CA TYR A 229 -4.15 -35.42 13.69
C TYR A 229 -3.78 -35.48 15.16
N GLU A 230 -4.17 -34.43 15.87
CA GLU A 230 -3.93 -34.28 17.30
C GLU A 230 -5.17 -34.61 18.09
N GLY A 231 -5.01 -35.36 19.17
CA GLY A 231 -6.13 -35.69 20.02
C GLY A 231 -7.21 -36.57 19.44
N PRO A 232 -8.28 -36.79 20.20
CA PRO A 232 -9.40 -37.61 19.74
C PRO A 232 -10.24 -36.90 18.69
N LEU A 233 -10.80 -37.68 17.78
CA LEU A 233 -11.66 -37.14 16.74
C LEU A 233 -13.01 -36.82 17.35
N THR A 234 -13.68 -35.81 16.79
CA THR A 234 -15.02 -35.47 17.23
C THR A 234 -15.87 -35.75 16.00
N TYR A 235 -16.86 -36.64 16.16
CA TYR A 235 -17.70 -36.97 15.03
C TYR A 235 -18.98 -36.16 14.96
N GLU A 236 -19.28 -35.70 13.76
CA GLU A 236 -20.49 -34.91 13.50
C GLU A 236 -21.33 -35.73 12.53
N LYS A 237 -22.55 -36.06 12.94
CA LYS A 237 -23.43 -36.85 12.10
C LYS A 237 -23.87 -36.09 10.85
N LEU A 238 -23.94 -36.78 9.72
CA LEU A 238 -24.37 -36.15 8.48
C LEU A 238 -25.84 -35.83 8.67
N ASN A 239 -26.30 -34.74 8.07
CA ASN A 239 -27.70 -34.35 8.20
C ASN A 239 -28.43 -34.60 6.88
N HIS A 240 -27.78 -35.33 5.99
CA HIS A 240 -28.34 -35.66 4.68
C HIS A 240 -27.77 -37.00 4.23
N ASP A 241 -28.57 -37.79 3.52
CA ASP A 241 -28.16 -39.11 3.04
C ASP A 241 -27.27 -39.09 1.80
N LEU A 242 -27.22 -37.98 1.09
CA LEU A 242 -26.44 -37.94 -0.14
C LEU A 242 -25.26 -36.97 -0.15
N TYR A 243 -25.02 -36.28 0.96
CA TYR A 243 -23.91 -35.32 0.96
C TYR A 243 -23.13 -35.36 2.26
N TRP A 244 -21.85 -34.99 2.17
CA TRP A 244 -21.01 -34.93 3.35
C TRP A 244 -21.33 -33.55 3.93
N GLN A 245 -22.50 -33.46 4.53
CA GLN A 245 -23.01 -32.21 5.07
C GLN A 245 -23.42 -32.39 6.53
N ILE A 246 -23.01 -31.45 7.37
CA ILE A 246 -23.33 -31.51 8.79
C ILE A 246 -23.96 -30.19 9.23
N THR A 247 -24.54 -30.17 10.43
CA THR A 247 -25.18 -28.96 10.93
C THR A 247 -24.32 -28.27 11.99
N LEU A 248 -24.07 -26.99 11.77
CA LEU A 248 -23.26 -26.21 12.72
C LEU A 248 -23.74 -24.79 12.83
N ASP A 249 -23.61 -24.21 14.02
CA ASP A 249 -23.98 -22.81 14.22
C ASP A 249 -22.74 -22.04 13.81
N ALA A 250 -22.91 -21.02 12.98
CA ALA A 250 -21.77 -20.20 12.55
C ALA A 250 -21.81 -18.83 13.21
N HIS A 251 -20.68 -18.40 13.76
CA HIS A 251 -20.60 -17.08 14.38
C HIS A 251 -19.42 -16.37 13.74
N VAL A 252 -19.66 -15.17 13.23
CA VAL A 252 -18.59 -14.37 12.61
C VAL A 252 -18.73 -12.93 13.09
N GLY A 253 -17.85 -12.53 14.01
CA GLY A 253 -17.95 -11.18 14.53
C GLY A 253 -19.20 -11.12 15.39
N ASN A 254 -20.02 -10.09 15.22
CA ASN A 254 -21.22 -9.99 16.03
C ASN A 254 -22.46 -10.55 15.34
N ILE A 255 -22.28 -11.26 14.23
CA ILE A 255 -23.42 -11.86 13.52
C ILE A 255 -23.29 -13.38 13.47
N MET A 256 -24.42 -14.07 13.36
CA MET A 256 -24.40 -15.52 13.34
C MET A 256 -25.50 -16.15 12.51
N LEU A 257 -25.33 -17.43 12.21
CA LEU A 257 -26.31 -18.22 11.47
C LEU A 257 -26.41 -19.54 12.21
N GLU A 258 -27.51 -19.73 12.92
CA GLU A 258 -27.71 -20.95 13.69
C GLU A 258 -28.06 -22.14 12.81
N LYS A 259 -27.57 -23.31 13.21
CA LYS A 259 -27.82 -24.56 12.50
C LYS A 259 -27.73 -24.48 10.98
N ALA A 260 -26.63 -23.95 10.47
CA ALA A 260 -26.46 -23.86 9.04
C ALA A 260 -26.00 -25.20 8.49
N ASN A 261 -26.30 -25.47 7.23
CA ASN A 261 -25.80 -26.70 6.64
C ASN A 261 -24.38 -26.39 6.23
N CYS A 262 -23.45 -27.25 6.63
CA CYS A 262 -22.06 -27.04 6.27
C CYS A 262 -21.59 -28.25 5.49
N ILE A 263 -21.27 -28.02 4.24
CA ILE A 263 -20.80 -29.08 3.35
C ILE A 263 -19.29 -29.11 3.47
N VAL A 264 -18.72 -30.26 3.83
CA VAL A 264 -17.27 -30.37 3.94
C VAL A 264 -16.81 -30.88 2.60
N ASP A 265 -16.08 -30.05 1.89
CA ASP A 265 -15.66 -30.43 0.55
C ASP A 265 -14.29 -29.92 0.15
N SER A 266 -13.35 -30.86 0.01
CA SER A 266 -12.00 -30.52 -0.39
C SER A 266 -12.00 -30.02 -1.84
N GLY A 267 -13.13 -30.19 -2.52
CA GLY A 267 -13.25 -29.76 -3.92
C GLY A 267 -13.61 -28.30 -4.11
N THR A 268 -13.71 -27.55 -3.02
CA THR A 268 -14.02 -26.13 -3.09
C THR A 268 -12.83 -25.38 -2.49
N SER A 269 -12.32 -24.39 -3.22
CA SER A 269 -11.13 -23.63 -2.78
C SER A 269 -11.38 -22.59 -1.69
N ALA A 270 -12.63 -22.34 -1.37
CA ALA A 270 -12.90 -21.32 -0.37
C ALA A 270 -13.89 -21.75 0.69
N ILE A 271 -14.18 -20.81 1.58
CA ILE A 271 -15.22 -21.01 2.57
C ILE A 271 -16.28 -20.20 1.84
N THR A 272 -17.41 -20.82 1.53
CA THR A 272 -18.45 -20.08 0.85
C THR A 272 -19.44 -19.67 1.92
N VAL A 273 -19.96 -18.45 1.77
CA VAL A 273 -20.87 -17.86 2.74
C VAL A 273 -22.05 -17.22 2.00
N PRO A 274 -23.27 -17.27 2.59
CA PRO A 274 -24.42 -16.66 1.92
C PRO A 274 -24.05 -15.22 1.59
N THR A 275 -24.37 -14.78 0.38
CA THR A 275 -24.01 -13.43 -0.05
C THR A 275 -24.38 -12.32 0.92
N ASP A 276 -25.59 -12.37 1.47
CA ASP A 276 -26.03 -11.35 2.42
C ASP A 276 -25.14 -11.31 3.66
N PHE A 277 -24.83 -12.50 4.18
CA PHE A 277 -24.02 -12.64 5.38
C PHE A 277 -22.60 -12.17 5.10
N LEU A 278 -22.08 -12.47 3.92
CA LEU A 278 -20.75 -12.03 3.56
C LEU A 278 -20.72 -10.51 3.49
N ASN A 279 -21.72 -9.92 2.82
CA ASN A 279 -21.76 -8.46 2.71
C ASN A 279 -21.75 -7.79 4.08
N LYS A 280 -22.48 -8.35 5.04
CA LYS A 280 -22.52 -7.79 6.38
C LYS A 280 -21.18 -8.00 7.09
N MET A 281 -20.58 -9.16 6.87
CA MET A 281 -19.28 -9.49 7.46
C MET A 281 -18.20 -8.50 7.04
N LEU A 282 -18.13 -8.24 5.74
CA LEU A 282 -17.09 -7.37 5.19
C LEU A 282 -17.37 -5.87 5.23
N GLN A 283 -18.53 -5.51 5.76
CA GLN A 283 -18.92 -4.11 5.87
C GLN A 283 -17.83 -3.29 6.55
N ASN A 284 -17.27 -2.33 5.81
CA ASN A 284 -16.23 -1.46 6.33
C ASN A 284 -15.03 -2.15 6.99
N LEU A 285 -14.62 -3.28 6.43
CA LEU A 285 -13.47 -3.99 6.99
C LEU A 285 -12.27 -3.83 6.07
N ASP A 286 -12.36 -2.89 5.14
CA ASP A 286 -11.29 -2.60 4.20
C ASP A 286 -10.95 -3.79 3.31
N VAL A 287 -12.01 -4.42 2.81
CA VAL A 287 -11.92 -5.55 1.91
C VAL A 287 -12.74 -5.09 0.70
N ILE A 288 -12.24 -5.34 -0.50
CA ILE A 288 -13.01 -4.93 -1.66
C ILE A 288 -13.03 -6.03 -2.71
N LYS A 289 -14.09 -6.03 -3.52
CA LYS A 289 -14.18 -7.01 -4.57
C LYS A 289 -13.62 -6.32 -5.80
N VAL A 290 -12.72 -7.00 -6.49
CA VAL A 290 -12.15 -6.44 -7.69
C VAL A 290 -13.26 -6.51 -8.72
N PRO A 291 -13.68 -5.36 -9.26
CA PRO A 291 -14.76 -5.34 -10.25
C PRO A 291 -14.54 -6.26 -11.44
N PHE A 292 -15.51 -7.14 -11.67
CA PHE A 292 -15.49 -8.06 -12.79
C PHE A 292 -14.44 -9.17 -12.73
N LEU A 293 -13.76 -9.29 -11.60
CA LEU A 293 -12.77 -10.34 -11.41
C LEU A 293 -13.26 -11.16 -10.20
N PRO A 294 -13.16 -12.50 -10.29
CA PRO A 294 -13.59 -13.46 -9.27
C PRO A 294 -12.90 -13.50 -7.90
N PHE A 295 -12.75 -12.35 -7.24
CA PHE A 295 -12.12 -12.38 -5.92
C PHE A 295 -12.11 -11.08 -5.14
N TYR A 296 -12.05 -11.23 -3.82
CA TYR A 296 -11.99 -10.11 -2.90
C TYR A 296 -10.52 -9.94 -2.52
N VAL A 297 -10.14 -8.68 -2.27
N VAL A 297 -10.13 -8.69 -2.26
CA VAL A 297 -8.76 -8.35 -1.90
CA VAL A 297 -8.76 -8.41 -1.87
C VAL A 297 -8.72 -7.47 -0.67
C VAL A 297 -8.73 -7.49 -0.67
N THR A 298 -7.62 -7.54 0.07
CA THR A 298 -7.45 -6.72 1.25
C THR A 298 -5.98 -6.75 1.61
N LEU A 299 -5.54 -5.78 2.40
CA LEU A 299 -4.16 -5.75 2.83
C LEU A 299 -3.95 -6.96 3.74
N CYS A 300 -2.91 -7.74 3.48
CA CYS A 300 -2.63 -8.92 4.26
C CYS A 300 -2.53 -8.65 5.76
N ASN A 301 -2.17 -7.42 6.13
CA ASN A 301 -2.03 -7.07 7.55
C ASN A 301 -3.33 -6.55 8.16
N ASN A 302 -4.41 -6.59 7.38
CA ASN A 302 -5.71 -6.12 7.85
C ASN A 302 -6.01 -6.73 9.22
N SER A 303 -6.12 -5.90 10.25
CA SER A 303 -6.38 -6.41 11.59
C SER A 303 -7.86 -6.52 11.94
N LYS A 304 -8.72 -6.20 10.98
CA LYS A 304 -10.16 -6.24 11.19
C LYS A 304 -10.83 -7.55 10.73
N LEU A 305 -10.05 -8.43 10.10
CA LEU A 305 -10.59 -9.68 9.58
C LEU A 305 -11.16 -10.59 10.66
N PRO A 306 -12.35 -11.12 10.42
CA PRO A 306 -13.03 -12.01 11.36
C PRO A 306 -12.56 -13.46 11.40
N THR A 307 -12.85 -14.12 12.52
CA THR A 307 -12.53 -15.52 12.68
C THR A 307 -13.88 -16.23 12.59
N PHE A 308 -13.94 -17.30 11.80
CA PHE A 308 -15.17 -18.09 11.67
C PHE A 308 -15.25 -18.98 12.91
N GLU A 309 -16.45 -19.13 13.45
CA GLU A 309 -16.66 -19.99 14.61
C GLU A 309 -17.86 -20.87 14.29
N PHE A 310 -17.63 -22.18 14.30
CA PHE A 310 -18.66 -23.17 14.01
C PHE A 310 -18.79 -24.05 15.23
N THR A 311 -20.00 -24.19 15.74
CA THR A 311 -20.19 -25.00 16.92
C THR A 311 -21.30 -26.02 16.74
N SER A 312 -21.15 -27.15 17.44
CA SER A 312 -22.13 -28.22 17.41
C SER A 312 -22.32 -28.61 18.87
N GLU A 313 -23.12 -29.64 19.12
CA GLU A 313 -23.35 -30.10 20.48
C GLU A 313 -22.10 -30.82 21.00
N ASN A 314 -21.18 -31.18 20.10
CA ASN A 314 -19.98 -31.89 20.55
C ASN A 314 -18.66 -31.21 20.33
N GLY A 315 -18.65 -30.09 19.61
CA GLY A 315 -17.39 -29.41 19.38
C GLY A 315 -17.51 -27.98 18.91
N LYS A 316 -16.36 -27.32 18.86
CA LYS A 316 -16.28 -25.95 18.38
C LYS A 316 -15.08 -25.92 17.45
N TYR A 317 -15.29 -25.43 16.24
CA TYR A 317 -14.23 -25.36 15.24
C TYR A 317 -14.15 -23.90 14.81
N THR A 318 -12.95 -23.37 14.74
CA THR A 318 -12.77 -21.99 14.35
C THR A 318 -11.81 -21.89 13.17
N LEU A 319 -11.91 -20.81 12.40
CA LEU A 319 -11.03 -20.65 11.27
C LEU A 319 -10.56 -19.20 11.27
N GLU A 320 -9.31 -19.01 11.65
CA GLU A 320 -8.74 -17.68 11.74
C GLU A 320 -8.35 -17.17 10.34
N PRO A 321 -8.19 -15.84 10.19
CA PRO A 321 -7.84 -15.22 8.92
C PRO A 321 -6.66 -15.81 8.16
N GLU A 322 -5.63 -16.26 8.88
CA GLU A 322 -4.45 -16.82 8.22
C GLU A 322 -4.86 -17.95 7.27
N TYR A 323 -5.88 -18.70 7.65
CA TYR A 323 -6.33 -19.82 6.82
C TYR A 323 -7.08 -19.48 5.54
N TYR A 324 -7.67 -18.29 5.45
CA TYR A 324 -8.40 -17.94 4.25
C TYR A 324 -7.78 -16.80 3.45
N LEU A 325 -6.57 -16.42 3.85
CA LEU A 325 -5.84 -15.38 3.16
C LEU A 325 -4.74 -15.98 2.31
N GLN A 326 -4.53 -15.42 1.13
CA GLN A 326 -3.47 -15.89 0.27
C GLN A 326 -2.88 -14.70 -0.45
N HIS A 327 -1.58 -14.53 -0.31
CA HIS A 327 -0.85 -13.43 -0.94
C HIS A 327 -1.00 -13.40 -2.45
N ILE A 328 -1.16 -12.19 -2.98
CA ILE A 328 -1.21 -12.00 -4.43
C ILE A 328 -0.16 -10.93 -4.68
N GLU A 329 1.07 -11.26 -4.25
CA GLU A 329 2.22 -10.38 -4.37
C GLU A 329 2.49 -9.89 -5.79
N ASP A 330 2.23 -10.73 -6.78
CA ASP A 330 2.46 -10.34 -8.17
C ASP A 330 1.57 -9.20 -8.62
N VAL A 331 0.44 -9.02 -7.94
CA VAL A 331 -0.48 -7.94 -8.27
C VAL A 331 -0.04 -6.67 -7.56
N GLY A 332 0.25 -6.80 -6.28
CA GLY A 332 0.68 -5.66 -5.50
C GLY A 332 1.26 -6.11 -4.17
N PRO A 333 2.24 -5.38 -3.65
CA PRO A 333 2.90 -5.70 -2.37
C PRO A 333 1.94 -5.60 -1.17
N GLY A 334 1.98 -6.61 -0.31
CA GLY A 334 1.14 -6.62 0.87
C GLY A 334 -0.34 -6.91 0.60
N LEU A 335 -0.67 -7.27 -0.64
CA LEU A 335 -2.05 -7.57 -0.99
C LEU A 335 -2.34 -9.06 -0.91
N CYS A 336 -3.53 -9.36 -0.41
CA CYS A 336 -4.02 -10.73 -0.26
C CYS A 336 -5.41 -10.90 -0.84
N MET A 337 -5.70 -12.06 -1.39
CA MET A 337 -7.04 -12.32 -1.87
C MET A 337 -7.60 -13.16 -0.72
N LEU A 338 -8.93 -13.21 -0.62
CA LEU A 338 -9.56 -13.99 0.42
C LEU A 338 -10.11 -15.25 -0.23
N ASN A 339 -9.92 -16.39 0.40
CA ASN A 339 -10.51 -17.60 -0.14
C ASN A 339 -11.85 -17.75 0.54
N ILE A 340 -12.68 -16.73 0.28
CA ILE A 340 -14.05 -16.64 0.78
C ILE A 340 -14.86 -16.08 -0.38
N ILE A 341 -16.03 -16.65 -0.65
CA ILE A 341 -16.85 -16.13 -1.71
C ILE A 341 -18.29 -16.18 -1.26
N GLY A 342 -19.13 -15.35 -1.88
CA GLY A 342 -20.54 -15.34 -1.54
C GLY A 342 -21.24 -16.34 -2.42
N LEU A 343 -22.00 -17.24 -1.81
CA LEU A 343 -22.74 -18.25 -2.56
C LEU A 343 -24.01 -18.55 -1.79
N ASP A 344 -25.14 -18.38 -2.46
CA ASP A 344 -26.41 -18.65 -1.82
C ASP A 344 -26.95 -20.02 -2.16
N PHE A 345 -27.61 -20.61 -1.18
CA PHE A 345 -28.26 -21.91 -1.31
C PHE A 345 -29.68 -21.61 -0.83
N PRO A 346 -30.63 -22.51 -1.08
CA PRO A 346 -32.01 -22.32 -0.65
C PRO A 346 -32.13 -22.06 0.85
N VAL A 347 -31.22 -22.66 1.61
CA VAL A 347 -31.18 -22.47 3.06
C VAL A 347 -29.79 -22.02 3.45
N PRO A 348 -29.65 -21.39 4.64
CA PRO A 348 -28.33 -20.91 5.09
C PRO A 348 -27.32 -22.05 5.01
N THR A 349 -26.34 -21.87 4.14
CA THR A 349 -25.33 -22.89 3.91
C THR A 349 -23.93 -22.33 3.76
N PHE A 350 -22.94 -23.09 4.25
CA PHE A 350 -21.53 -22.75 4.14
C PHE A 350 -20.85 -23.96 3.52
N ILE A 351 -19.92 -23.75 2.60
CA ILE A 351 -19.16 -24.88 2.10
C ILE A 351 -17.85 -24.71 2.86
N LEU A 352 -17.50 -25.69 3.68
CA LEU A 352 -16.24 -25.63 4.41
C LEU A 352 -15.27 -26.30 3.46
N GLY A 353 -14.67 -25.48 2.60
CA GLY A 353 -13.73 -26.00 1.64
C GLY A 353 -12.32 -26.14 2.14
N ASP A 354 -11.39 -26.09 1.20
CA ASP A 354 -9.97 -26.24 1.45
C ASP A 354 -9.43 -25.49 2.68
N PRO A 355 -9.74 -24.19 2.82
CA PRO A 355 -9.23 -23.46 3.99
C PRO A 355 -9.53 -24.11 5.33
N PHE A 356 -10.75 -24.61 5.48
CA PHE A 356 -11.16 -25.26 6.72
C PHE A 356 -10.34 -26.55 6.93
N MET A 357 -10.20 -27.30 5.85
CA MET A 357 -9.50 -28.58 5.86
C MET A 357 -7.98 -28.47 5.98
N ARG A 358 -7.46 -27.25 5.87
CA ARG A 358 -6.03 -27.04 6.03
C ARG A 358 -5.77 -26.97 7.54
N LYS A 359 -6.79 -26.59 8.31
CA LYS A 359 -6.64 -26.53 9.76
C LYS A 359 -7.10 -27.83 10.40
N TYR A 360 -8.14 -28.43 9.85
CA TYR A 360 -8.70 -29.64 10.41
C TYR A 360 -8.63 -30.89 9.55
N PHE A 361 -8.14 -31.97 10.16
CA PHE A 361 -8.07 -33.29 9.52
C PHE A 361 -9.53 -33.73 9.50
N THR A 362 -9.96 -34.37 8.41
CA THR A 362 -11.34 -34.82 8.32
C THR A 362 -11.50 -36.27 7.90
N VAL A 363 -12.44 -36.96 8.55
CA VAL A 363 -12.72 -38.36 8.28
C VAL A 363 -14.14 -38.46 7.73
N PHE A 364 -14.30 -39.14 6.61
CA PHE A 364 -15.61 -39.30 5.98
C PHE A 364 -15.97 -40.76 6.11
N ASP A 365 -16.90 -41.03 7.02
CA ASP A 365 -17.30 -42.38 7.36
C ASP A 365 -18.64 -42.79 6.75
N TYR A 366 -18.58 -43.68 5.75
CA TYR A 366 -19.78 -44.18 5.09
C TYR A 366 -20.56 -45.10 6.03
N ASP A 367 -19.85 -46.00 6.71
CA ASP A 367 -20.49 -46.95 7.62
C ASP A 367 -21.22 -46.24 8.74
N ASN A 368 -20.61 -45.19 9.25
CA ASN A 368 -21.22 -44.46 10.35
C ASN A 368 -21.95 -43.17 10.00
N HIS A 369 -21.98 -42.83 8.72
CA HIS A 369 -22.68 -41.63 8.25
C HIS A 369 -22.28 -40.40 9.05
N SER A 370 -20.99 -40.12 9.09
CA SER A 370 -20.54 -38.97 9.86
C SER A 370 -19.22 -38.47 9.32
N VAL A 371 -18.83 -37.29 9.80
CA VAL A 371 -17.57 -36.67 9.44
C VAL A 371 -16.81 -36.53 10.77
N GLY A 372 -15.60 -37.07 10.81
CA GLY A 372 -14.79 -36.96 12.02
C GLY A 372 -13.89 -35.76 11.85
N ILE A 373 -13.72 -34.96 12.89
CA ILE A 373 -12.88 -33.77 12.83
C ILE A 373 -11.90 -33.69 13.99
N ALA A 374 -10.69 -33.25 13.71
CA ALA A 374 -9.68 -33.05 14.75
C ALA A 374 -8.64 -32.10 14.19
N LEU A 375 -7.92 -31.41 15.07
CA LEU A 375 -6.91 -30.49 14.62
C LEU A 375 -5.89 -31.29 13.85
N ALA A 376 -5.54 -30.84 12.65
CA ALA A 376 -4.57 -31.55 11.83
C ALA A 376 -3.16 -31.28 12.37
N LYS A 377 -2.28 -32.27 12.26
CA LYS A 377 -0.91 -32.07 12.70
C LYS A 377 -0.26 -31.27 11.57
N LYS A 378 0.28 -30.10 11.91
CA LYS A 378 0.91 -29.24 10.93
C LYS A 378 2.25 -29.79 10.45
N ASN A 379 2.92 -30.52 11.33
CA ASN A 379 4.22 -31.12 11.01
C ASN A 379 4.15 -32.61 11.29
N LEU A 380 4.12 -33.43 10.23
CA LEU A 380 4.05 -34.87 10.39
C LEU A 380 5.37 -35.48 10.84
N GLU B 5 -0.24 50.79 4.95
CA GLU B 5 0.76 51.54 4.14
C GLU B 5 1.69 50.57 3.41
N HIS B 6 2.03 49.48 4.09
CA HIS B 6 2.90 48.47 3.51
C HIS B 6 2.08 47.25 3.10
N LEU B 7 2.45 46.64 1.98
CA LEU B 7 1.74 45.47 1.48
C LEU B 7 2.00 44.20 2.27
N THR B 8 0.93 43.56 2.72
CA THR B 8 1.04 42.31 3.45
C THR B 8 0.19 41.31 2.69
N ILE B 9 0.77 40.18 2.33
CA ILE B 9 0.03 39.14 1.63
C ILE B 9 0.06 37.88 2.46
N GLY B 10 -1.02 37.11 2.40
CA GLY B 10 -1.07 35.87 3.14
C GLY B 10 -0.77 34.72 2.22
N PHE B 11 -0.23 33.65 2.77
CA PHE B 11 0.08 32.47 1.98
C PHE B 11 -0.28 31.20 2.74
N LYS B 12 -0.48 30.11 2.02
CA LYS B 12 -0.82 28.84 2.62
C LYS B 12 0.47 28.04 2.78
N VAL B 13 0.54 27.20 3.80
CA VAL B 13 1.73 26.41 4.05
C VAL B 13 1.45 24.91 4.08
N GLU B 14 2.31 24.14 3.41
CA GLU B 14 2.22 22.68 3.42
C GLU B 14 3.52 22.25 4.11
N ASN B 15 3.41 21.65 5.29
CA ASN B 15 4.58 21.23 6.05
C ASN B 15 4.79 19.72 6.09
N ALA B 16 5.89 19.31 6.73
CA ALA B 16 6.24 17.89 6.85
C ALA B 16 5.12 17.13 7.55
N HIS B 17 4.55 17.74 8.58
CA HIS B 17 3.46 17.14 9.33
C HIS B 17 2.33 16.79 8.39
N ASP B 18 1.97 17.72 7.50
CA ASP B 18 0.90 17.48 6.53
C ASP B 18 1.21 16.26 5.67
N ARG B 19 2.40 16.24 5.07
CA ARG B 19 2.77 15.13 4.20
C ARG B 19 2.93 13.78 4.89
N ILE B 20 3.35 13.79 6.16
CA ILE B 20 3.50 12.54 6.89
C ILE B 20 2.12 11.95 7.20
N LEU B 21 1.20 12.80 7.63
CA LEU B 21 -0.14 12.32 7.94
C LEU B 21 -0.80 11.77 6.70
N LYS B 22 -0.57 12.41 5.56
CA LYS B 22 -1.18 11.95 4.32
C LYS B 22 -0.63 10.57 3.96
N THR B 23 0.67 10.38 4.15
CA THR B 23 1.29 9.10 3.84
C THR B 23 0.68 8.04 4.75
N ILE B 24 0.63 8.34 6.05
CA ILE B 24 0.07 7.42 7.03
C ILE B 24 -1.35 7.06 6.67
N LYS B 25 -2.15 8.07 6.33
CA LYS B 25 -3.54 7.86 5.94
C LYS B 25 -3.66 6.99 4.70
N THR B 26 -2.99 7.42 3.63
CA THR B 26 -3.03 6.72 2.36
C THR B 26 -2.62 5.25 2.44
N HIS B 27 -1.58 4.94 3.21
CA HIS B 27 -1.12 3.57 3.33
C HIS B 27 -1.55 2.85 4.60
N LYS B 28 -2.48 3.45 5.33
CA LYS B 28 -2.98 2.87 6.58
C LYS B 28 -1.83 2.40 7.46
N LEU B 29 -1.02 3.35 7.93
CA LEU B 29 0.13 3.02 8.75
C LEU B 29 -0.03 3.33 10.24
N LYS B 30 -1.24 3.62 10.66
CA LYS B 30 -1.49 3.91 12.08
C LYS B 30 -0.97 2.83 13.00
N ASN B 31 -1.37 1.59 12.77
CA ASN B 31 -0.92 0.48 13.62
C ASN B 31 0.59 0.32 13.56
N TYR B 32 1.17 0.54 12.39
CA TYR B 32 2.61 0.41 12.26
C TYR B 32 3.31 1.36 13.24
N ILE B 33 2.90 2.62 13.21
CA ILE B 33 3.49 3.61 14.10
C ILE B 33 3.20 3.26 15.55
N LYS B 34 1.97 2.85 15.81
CA LYS B 34 1.55 2.47 17.15
C LYS B 34 2.40 1.30 17.68
N GLU B 35 2.52 0.25 16.89
CA GLU B 35 3.32 -0.91 17.30
C GLU B 35 4.79 -0.56 17.44
N SER B 36 5.30 0.22 16.49
CA SER B 36 6.70 0.62 16.52
C SER B 36 7.02 1.38 17.80
N VAL B 37 6.18 2.34 18.14
CA VAL B 37 6.38 3.14 19.35
C VAL B 37 6.33 2.27 20.59
N ASN B 38 5.22 1.58 20.79
CA ASN B 38 5.06 0.70 21.95
C ASN B 38 6.28 -0.21 22.12
N PHE B 39 6.74 -0.77 21.01
CA PHE B 39 7.89 -1.67 21.03
C PHE B 39 9.24 -0.97 21.21
N LEU B 40 9.50 0.03 20.37
CA LEU B 40 10.77 0.75 20.44
C LEU B 40 10.87 1.79 21.55
N ASN B 41 9.76 2.05 22.24
CA ASN B 41 9.78 3.04 23.31
C ASN B 41 9.34 2.42 24.63
N SER B 42 9.43 1.09 24.71
CA SER B 42 9.06 0.38 25.94
C SER B 42 10.30 0.22 26.80
N GLY B 43 11.43 -0.06 26.16
CA GLY B 43 12.68 -0.24 26.89
C GLY B 43 13.34 -1.58 26.64
N LEU B 44 12.78 -2.37 25.73
CA LEU B 44 13.33 -3.68 25.42
C LEU B 44 14.70 -3.58 24.76
N THR B 45 14.92 -2.48 24.03
CA THR B 45 16.20 -2.28 23.36
C THR B 45 17.17 -1.55 24.29
N LYS B 46 18.46 -1.63 24.00
CA LYS B 46 19.48 -0.97 24.81
C LYS B 46 19.24 0.53 24.93
N THR B 47 19.06 1.20 23.79
CA THR B 47 18.82 2.63 23.78
C THR B 47 17.64 2.97 22.88
N ASN B 48 17.16 4.21 22.97
CA ASN B 48 16.04 4.64 22.15
C ASN B 48 16.50 4.89 20.72
N TYR B 49 16.05 4.03 19.81
CA TYR B 49 16.39 4.13 18.40
C TYR B 49 16.11 5.52 17.82
N LEU B 50 17.14 6.14 17.26
CA LEU B 50 17.00 7.46 16.67
C LEU B 50 17.32 7.44 15.18
N GLY B 51 17.42 6.24 14.61
CA GLY B 51 17.71 6.11 13.20
C GLY B 51 19.02 5.40 12.92
N SER B 52 19.31 5.22 11.63
CA SER B 52 20.54 4.57 11.20
C SER B 52 20.87 5.00 9.78
N SER B 53 21.92 4.43 9.21
CA SER B 53 22.33 4.75 7.85
C SER B 53 21.27 4.28 6.86
N ASN B 54 20.60 3.18 7.20
CA ASN B 54 19.58 2.61 6.35
C ASN B 54 18.20 3.14 6.75
N ASP B 55 18.20 4.22 7.51
CA ASP B 55 16.96 4.83 7.97
C ASP B 55 17.21 6.21 8.55
N ASN B 56 17.12 7.23 7.70
CA ASN B 56 17.34 8.60 8.13
C ASN B 56 16.30 9.54 7.52
N ILE B 57 16.32 10.79 7.97
CA ILE B 57 15.39 11.80 7.48
C ILE B 57 16.12 12.74 6.53
N GLU B 58 15.47 13.09 5.42
CA GLU B 58 16.07 13.98 4.45
C GLU B 58 15.47 15.39 4.57
N LEU B 59 16.28 16.39 4.24
CA LEU B 59 15.82 17.78 4.33
C LEU B 59 14.57 18.00 3.47
N VAL B 60 14.54 17.36 2.30
CA VAL B 60 13.39 17.50 1.42
C VAL B 60 12.10 17.05 2.10
N ASP B 61 12.21 16.10 3.02
CA ASP B 61 11.06 15.60 3.75
C ASP B 61 10.46 16.71 4.63
N PHE B 62 11.27 17.72 4.93
CA PHE B 62 10.81 18.82 5.77
C PHE B 62 10.73 20.19 5.12
N GLN B 63 10.30 20.21 3.87
CA GLN B 63 10.13 21.45 3.14
C GLN B 63 8.83 22.10 3.61
N ASN B 64 8.88 23.39 3.89
CA ASN B 64 7.72 24.15 4.35
C ASN B 64 7.30 24.94 3.10
N ILE B 65 6.41 24.38 2.31
CA ILE B 65 5.98 25.03 1.07
C ILE B 65 4.96 26.12 1.30
N MET B 66 5.32 27.34 0.90
CA MET B 66 4.47 28.53 1.06
C MET B 66 3.86 28.98 -0.26
N PHE B 67 2.57 28.71 -0.43
CA PHE B 67 1.86 29.05 -1.65
C PHE B 67 1.18 30.41 -1.68
N TYR B 68 1.38 31.14 -2.77
CA TYR B 68 0.74 32.43 -2.96
C TYR B 68 0.14 32.37 -4.36
N GLY B 69 -1.17 32.54 -4.48
CA GLY B 69 -1.80 32.45 -5.79
C GLY B 69 -2.33 33.71 -6.46
N ASP B 70 -2.01 34.88 -5.94
CA ASP B 70 -2.52 36.11 -6.55
C ASP B 70 -1.58 37.01 -7.32
N ALA B 71 -0.38 36.51 -7.64
CA ALA B 71 0.57 37.31 -8.40
C ALA B 71 0.26 37.19 -9.89
N GLU B 72 0.50 38.26 -10.63
CA GLU B 72 0.23 38.24 -12.06
C GLU B 72 1.48 38.62 -12.82
N VAL B 73 1.57 38.17 -14.08
CA VAL B 73 2.70 38.47 -14.93
C VAL B 73 2.18 38.74 -16.33
N GLY B 74 2.37 39.96 -16.82
CA GLY B 74 1.90 40.30 -18.15
C GLY B 74 0.78 41.34 -18.12
N ASP B 75 0.63 42.09 -19.21
CA ASP B 75 -0.40 43.13 -19.28
C ASP B 75 -1.80 42.52 -19.29
N ASN B 76 -1.92 41.29 -19.75
CA ASN B 76 -3.23 40.64 -19.78
C ASN B 76 -3.54 39.96 -18.44
N GLN B 77 -2.62 40.12 -17.50
CA GLN B 77 -2.79 39.57 -16.15
C GLN B 77 -2.89 38.04 -16.13
N GLN B 78 -1.83 37.37 -16.55
CA GLN B 78 -1.78 35.91 -16.59
C GLN B 78 -1.67 35.34 -15.17
N PRO B 79 -2.52 34.36 -14.81
CA PRO B 79 -2.65 33.63 -13.54
C PRO B 79 -1.49 32.69 -13.18
N PHE B 80 -1.07 32.72 -11.92
CA PHE B 80 0.03 31.87 -11.46
C PHE B 80 0.03 31.55 -9.97
N THR B 81 0.47 30.36 -9.62
CA THR B 81 0.62 29.95 -8.23
C THR B 81 2.13 29.92 -8.02
N PHE B 82 2.61 30.77 -7.11
CA PHE B 82 4.03 30.85 -6.80
C PHE B 82 4.26 30.37 -5.37
N ILE B 83 5.43 29.81 -5.14
CA ILE B 83 5.77 29.40 -3.78
C ILE B 83 6.89 30.36 -3.39
N LEU B 84 6.94 30.71 -2.11
CA LEU B 84 7.98 31.61 -1.63
C LEU B 84 9.23 30.81 -1.33
N ASP B 85 10.38 31.36 -1.68
CA ASP B 85 11.64 30.68 -1.45
C ASP B 85 12.64 31.73 -1.00
N THR B 86 13.01 31.70 0.29
CA THR B 86 13.95 32.68 0.82
C THR B 86 15.38 32.39 0.39
N GLY B 87 15.56 31.30 -0.35
CA GLY B 87 16.89 30.92 -0.81
C GLY B 87 17.11 31.19 -2.29
N SER B 88 16.11 31.76 -2.95
CA SER B 88 16.21 32.07 -4.38
C SER B 88 16.11 33.57 -4.58
N ALA B 89 16.92 34.11 -5.48
CA ALA B 89 16.90 35.53 -5.72
C ALA B 89 15.95 35.94 -6.83
N ASN B 90 15.56 34.99 -7.66
CA ASN B 90 14.69 35.35 -8.78
C ASN B 90 13.26 34.87 -8.72
N LEU B 91 12.49 35.34 -9.70
CA LEU B 91 11.10 34.96 -9.89
C LEU B 91 11.20 34.01 -11.08
N TRP B 92 10.82 32.75 -10.89
CA TRP B 92 10.86 31.74 -11.95
C TRP B 92 9.44 31.46 -12.40
N VAL B 93 9.21 31.57 -13.70
N VAL B 93 9.21 31.57 -13.70
CA VAL B 93 7.88 31.32 -14.25
CA VAL B 93 7.90 31.34 -14.28
C VAL B 93 8.01 30.35 -15.43
C VAL B 93 8.00 30.35 -15.44
N PRO B 94 7.16 29.31 -15.45
CA PRO B 94 7.19 28.31 -16.52
C PRO B 94 6.73 28.98 -17.81
N SER B 95 7.46 28.75 -18.90
CA SER B 95 7.14 29.37 -20.17
C SER B 95 6.22 28.52 -21.03
N VAL B 96 5.46 29.17 -21.90
CA VAL B 96 4.57 28.46 -22.80
C VAL B 96 5.46 27.68 -23.78
N LYS B 97 6.75 28.03 -23.80
CA LYS B 97 7.70 27.37 -24.67
C LYS B 97 8.15 26.06 -24.04
N CYS B 98 7.66 25.79 -22.84
CA CYS B 98 7.94 24.53 -22.17
C CYS B 98 6.76 23.65 -22.58
N THR B 99 7.02 22.62 -23.37
CA THR B 99 5.95 21.76 -23.86
C THR B 99 6.03 20.30 -23.40
N THR B 100 6.62 20.08 -22.24
CA THR B 100 6.72 18.73 -21.70
C THR B 100 5.36 18.39 -21.09
N ALA B 101 5.15 17.13 -20.75
CA ALA B 101 3.90 16.70 -20.15
C ALA B 101 3.63 17.48 -18.87
N GLY B 102 4.66 17.62 -18.04
CA GLY B 102 4.51 18.35 -16.80
C GLY B 102 4.07 19.80 -16.99
N CYS B 103 4.75 20.51 -17.88
CA CYS B 103 4.40 21.90 -18.15
C CYS B 103 2.99 22.10 -18.67
N LEU B 104 2.53 21.18 -19.50
CA LEU B 104 1.18 21.29 -20.06
C LEU B 104 0.13 21.22 -18.96
N THR B 105 0.53 20.85 -17.76
CA THR B 105 -0.40 20.77 -16.64
C THR B 105 -0.26 22.01 -15.75
N LYS B 106 0.60 22.94 -16.17
CA LYS B 106 0.85 24.16 -15.40
C LYS B 106 0.28 25.41 -16.06
N HIS B 107 0.30 26.49 -15.31
CA HIS B 107 -0.13 27.78 -15.83
C HIS B 107 1.16 28.32 -16.44
N LEU B 108 1.14 28.57 -17.74
CA LEU B 108 2.36 29.03 -18.40
C LEU B 108 2.31 30.47 -18.89
N TYR B 109 3.46 31.13 -18.86
CA TYR B 109 3.58 32.50 -19.29
C TYR B 109 3.74 32.57 -20.80
N ASP B 110 2.92 33.38 -21.46
CA ASP B 110 2.97 33.55 -22.91
C ASP B 110 3.24 35.01 -23.22
N SER B 111 4.49 35.33 -23.53
CA SER B 111 4.88 36.70 -23.84
C SER B 111 4.19 37.31 -25.06
N SER B 112 3.74 36.48 -26.01
CA SER B 112 3.10 37.01 -27.21
C SER B 112 1.75 37.63 -26.93
N LYS B 113 1.11 37.22 -25.83
CA LYS B 113 -0.20 37.76 -25.48
C LYS B 113 -0.10 38.99 -24.58
N SER B 114 1.12 39.33 -24.16
CA SER B 114 1.33 40.47 -23.29
C SER B 114 1.91 41.68 -24.00
N ARG B 115 1.16 42.78 -23.99
CA ARG B 115 1.59 44.02 -24.63
C ARG B 115 2.75 44.67 -23.90
N THR B 116 2.77 44.51 -22.57
CA THR B 116 3.82 45.09 -21.75
C THR B 116 5.12 44.30 -21.75
N TYR B 117 5.12 43.17 -22.45
CA TYR B 117 6.31 42.32 -22.54
C TYR B 117 7.46 43.04 -23.23
N GLU B 118 8.65 42.91 -22.67
CA GLU B 118 9.84 43.51 -23.25
C GLU B 118 10.89 42.41 -23.29
N LYS B 119 11.21 41.98 -24.50
CA LYS B 119 12.17 40.91 -24.71
C LYS B 119 13.51 41.18 -24.03
N ASP B 120 14.13 40.13 -23.53
CA ASP B 120 15.44 40.24 -22.90
C ASP B 120 16.25 39.13 -23.54
N GLY B 121 15.86 37.89 -23.27
CA GLY B 121 16.53 36.75 -23.87
C GLY B 121 17.73 36.18 -23.16
N THR B 122 18.29 36.91 -22.20
CA THR B 122 19.45 36.40 -21.47
C THR B 122 19.19 34.98 -20.97
N LYS B 123 20.02 34.05 -21.41
CA LYS B 123 19.86 32.65 -21.04
C LYS B 123 20.21 32.33 -19.59
N VAL B 124 19.59 31.28 -19.07
CA VAL B 124 19.82 30.79 -17.72
C VAL B 124 19.90 29.27 -17.82
N GLU B 125 21.02 28.71 -17.38
CA GLU B 125 21.22 27.27 -17.42
C GLU B 125 21.63 26.72 -16.05
N MET B 126 20.92 25.69 -15.60
CA MET B 126 21.20 25.06 -14.32
C MET B 126 20.24 23.90 -14.07
N VAL B 133 17.94 22.77 -15.37
CA VAL B 133 16.86 23.77 -15.65
C VAL B 133 17.36 24.82 -16.63
N SER B 134 16.63 25.00 -17.71
CA SER B 134 17.00 25.97 -18.73
C SER B 134 15.92 27.02 -18.91
N GLY B 135 16.35 28.26 -19.12
CA GLY B 135 15.40 29.33 -19.31
C GLY B 135 16.09 30.57 -19.81
N PHE B 136 15.38 31.69 -19.78
CA PHE B 136 15.91 32.96 -20.22
C PHE B 136 15.11 34.06 -19.54
N PHE B 137 15.73 35.23 -19.37
CA PHE B 137 15.04 36.33 -18.75
C PHE B 137 14.09 37.00 -19.71
N SER B 138 13.04 37.56 -19.14
CA SER B 138 12.05 38.30 -19.89
C SER B 138 11.58 39.38 -18.93
N LYS B 139 11.21 40.52 -19.48
CA LYS B 139 10.75 41.61 -18.64
C LYS B 139 9.29 41.85 -18.94
N ASP B 140 8.52 42.05 -17.88
CA ASP B 140 7.10 42.31 -18.04
C ASP B 140 6.62 42.86 -16.72
N LEU B 141 5.37 43.31 -16.69
CA LEU B 141 4.79 43.85 -15.47
C LEU B 141 4.49 42.68 -14.53
N VAL B 142 4.94 42.76 -13.29
CA VAL B 142 4.68 41.73 -12.31
C VAL B 142 3.88 42.37 -11.21
N THR B 143 2.78 41.74 -10.83
CA THR B 143 1.91 42.29 -9.81
C THR B 143 1.76 41.38 -8.59
N VAL B 144 2.06 41.94 -7.43
CA VAL B 144 1.93 41.24 -6.16
C VAL B 144 1.05 42.16 -5.32
N GLY B 145 -0.18 41.75 -5.09
CA GLY B 145 -1.10 42.58 -4.33
C GLY B 145 -1.32 43.87 -5.10
N ASN B 146 -1.19 45.00 -4.42
CA ASN B 146 -1.40 46.30 -5.06
C ASN B 146 -0.10 46.90 -5.58
N LEU B 147 0.92 46.06 -5.72
CA LEU B 147 2.21 46.52 -6.23
C LEU B 147 2.42 45.96 -7.64
N SER B 148 2.83 46.81 -8.56
CA SER B 148 3.10 46.40 -9.94
C SER B 148 4.36 47.08 -10.41
N LEU B 149 5.21 46.34 -11.12
CA LEU B 149 6.44 46.93 -11.60
C LEU B 149 7.02 46.12 -12.73
N PRO B 150 7.63 46.80 -13.71
CA PRO B 150 8.23 46.03 -14.81
C PRO B 150 9.36 45.30 -14.09
N TYR B 151 9.45 43.99 -14.28
CA TYR B 151 10.49 43.21 -13.60
C TYR B 151 11.03 42.12 -14.51
N LYS B 152 12.31 41.81 -14.38
CA LYS B 152 12.94 40.77 -15.17
C LYS B 152 12.92 39.44 -14.43
N PHE B 153 12.09 38.52 -14.92
CA PHE B 153 11.95 37.19 -14.33
C PHE B 153 12.51 36.16 -15.30
N ILE B 154 12.62 34.93 -14.82
CA ILE B 154 13.16 33.85 -15.64
C ILE B 154 12.05 32.98 -16.24
N GLU B 155 11.99 32.94 -17.57
CA GLU B 155 11.01 32.11 -18.27
C GLU B 155 11.69 30.74 -18.37
N VAL B 156 11.05 29.71 -17.82
CA VAL B 156 11.64 28.37 -17.83
C VAL B 156 11.09 27.51 -18.96
N ILE B 157 11.99 26.96 -19.78
CA ILE B 157 11.56 26.13 -20.91
C ILE B 157 11.84 24.65 -20.70
N ASP B 158 12.74 24.33 -19.77
CA ASP B 158 13.08 22.95 -19.48
C ASP B 158 13.37 22.75 -17.99
N THR B 159 12.56 21.92 -17.35
CA THR B 159 12.71 21.64 -15.93
C THR B 159 13.60 20.43 -15.68
N ASN B 160 14.15 19.88 -16.76
CA ASN B 160 15.04 18.72 -16.70
C ASN B 160 14.60 17.65 -15.72
N GLY B 161 15.50 17.29 -14.80
CA GLY B 161 15.22 16.25 -13.83
C GLY B 161 14.19 16.60 -12.77
N PHE B 162 13.79 17.87 -12.72
CA PHE B 162 12.80 18.29 -11.74
C PHE B 162 11.39 18.00 -12.22
N GLU B 163 11.27 17.64 -13.50
CA GLU B 163 9.99 17.33 -14.10
C GLU B 163 9.10 16.48 -13.19
N PRO B 164 9.68 15.43 -12.56
CA PRO B 164 8.96 14.52 -11.66
C PRO B 164 8.31 15.24 -10.47
N THR B 165 9.13 15.90 -9.66
CA THR B 165 8.65 16.62 -8.49
C THR B 165 7.78 17.83 -8.87
N TYR B 166 8.20 18.55 -9.89
CA TYR B 166 7.48 19.73 -10.35
C TYR B 166 6.07 19.36 -10.80
N THR B 167 5.97 18.31 -11.61
CA THR B 167 4.68 17.86 -12.11
C THR B 167 3.78 17.42 -10.97
N ALA B 168 4.36 16.75 -9.99
CA ALA B 168 3.61 16.27 -8.84
C ALA B 168 3.16 17.43 -7.94
N SER B 169 3.92 18.52 -7.94
CA SER B 169 3.59 19.68 -7.10
C SER B 169 2.37 20.43 -7.61
N THR B 170 1.91 21.39 -6.83
CA THR B 170 0.74 22.17 -7.19
C THR B 170 1.05 23.66 -7.45
N PHE B 171 2.32 23.98 -7.70
CA PHE B 171 2.66 25.38 -8.00
C PHE B 171 3.18 25.52 -9.42
N ASP B 172 3.23 26.76 -9.91
CA ASP B 172 3.72 27.05 -11.25
C ASP B 172 5.12 27.63 -11.20
N GLY B 173 5.29 28.65 -10.38
CA GLY B 173 6.59 29.30 -10.28
C GLY B 173 7.13 29.48 -8.87
N ILE B 174 8.26 30.17 -8.78
CA ILE B 174 8.91 30.40 -7.50
C ILE B 174 9.20 31.90 -7.40
N LEU B 175 8.81 32.51 -6.28
CA LEU B 175 9.05 33.94 -6.08
C LEU B 175 10.18 34.03 -5.07
N GLY B 176 11.34 34.50 -5.52
CA GLY B 176 12.51 34.57 -4.67
C GLY B 176 12.58 35.70 -3.66
N LEU B 177 12.92 35.32 -2.42
CA LEU B 177 13.05 36.26 -1.31
C LEU B 177 14.46 36.12 -0.74
N GLY B 178 15.35 35.62 -1.57
CA GLY B 178 16.73 35.42 -1.15
C GLY B 178 17.63 36.48 -1.76
N TRP B 179 18.92 36.20 -1.75
CA TRP B 179 19.91 37.12 -2.28
C TRP B 179 20.41 36.76 -3.67
N LYS B 180 20.74 37.79 -4.44
CA LYS B 180 21.24 37.64 -5.79
C LYS B 180 22.33 36.59 -5.91
N ASP B 181 22.13 35.65 -6.83
CA ASP B 181 23.07 34.58 -7.10
C ASP B 181 23.64 34.89 -8.48
N LEU B 182 24.89 35.34 -8.52
CA LEU B 182 25.51 35.70 -9.80
C LEU B 182 25.71 34.58 -10.81
N SER B 183 25.61 33.33 -10.36
CA SER B 183 25.77 32.23 -11.30
C SER B 183 24.48 32.10 -12.11
N ILE B 184 23.50 32.95 -11.80
CA ILE B 184 22.22 32.95 -12.50
C ILE B 184 22.01 34.27 -13.25
N GLY B 185 22.27 35.38 -12.57
CA GLY B 185 22.11 36.69 -13.19
C GLY B 185 22.37 37.83 -12.23
N SER B 186 22.26 39.06 -12.69
CA SER B 186 22.51 40.22 -11.85
C SER B 186 21.23 40.99 -11.54
N VAL B 187 20.10 40.42 -11.89
CA VAL B 187 18.82 41.05 -11.62
C VAL B 187 18.60 41.05 -10.11
N ASP B 188 18.12 42.16 -9.57
CA ASP B 188 17.88 42.21 -8.13
C ASP B 188 16.63 41.45 -7.74
N PRO B 189 16.59 40.91 -6.51
CA PRO B 189 15.42 40.17 -6.03
C PRO B 189 14.27 41.16 -6.18
N ILE B 190 13.06 40.66 -6.35
CA ILE B 190 11.93 41.56 -6.55
C ILE B 190 11.70 42.58 -5.44
N VAL B 191 11.94 42.22 -4.18
CA VAL B 191 11.75 43.18 -3.10
C VAL B 191 12.74 44.35 -3.25
N VAL B 192 13.97 44.03 -3.64
CA VAL B 192 14.99 45.04 -3.84
C VAL B 192 14.60 45.94 -5.02
N GLU B 193 14.13 45.33 -6.11
CA GLU B 193 13.74 46.09 -7.29
C GLU B 193 12.53 47.00 -7.02
N LEU B 194 11.61 46.53 -6.18
CA LEU B 194 10.44 47.35 -5.84
C LEU B 194 10.93 48.63 -5.16
N LYS B 195 11.93 48.48 -4.29
CA LYS B 195 12.51 49.61 -3.59
C LYS B 195 13.20 50.52 -4.60
N ASN B 196 13.98 49.91 -5.50
CA ASN B 196 14.70 50.67 -6.53
C ASN B 196 13.75 51.56 -7.32
N GLN B 197 12.55 51.06 -7.57
CA GLN B 197 11.57 51.82 -8.32
C GLN B 197 10.65 52.64 -7.43
N ASN B 198 11.06 52.80 -6.18
CA ASN B 198 10.31 53.59 -5.20
C ASN B 198 8.86 53.13 -5.09
N LYS B 199 8.64 51.83 -5.18
CA LYS B 199 7.30 51.25 -5.09
C LYS B 199 7.01 50.89 -3.64
N ILE B 200 8.07 50.75 -2.84
CA ILE B 200 7.93 50.42 -1.43
C ILE B 200 8.91 51.30 -0.65
N GLU B 201 8.60 51.54 0.63
CA GLU B 201 9.45 52.39 1.45
C GLU B 201 10.87 51.86 1.71
N ASN B 202 10.97 50.58 2.04
CA ASN B 202 12.28 49.98 2.33
C ASN B 202 12.47 48.65 1.62
N ALA B 203 13.73 48.28 1.40
CA ALA B 203 14.04 47.01 0.76
C ALA B 203 14.11 45.97 1.87
N LEU B 204 12.96 45.55 2.36
CA LEU B 204 12.91 44.56 3.42
C LEU B 204 11.55 43.89 3.37
N PHE B 205 11.45 42.74 4.01
CA PHE B 205 10.19 42.03 4.08
C PHE B 205 10.20 41.32 5.44
N THR B 206 9.02 40.98 5.95
CA THR B 206 8.94 40.34 7.24
C THR B 206 8.02 39.13 7.15
N PHE B 207 8.20 38.20 8.07
CA PHE B 207 7.36 37.01 8.12
C PHE B 207 6.68 36.93 9.47
N TYR B 208 5.36 36.85 9.43
CA TYR B 208 4.59 36.70 10.64
C TYR B 208 3.85 35.38 10.45
N LEU B 209 4.22 34.39 11.24
CA LEU B 209 3.60 33.07 11.16
C LEU B 209 2.77 32.84 12.41
N PRO B 210 1.45 33.00 12.30
CA PRO B 210 0.57 32.81 13.46
C PRO B 210 0.85 31.49 14.15
N VAL B 211 1.15 31.57 15.45
CA VAL B 211 1.46 30.37 16.21
C VAL B 211 0.26 29.41 16.26
N HIS B 212 -0.95 29.95 16.10
CA HIS B 212 -2.15 29.13 16.15
C HIS B 212 -2.55 28.42 14.85
N ASP B 213 -1.96 28.83 13.73
CA ASP B 213 -2.30 28.21 12.45
C ASP B 213 -1.07 27.97 11.58
N LYS B 214 -0.52 26.76 11.68
CA LYS B 214 0.67 26.38 10.94
C LYS B 214 0.49 26.29 9.43
N HIS B 215 -0.75 26.39 8.95
CA HIS B 215 -1.02 26.33 7.52
C HIS B 215 -1.09 27.71 6.93
N THR B 216 -0.81 28.72 7.76
CA THR B 216 -0.88 30.10 7.31
C THR B 216 0.36 30.91 7.65
N GLY B 217 0.58 31.95 6.86
CA GLY B 217 1.73 32.82 7.08
C GLY B 217 1.46 34.15 6.41
N PHE B 218 2.15 35.20 6.84
CA PHE B 218 1.97 36.52 6.26
C PHE B 218 3.30 37.16 5.94
N LEU B 219 3.43 37.57 4.68
CA LEU B 219 4.64 38.23 4.18
C LEU B 219 4.31 39.71 4.02
N THR B 220 5.10 40.57 4.66
CA THR B 220 4.89 42.00 4.51
C THR B 220 6.11 42.53 3.76
N ILE B 221 5.86 43.30 2.70
CA ILE B 221 6.93 43.82 1.86
C ILE B 221 7.12 45.34 1.94
N GLY B 222 8.32 45.77 2.28
CA GLY B 222 8.59 47.20 2.31
C GLY B 222 8.61 47.92 3.63
N GLY B 223 7.96 47.37 4.64
CA GLY B 223 7.92 48.04 5.93
C GLY B 223 7.67 47.09 7.08
N ILE B 224 7.86 47.60 8.30
CA ILE B 224 7.66 46.81 9.50
C ILE B 224 6.36 47.23 10.20
N GLU B 225 5.47 46.26 10.39
CA GLU B 225 4.18 46.51 11.03
C GLU B 225 4.28 46.20 12.51
N GLU B 226 4.09 47.23 13.34
CA GLU B 226 4.17 47.07 14.79
C GLU B 226 3.21 46.02 15.35
N ARG B 227 2.08 45.83 14.68
CA ARG B 227 1.10 44.87 15.16
C ARG B 227 1.61 43.43 15.22
N PHE B 228 2.69 43.14 14.50
CA PHE B 228 3.21 41.78 14.48
C PHE B 228 4.13 41.37 15.62
N TYR B 229 4.68 42.33 16.36
CA TYR B 229 5.60 41.96 17.43
C TYR B 229 5.55 42.80 18.69
N GLU B 230 6.13 42.26 19.75
CA GLU B 230 6.20 42.89 21.07
C GLU B 230 7.57 43.51 21.29
N GLY B 231 7.60 44.73 21.83
CA GLY B 231 8.85 45.39 22.13
C GLY B 231 9.72 45.74 20.94
N PRO B 232 10.96 46.19 21.20
CA PRO B 232 11.90 46.56 20.15
C PRO B 232 12.52 45.35 19.46
N LEU B 233 12.88 45.54 18.19
CA LEU B 233 13.51 44.49 17.41
C LEU B 233 15.00 44.45 17.74
N THR B 234 15.56 43.26 17.71
CA THR B 234 16.99 43.10 17.96
C THR B 234 17.52 42.60 16.62
N TYR B 235 18.44 43.34 16.03
CA TYR B 235 18.97 42.91 14.75
C TYR B 235 20.24 42.09 14.87
N GLU B 236 20.32 41.06 14.03
CA GLU B 236 21.46 40.17 13.99
C GLU B 236 22.03 40.30 12.58
N LYS B 237 23.29 40.74 12.48
CA LYS B 237 23.92 40.91 11.17
C LYS B 237 24.10 39.59 10.43
N LEU B 238 23.90 39.61 9.12
CA LEU B 238 24.06 38.41 8.31
C LEU B 238 25.54 38.09 8.25
N ASN B 239 25.89 36.81 8.40
CA ASN B 239 27.30 36.41 8.37
C ASN B 239 27.64 35.74 7.04
N HIS B 240 26.80 35.98 6.05
CA HIS B 240 26.99 35.41 4.71
C HIS B 240 26.24 36.33 3.76
N ASP B 241 26.68 36.41 2.51
CA ASP B 241 26.04 37.29 1.54
C ASP B 241 25.14 36.63 0.51
N LEU B 242 24.64 35.43 0.82
CA LEU B 242 23.75 34.73 -0.10
C LEU B 242 22.55 34.12 0.60
N TYR B 243 22.68 33.90 1.91
CA TYR B 243 21.58 33.33 2.67
C TYR B 243 21.27 34.19 3.89
N TRP B 244 20.04 34.11 4.39
CA TRP B 244 19.68 34.86 5.59
C TRP B 244 20.20 34.03 6.74
N GLN B 245 21.52 34.05 6.91
CA GLN B 245 22.19 33.28 7.93
C GLN B 245 22.88 34.21 8.92
N ILE B 246 22.75 33.89 10.21
CA ILE B 246 23.36 34.68 11.26
C ILE B 246 24.17 33.78 12.19
N THR B 247 24.94 34.37 13.08
CA THR B 247 25.76 33.60 14.01
C THR B 247 25.16 33.64 15.40
N LEU B 248 24.99 32.47 15.99
CA LEU B 248 24.42 32.35 17.33
C LEU B 248 25.01 31.13 18.02
N ASP B 249 25.20 31.21 19.34
CA ASP B 249 25.70 30.08 20.08
C ASP B 249 24.47 29.23 20.39
N ALA B 250 24.56 27.92 20.17
CA ALA B 250 23.44 27.04 20.42
C ALA B 250 23.64 26.26 21.71
N HIS B 251 22.66 26.33 22.60
CA HIS B 251 22.73 25.61 23.87
C HIS B 251 21.51 24.75 24.06
N VAL B 252 21.73 23.50 24.45
CA VAL B 252 20.65 22.57 24.72
C VAL B 252 21.11 21.72 25.88
N GLY B 253 20.81 22.20 27.09
CA GLY B 253 21.22 21.47 28.28
C GLY B 253 22.70 21.67 28.55
N ASN B 254 23.42 20.59 28.76
CA ASN B 254 24.84 20.65 29.03
C ASN B 254 25.68 20.63 27.76
N ILE B 255 25.02 20.47 26.62
CA ILE B 255 25.71 20.44 25.33
C ILE B 255 25.48 21.73 24.56
N MET B 256 26.48 22.16 23.81
CA MET B 256 26.35 23.40 23.04
C MET B 256 27.27 23.46 21.83
N LEU B 257 27.06 24.49 21.02
CA LEU B 257 27.85 24.76 19.84
C LEU B 257 28.12 26.25 19.81
N GLU B 258 29.40 26.60 19.71
CA GLU B 258 29.79 27.99 19.70
C GLU B 258 29.73 28.60 18.30
N LYS B 259 29.14 29.79 18.23
CA LYS B 259 29.01 30.53 16.98
C LYS B 259 28.61 29.67 15.79
N ALA B 260 27.53 28.93 15.94
CA ALA B 260 27.05 28.07 14.85
C ALA B 260 26.30 28.90 13.81
N ASN B 261 26.34 28.46 12.56
CA ASN B 261 25.60 29.19 11.53
C ASN B 261 24.14 28.85 11.70
N CYS B 262 23.29 29.87 11.67
CA CYS B 262 21.86 29.67 11.82
C CYS B 262 21.14 30.35 10.67
N ILE B 263 20.46 29.54 9.88
CA ILE B 263 19.72 30.02 8.73
C ILE B 263 18.27 30.23 9.12
N VAL B 264 17.78 31.45 8.98
CA VAL B 264 16.39 31.75 9.31
C VAL B 264 15.61 31.51 8.02
N ASP B 265 14.91 30.38 7.96
CA ASP B 265 14.16 30.03 6.77
C ASP B 265 12.75 29.50 6.99
N SER B 266 11.76 30.28 6.57
CA SER B 266 10.36 29.89 6.71
C SER B 266 10.01 28.72 5.77
N GLY B 267 10.94 28.39 4.88
CA GLY B 267 10.73 27.30 3.94
C GLY B 267 11.13 25.92 4.47
N THR B 268 11.53 25.87 5.72
CA THR B 268 11.91 24.61 6.35
C THR B 268 10.95 24.37 7.51
N SER B 269 10.32 23.21 7.53
CA SER B 269 9.32 22.84 8.53
C SER B 269 9.85 22.50 9.92
N ALA B 270 11.15 22.38 10.07
CA ALA B 270 11.70 22.02 11.37
C ALA B 270 12.91 22.85 11.75
N ILE B 271 13.44 22.52 12.92
CA ILE B 271 14.66 23.14 13.40
C ILE B 271 15.63 22.03 13.02
N THR B 272 16.57 22.30 12.13
CA THR B 272 17.52 21.27 11.75
C THR B 272 18.71 21.41 12.66
N VAL B 273 19.19 20.27 13.16
CA VAL B 273 20.30 20.24 14.09
C VAL B 273 21.41 19.33 13.61
N PRO B 274 22.67 19.71 13.86
CA PRO B 274 23.78 18.86 13.43
C PRO B 274 23.58 17.48 14.06
N THR B 275 23.58 16.45 13.22
CA THR B 275 23.35 15.07 13.66
C THR B 275 23.98 14.69 15.00
N ASP B 276 25.29 14.90 15.15
CA ASP B 276 25.99 14.57 16.39
C ASP B 276 25.38 15.29 17.59
N PHE B 277 25.05 16.57 17.39
CA PHE B 277 24.46 17.38 18.45
C PHE B 277 23.06 16.89 18.76
N LEU B 278 22.36 16.43 17.73
CA LEU B 278 21.00 15.93 17.89
C LEU B 278 20.93 14.61 18.66
N ASN B 279 21.81 13.68 18.32
CA ASN B 279 21.86 12.39 18.99
C ASN B 279 22.06 12.54 20.49
N LYS B 280 22.95 13.46 20.87
CA LYS B 280 23.22 13.71 22.29
C LYS B 280 21.97 14.25 22.98
N MET B 281 21.29 15.18 22.32
CA MET B 281 20.08 15.79 22.86
C MET B 281 19.01 14.79 23.26
N LEU B 282 18.60 13.97 22.31
CA LEU B 282 17.54 12.99 22.51
C LEU B 282 17.91 11.76 23.30
N GLN B 283 19.21 11.56 23.53
CA GLN B 283 19.68 10.40 24.27
C GLN B 283 18.91 10.17 25.57
N ASN B 284 18.18 9.06 25.63
CA ASN B 284 17.39 8.69 26.80
C ASN B 284 16.23 9.62 27.12
N LEU B 285 15.68 10.29 26.11
CA LEU B 285 14.57 11.19 26.34
C LEU B 285 13.22 10.57 25.98
N ASP B 286 13.24 9.27 25.68
CA ASP B 286 12.02 8.57 25.30
C ASP B 286 11.44 9.16 24.03
N VAL B 287 12.32 9.40 23.07
CA VAL B 287 11.95 9.92 21.76
C VAL B 287 12.56 8.91 20.80
N ILE B 288 11.80 8.49 19.80
CA ILE B 288 12.31 7.50 18.85
C ILE B 288 11.95 7.86 17.42
N LYS B 289 12.79 7.42 16.49
CA LYS B 289 12.50 7.66 15.09
C LYS B 289 11.71 6.45 14.62
N VAL B 290 10.63 6.71 13.90
CA VAL B 290 9.83 5.62 13.38
C VAL B 290 10.65 5.05 12.23
N PRO B 291 10.95 3.74 12.27
CA PRO B 291 11.73 3.13 11.19
C PRO B 291 11.14 3.37 9.80
N PHE B 292 11.96 3.98 8.95
CA PHE B 292 11.61 4.28 7.57
C PHE B 292 10.54 5.32 7.31
N LEU B 293 10.15 6.04 8.35
CA LEU B 293 9.19 7.13 8.22
C LEU B 293 9.99 8.34 8.66
N PRO B 294 9.95 9.42 7.87
CA PRO B 294 10.65 10.69 8.11
C PRO B 294 10.30 11.53 9.33
N PHE B 295 10.32 10.94 10.52
CA PHE B 295 10.03 11.72 11.71
C PHE B 295 10.30 11.05 13.04
N TYR B 296 10.56 11.88 14.04
CA TYR B 296 10.80 11.43 15.42
C TYR B 296 9.48 11.55 16.15
N VAL B 297 9.22 10.63 17.07
CA VAL B 297 7.97 10.65 17.82
C VAL B 297 8.25 10.48 19.31
N THR B 298 7.33 10.98 20.12
CA THR B 298 7.45 10.85 21.58
C THR B 298 6.07 11.11 22.15
N LEU B 299 5.87 10.77 23.42
CA LEU B 299 4.59 11.02 24.03
C LEU B 299 4.52 12.53 24.23
N CYS B 300 3.38 13.12 23.92
CA CYS B 300 3.22 14.56 24.06
C CYS B 300 3.48 15.03 25.48
N ASN B 301 2.98 14.29 26.47
CA ASN B 301 3.16 14.67 27.87
C ASN B 301 4.61 14.50 28.35
N ASN B 302 5.50 14.12 27.45
CA ASN B 302 6.91 13.92 27.79
C ASN B 302 7.43 15.12 28.57
N SER B 303 8.08 14.87 29.71
CA SER B 303 8.62 15.96 30.52
C SER B 303 10.13 16.06 30.48
N LYS B 304 10.76 15.26 29.63
CA LYS B 304 12.22 15.25 29.52
C LYS B 304 12.73 16.08 28.35
N LEU B 305 11.82 16.63 27.56
CA LEU B 305 12.18 17.42 26.39
C LEU B 305 12.89 18.73 26.71
N PRO B 306 14.06 18.96 26.07
CA PRO B 306 14.94 20.11 26.20
C PRO B 306 14.49 21.40 25.51
N THR B 307 15.05 22.52 25.95
CA THR B 307 14.73 23.82 25.37
C THR B 307 15.95 24.35 24.62
N PHE B 308 15.73 24.79 23.39
CA PHE B 308 16.81 25.35 22.57
C PHE B 308 17.14 26.75 23.08
N GLU B 309 18.43 27.05 23.16
CA GLU B 309 18.86 28.37 23.61
C GLU B 309 19.90 28.93 22.63
N PHE B 310 19.54 30.03 21.99
CA PHE B 310 20.41 30.69 21.01
C PHE B 310 20.76 32.09 21.52
N THR B 311 22.05 32.38 21.61
CA THR B 311 22.49 33.68 22.10
C THR B 311 23.45 34.41 21.17
N SER B 312 23.28 35.72 21.10
CA SER B 312 24.15 36.58 20.29
C SER B 312 24.67 37.62 21.25
N GLU B 313 25.40 38.60 20.73
CA GLU B 313 25.95 39.65 21.58
C GLU B 313 24.84 40.61 21.99
N ASN B 314 23.72 40.59 21.27
CA ASN B 314 22.62 41.49 21.57
C ASN B 314 21.33 40.84 22.04
N GLY B 315 21.25 39.52 22.04
CA GLY B 315 20.03 38.89 22.49
C GLY B 315 20.10 37.41 22.80
N LYS B 316 18.99 36.89 23.31
CA LYS B 316 18.87 35.48 23.65
C LYS B 316 17.52 35.00 23.11
N TYR B 317 17.56 33.91 22.35
CA TYR B 317 16.36 33.35 21.76
C TYR B 317 16.24 31.90 22.19
N THR B 318 15.09 31.55 22.75
CA THR B 318 14.88 30.20 23.22
C THR B 318 13.72 29.58 22.47
N LEU B 319 13.73 28.26 22.36
CA LEU B 319 12.64 27.57 21.69
C LEU B 319 12.24 26.39 22.56
N GLU B 320 11.17 26.57 23.31
CA GLU B 320 10.66 25.55 24.21
C GLU B 320 10.01 24.41 23.42
N PRO B 321 9.90 23.23 24.04
CA PRO B 321 9.31 22.05 23.39
C PRO B 321 7.93 22.29 22.76
N GLU B 322 7.13 23.16 23.36
CA GLU B 322 5.79 23.43 22.82
C GLU B 322 5.85 23.95 21.38
N TYR B 323 6.97 24.58 21.00
CA TYR B 323 7.08 25.08 19.63
C TYR B 323 7.58 24.07 18.61
N TYR B 324 8.28 23.03 19.07
CA TYR B 324 8.79 22.04 18.11
C TYR B 324 8.06 20.70 18.15
N LEU B 325 7.04 20.62 18.99
CA LEU B 325 6.24 19.40 19.10
C LEU B 325 4.94 19.66 18.37
N GLN B 326 4.40 18.63 17.74
CA GLN B 326 3.12 18.76 17.05
C GLN B 326 2.38 17.43 17.15
N HIS B 327 1.16 17.49 17.68
CA HIS B 327 0.32 16.32 17.85
C HIS B 327 0.03 15.57 16.57
N ILE B 328 0.07 14.24 16.65
CA ILE B 328 -0.26 13.38 15.53
C ILE B 328 -1.35 12.48 16.10
N GLU B 329 -2.28 13.14 16.79
CA GLU B 329 -3.41 12.48 17.44
C GLU B 329 -4.18 11.55 16.51
N ASP B 330 -4.27 11.93 15.23
CA ASP B 330 -4.96 11.10 14.26
C ASP B 330 -4.27 9.75 14.11
N VAL B 331 -2.97 9.72 14.39
CA VAL B 331 -2.19 8.50 14.29
C VAL B 331 -2.31 7.69 15.58
N GLY B 332 -2.16 8.37 16.71
CA GLY B 332 -2.25 7.70 17.99
C GLY B 332 -2.44 8.72 19.11
N PRO B 333 -3.37 8.47 20.04
CA PRO B 333 -3.62 9.39 21.14
C PRO B 333 -2.37 9.66 21.97
N GLY B 334 -2.17 10.92 22.35
CA GLY B 334 -1.03 11.29 23.15
C GLY B 334 0.30 11.32 22.42
N LEU B 335 0.31 10.97 21.14
CA LEU B 335 1.54 10.97 20.36
C LEU B 335 1.83 12.30 19.67
N CYS B 336 3.09 12.70 19.68
CA CYS B 336 3.56 13.94 19.06
C CYS B 336 4.79 13.67 18.20
N MET B 337 4.90 14.39 17.09
CA MET B 337 6.09 14.23 16.26
C MET B 337 6.93 15.45 16.63
N LEU B 338 8.24 15.37 16.45
CA LEU B 338 9.08 16.50 16.74
C LEU B 338 9.47 17.15 15.43
N ASN B 339 9.29 18.48 15.35
CA ASN B 339 9.68 19.19 14.14
C ASN B 339 11.13 19.56 14.28
N ILE B 340 11.95 18.52 14.39
CA ILE B 340 13.38 18.63 14.53
C ILE B 340 13.97 17.45 13.75
N ILE B 341 15.03 17.70 13.00
CA ILE B 341 15.69 16.64 12.25
C ILE B 341 17.18 16.89 12.28
N GLY B 342 17.95 15.83 12.05
CA GLY B 342 19.39 15.94 12.04
C GLY B 342 19.84 16.26 10.62
N LEU B 343 20.67 17.27 10.48
CA LEU B 343 21.16 17.66 9.16
C LEU B 343 22.55 18.24 9.26
N ASP B 344 23.48 17.66 8.50
CA ASP B 344 24.85 18.12 8.52
C ASP B 344 25.22 19.01 7.34
N PHE B 345 25.93 20.09 7.64
CA PHE B 345 26.40 21.05 6.65
C PHE B 345 27.91 20.99 6.71
N PRO B 346 28.60 21.60 5.73
CA PRO B 346 30.07 21.56 5.76
C PRO B 346 30.56 22.11 7.09
N VAL B 347 29.77 23.02 7.65
CA VAL B 347 30.06 23.67 8.93
C VAL B 347 28.86 23.44 9.83
N PRO B 348 29.08 23.30 11.15
CA PRO B 348 27.94 23.08 12.06
C PRO B 348 26.87 24.15 11.83
N THR B 349 25.70 23.72 11.38
CA THR B 349 24.63 24.66 11.10
C THR B 349 23.27 24.25 11.61
N PHE B 350 22.48 25.27 11.95
CA PHE B 350 21.12 25.10 12.44
C PHE B 350 20.20 25.86 11.49
N ILE B 351 19.13 25.23 11.05
CA ILE B 351 18.18 25.94 10.21
C ILE B 351 17.07 26.29 11.18
N LEU B 352 16.89 27.58 11.42
CA LEU B 352 15.82 28.02 12.32
C LEU B 352 14.60 28.13 11.43
N GLY B 353 13.91 27.01 11.28
CA GLY B 353 12.74 26.98 10.44
C GLY B 353 11.46 27.49 11.06
N ASP B 354 10.35 27.04 10.49
CA ASP B 354 9.01 27.41 10.91
C ASP B 354 8.77 27.47 12.42
N PRO B 355 9.20 26.44 13.18
CA PRO B 355 9.02 26.44 14.64
C PRO B 355 9.57 27.66 15.34
N PHE B 356 10.75 28.10 14.93
CA PHE B 356 11.38 29.27 15.51
C PHE B 356 10.62 30.53 15.11
N MET B 357 10.16 30.56 13.87
CA MET B 357 9.44 31.71 13.36
C MET B 357 7.99 31.80 13.85
N ARG B 358 7.50 30.74 14.48
CA ARG B 358 6.16 30.77 15.04
C ARG B 358 6.26 31.54 16.36
N LYS B 359 7.40 31.44 17.02
CA LYS B 359 7.59 32.15 18.28
C LYS B 359 8.10 33.58 18.04
N TYR B 360 9.01 33.72 17.08
CA TYR B 360 9.61 35.01 16.78
C TYR B 360 9.26 35.66 15.45
N PHE B 361 8.86 36.92 15.52
CA PHE B 361 8.56 37.70 14.32
C PHE B 361 9.93 37.95 13.72
N THR B 362 10.04 37.89 12.40
CA THR B 362 11.34 38.11 11.77
C THR B 362 11.32 39.15 10.66
N VAL B 363 12.36 39.98 10.65
CA VAL B 363 12.49 41.03 9.65
C VAL B 363 13.71 40.71 8.80
N PHE B 364 13.52 40.73 7.48
CA PHE B 364 14.63 40.43 6.57
C PHE B 364 14.93 41.72 5.82
N ASP B 365 15.97 42.40 6.27
CA ASP B 365 16.39 43.68 5.74
C ASP B 365 17.53 43.57 4.74
N TYR B 366 17.24 43.90 3.48
CA TYR B 366 18.23 43.86 2.41
C TYR B 366 19.18 45.06 2.52
N ASP B 367 18.62 46.23 2.82
CA ASP B 367 19.41 47.46 2.95
C ASP B 367 20.45 47.38 4.05
N ASN B 368 20.09 46.76 5.17
CA ASN B 368 20.99 46.66 6.30
C ASN B 368 21.62 45.28 6.51
N HIS B 369 21.45 44.38 5.55
CA HIS B 369 22.03 43.04 5.64
C HIS B 369 21.88 42.45 7.04
N SER B 370 20.65 42.37 7.51
CA SER B 370 20.42 41.84 8.85
C SER B 370 19.06 41.18 8.99
N VAL B 371 18.88 40.49 10.12
CA VAL B 371 17.62 39.86 10.43
C VAL B 371 17.15 40.43 11.76
N GLY B 372 15.97 41.06 11.75
CA GLY B 372 15.44 41.63 12.98
C GLY B 372 14.62 40.56 13.67
N ILE B 373 14.76 40.44 14.99
CA ILE B 373 14.04 39.43 15.74
C ILE B 373 13.37 40.00 16.97
N ALA B 374 12.16 39.53 17.25
CA ALA B 374 11.40 39.96 18.42
C ALA B 374 10.28 38.97 18.63
N LEU B 375 9.82 38.86 19.88
CA LEU B 375 8.73 37.96 20.21
C LEU B 375 7.52 38.37 19.35
N ALA B 376 6.88 37.41 18.70
CA ALA B 376 5.71 37.70 17.88
C ALA B 376 4.49 37.86 18.76
N LYS B 377 3.54 38.70 18.34
CA LYS B 377 2.32 38.87 19.11
C LYS B 377 1.38 37.72 18.84
N LYS B 378 1.19 36.85 19.83
CA LYS B 378 0.30 35.71 19.68
C LYS B 378 -1.10 36.26 19.40
N ASN B 379 -1.84 35.59 18.52
CA ASN B 379 -3.19 36.02 18.19
C ASN B 379 -3.21 37.45 17.63
N GLU C 5 -19.61 50.52 -32.24
CA GLU C 5 -19.42 49.25 -31.47
C GLU C 5 -20.13 49.27 -30.12
N HIS C 6 -20.85 48.19 -29.82
CA HIS C 6 -21.54 48.10 -28.54
C HIS C 6 -20.55 47.57 -27.51
N LEU C 7 -20.91 47.65 -26.23
CA LEU C 7 -20.01 47.16 -25.18
C LEU C 7 -19.83 45.66 -25.17
N THR C 8 -18.58 45.21 -25.31
CA THR C 8 -18.28 43.79 -25.25
C THR C 8 -17.23 43.58 -24.17
N ILE C 9 -17.47 42.63 -23.28
CA ILE C 9 -16.50 42.36 -22.23
C ILE C 9 -16.07 40.92 -22.31
N GLY C 10 -14.83 40.65 -21.94
CA GLY C 10 -14.33 39.30 -21.95
C GLY C 10 -14.45 38.69 -20.57
N PHE C 11 -14.66 37.38 -20.51
CA PHE C 11 -14.76 36.70 -19.24
C PHE C 11 -14.02 35.38 -19.33
N LYS C 12 -13.63 34.85 -18.18
CA LYS C 12 -12.90 33.58 -18.12
C LYS C 12 -13.86 32.49 -17.71
N VAL C 13 -13.61 31.28 -18.22
CA VAL C 13 -14.47 30.15 -17.93
C VAL C 13 -13.78 29.00 -17.21
N GLU C 14 -14.44 28.49 -16.17
CA GLU C 14 -13.92 27.33 -15.43
C GLU C 14 -15.01 26.29 -15.61
N ASN C 15 -14.74 25.26 -16.39
CA ASN C 15 -15.75 24.24 -16.64
C ASN C 15 -15.65 22.97 -15.80
N ALA C 16 -16.65 22.10 -15.95
CA ALA C 16 -16.69 20.86 -15.20
C ALA C 16 -15.47 20.00 -15.50
N HIS C 17 -14.95 20.13 -16.73
CA HIS C 17 -13.78 19.36 -17.11
C HIS C 17 -12.55 19.83 -16.35
N ASP C 18 -12.41 21.14 -16.18
CA ASP C 18 -11.27 21.69 -15.44
C ASP C 18 -11.26 21.09 -14.05
N ARG C 19 -12.44 21.04 -13.44
CA ARG C 19 -12.56 20.50 -12.09
C ARG C 19 -12.34 18.98 -12.06
N ILE C 20 -12.67 18.31 -13.15
CA ILE C 20 -12.47 16.86 -13.24
C ILE C 20 -10.97 16.60 -13.20
N LEU C 21 -10.22 17.33 -14.02
CA LEU C 21 -8.77 17.17 -14.06
C LEU C 21 -8.17 17.40 -12.69
N LYS C 22 -8.67 18.41 -11.99
CA LYS C 22 -8.18 18.73 -10.65
C LYS C 22 -8.37 17.53 -9.73
N THR C 23 -9.56 16.94 -9.77
CA THR C 23 -9.88 15.77 -8.95
C THR C 23 -8.99 14.59 -9.32
N ILE C 24 -8.85 14.35 -10.62
CA ILE C 24 -8.03 13.25 -11.11
C ILE C 24 -6.60 13.42 -10.59
N LYS C 25 -6.10 14.65 -10.61
CA LYS C 25 -4.75 14.92 -10.14
C LYS C 25 -4.62 14.74 -8.62
N THR C 26 -5.54 15.33 -7.87
CA THR C 26 -5.50 15.23 -6.41
C THR C 26 -5.52 13.79 -5.92
N HIS C 27 -6.38 12.96 -6.51
CA HIS C 27 -6.50 11.58 -6.09
C HIS C 27 -5.75 10.58 -6.96
N LYS C 28 -4.93 11.06 -7.88
CA LYS C 28 -4.16 10.19 -8.76
C LYS C 28 -5.03 9.09 -9.36
N LEU C 29 -6.10 9.50 -10.02
CA LEU C 29 -7.04 8.56 -10.63
C LEU C 29 -6.73 8.31 -12.11
N LYS C 30 -5.66 8.95 -12.58
CA LYS C 30 -5.26 8.81 -13.98
C LYS C 30 -5.14 7.35 -14.43
N ASN C 31 -4.37 6.55 -13.70
CA ASN C 31 -4.21 5.15 -14.09
C ASN C 31 -5.46 4.32 -13.84
N TYR C 32 -6.25 4.69 -12.84
CA TYR C 32 -7.48 3.97 -12.56
C TYR C 32 -8.37 4.07 -13.81
N ILE C 33 -8.44 5.27 -14.36
CA ILE C 33 -9.25 5.53 -15.55
C ILE C 33 -8.76 4.71 -16.74
N LYS C 34 -7.46 4.79 -17.01
CA LYS C 34 -6.86 4.07 -18.13
C LYS C 34 -7.10 2.57 -18.03
N GLU C 35 -6.75 1.98 -16.89
CA GLU C 35 -6.92 0.55 -16.69
C GLU C 35 -8.37 0.12 -16.71
N SER C 36 -9.24 0.88 -16.04
CA SER C 36 -10.66 0.55 -16.00
C SER C 36 -11.21 0.52 -17.41
N VAL C 37 -10.98 1.60 -18.16
CA VAL C 37 -11.47 1.69 -19.54
C VAL C 37 -10.91 0.54 -20.38
N ASN C 38 -9.61 0.29 -20.26
CA ASN C 38 -8.98 -0.79 -21.02
C ASN C 38 -9.61 -2.14 -20.69
N PHE C 39 -9.79 -2.40 -19.39
CA PHE C 39 -10.38 -3.66 -18.94
C PHE C 39 -11.80 -3.84 -19.45
N LEU C 40 -12.64 -2.82 -19.30
CA LEU C 40 -14.02 -2.90 -19.74
C LEU C 40 -14.15 -3.05 -21.26
N ASN C 41 -13.08 -2.71 -21.98
CA ASN C 41 -13.06 -2.83 -23.43
C ASN C 41 -12.43 -4.13 -23.91
N SER C 42 -11.55 -4.70 -23.09
CA SER C 42 -10.87 -5.94 -23.44
C SER C 42 -11.84 -6.98 -23.98
N GLY C 43 -12.85 -7.32 -23.19
CA GLY C 43 -13.83 -8.30 -23.62
C GLY C 43 -13.96 -9.48 -22.67
N LEU C 44 -13.94 -9.19 -21.38
CA LEU C 44 -14.07 -10.22 -20.35
C LEU C 44 -15.29 -9.96 -19.47
N THR C 45 -15.73 -8.70 -19.44
CA THR C 45 -16.88 -8.32 -18.64
C THR C 45 -18.18 -8.86 -19.24
N VAL C 60 -22.14 14.69 -9.78
CA VAL C 60 -22.51 15.38 -11.04
C VAL C 60 -22.10 16.85 -11.03
N ASP C 61 -21.51 17.30 -12.13
CA ASP C 61 -21.08 18.69 -12.23
C ASP C 61 -21.13 19.08 -13.70
N PHE C 62 -21.90 20.12 -14.01
CA PHE C 62 -22.01 20.60 -15.38
C PHE C 62 -22.04 22.12 -15.37
N GLN C 63 -21.37 22.69 -14.38
CA GLN C 63 -21.30 24.13 -14.23
C GLN C 63 -20.21 24.76 -15.07
N ASN C 64 -20.59 25.78 -15.82
CA ASN C 64 -19.68 26.52 -16.67
C ASN C 64 -19.60 27.86 -15.95
N ILE C 65 -18.59 28.05 -15.11
CA ILE C 65 -18.48 29.29 -14.37
C ILE C 65 -17.76 30.37 -15.16
N MET C 66 -18.46 31.49 -15.37
CA MET C 66 -17.95 32.62 -16.14
C MET C 66 -17.56 33.78 -15.23
N PHE C 67 -16.25 34.00 -15.11
CA PHE C 67 -15.73 35.06 -14.24
C PHE C 67 -15.44 36.38 -14.94
N TYR C 68 -15.85 37.47 -14.32
CA TYR C 68 -15.61 38.81 -14.85
C TYR C 68 -15.11 39.64 -13.68
N GLY C 69 -13.94 40.26 -13.82
CA GLY C 69 -13.40 41.01 -12.71
C GLY C 69 -13.33 42.51 -12.77
N ASP C 70 -13.91 43.13 -13.79
CA ASP C 70 -13.84 44.59 -13.87
C ASP C 70 -15.11 45.36 -13.54
N ALA C 71 -16.07 44.70 -12.92
CA ALA C 71 -17.31 45.38 -12.55
C ALA C 71 -17.11 46.17 -11.26
N GLU C 72 -17.76 47.32 -11.18
CA GLU C 72 -17.65 48.16 -10.00
C GLU C 72 -19.04 48.39 -9.42
N VAL C 73 -19.11 48.45 -8.09
CA VAL C 73 -20.36 48.71 -7.42
C VAL C 73 -20.05 49.78 -6.38
N GLY C 74 -20.47 51.01 -6.65
CA GLY C 74 -20.20 52.12 -5.75
C GLY C 74 -18.74 52.53 -5.87
N ASP C 75 -18.30 53.50 -5.08
CA ASP C 75 -16.90 53.91 -5.14
C ASP C 75 -16.24 53.70 -3.77
N ASN C 76 -14.91 53.79 -3.73
CA ASN C 76 -14.14 53.57 -2.52
C ASN C 76 -14.31 52.12 -2.04
N GLN C 77 -14.42 51.20 -3.00
CA GLN C 77 -14.60 49.78 -2.71
C GLN C 77 -13.42 48.95 -3.20
N GLN C 78 -13.35 47.69 -2.79
CA GLN C 78 -12.30 46.80 -3.27
C GLN C 78 -12.78 46.26 -4.62
N PRO C 79 -11.87 45.73 -5.44
CA PRO C 79 -12.29 45.19 -6.73
C PRO C 79 -13.16 43.97 -6.47
N PHE C 80 -14.13 43.71 -7.35
CA PHE C 80 -15.02 42.57 -7.18
C PHE C 80 -14.85 41.54 -8.29
N THR C 81 -15.14 40.28 -7.97
CA THR C 81 -15.10 39.23 -8.97
C THR C 81 -16.54 38.77 -9.08
N PHE C 82 -17.11 38.93 -10.27
CA PHE C 82 -18.48 38.53 -10.53
C PHE C 82 -18.55 37.37 -11.52
N ILE C 83 -19.56 36.53 -11.36
CA ILE C 83 -19.76 35.44 -12.30
C ILE C 83 -21.06 35.77 -12.99
N LEU C 84 -21.12 35.48 -14.28
CA LEU C 84 -22.31 35.75 -15.08
C LEU C 84 -23.23 34.57 -14.86
N ASP C 85 -24.50 34.85 -14.59
CA ASP C 85 -25.48 33.79 -14.35
C ASP C 85 -26.71 34.11 -15.19
N THR C 86 -26.94 33.34 -16.26
CA THR C 86 -28.08 33.60 -17.13
C THR C 86 -29.40 33.19 -16.49
N GLY C 87 -29.32 32.58 -15.31
CA GLY C 87 -30.51 32.16 -14.60
C GLY C 87 -30.78 33.06 -13.41
N SER C 88 -30.06 34.17 -13.32
CA SER C 88 -30.23 35.12 -12.23
C SER C 88 -30.69 36.46 -12.79
N ALA C 89 -31.74 37.03 -12.21
CA ALA C 89 -32.24 38.31 -12.70
C ALA C 89 -31.52 39.48 -12.05
N ASN C 90 -30.98 39.27 -10.86
CA ASN C 90 -30.36 40.37 -10.16
C ASN C 90 -28.86 40.35 -10.05
N LEU C 91 -28.33 41.43 -9.50
N LEU C 91 -28.32 41.43 -9.50
CA LEU C 91 -26.92 41.57 -9.24
CA LEU C 91 -26.89 41.54 -9.28
C LEU C 91 -26.82 41.28 -7.75
C LEU C 91 -26.78 41.31 -7.76
N TRP C 92 -26.03 40.30 -7.37
CA TRP C 92 -25.87 39.96 -5.95
C TRP C 92 -24.47 40.28 -5.52
N VAL C 93 -24.33 41.04 -4.43
N VAL C 93 -24.35 41.03 -4.42
CA VAL C 93 -23.01 41.39 -3.94
CA VAL C 93 -23.04 41.43 -3.90
C VAL C 93 -22.95 41.10 -2.43
C VAL C 93 -22.96 41.13 -2.42
N PRO C 94 -21.88 40.44 -1.97
CA PRO C 94 -21.73 40.12 -0.56
C PRO C 94 -21.50 41.41 0.21
N SER C 95 -22.21 41.57 1.32
CA SER C 95 -22.14 42.78 2.15
C SER C 95 -21.08 42.76 3.22
N VAL C 96 -20.61 43.95 3.61
CA VAL C 96 -19.64 44.04 4.68
C VAL C 96 -20.37 43.58 5.95
N LYS C 97 -21.70 43.56 5.89
CA LYS C 97 -22.50 43.10 7.02
C LYS C 97 -22.48 41.58 7.14
N CYS C 98 -21.88 40.90 6.17
CA CYS C 98 -21.75 39.44 6.24
C CYS C 98 -20.39 39.26 6.90
N THR C 99 -20.39 38.67 8.09
CA THR C 99 -19.14 38.50 8.83
C THR C 99 -18.76 37.07 9.15
N THR C 100 -19.21 36.13 8.33
CA THR C 100 -18.87 34.72 8.54
C THR C 100 -17.45 34.52 8.07
N ALA C 101 -16.86 33.40 8.45
CA ALA C 101 -15.50 33.09 8.05
C ALA C 101 -15.43 33.15 6.52
N GLY C 102 -16.44 32.61 5.86
CA GLY C 102 -16.47 32.61 4.40
C GLY C 102 -16.46 34.00 3.80
N CYS C 103 -17.31 34.87 4.32
CA CYS C 103 -17.39 36.24 3.82
C CYS C 103 -16.14 37.03 4.08
N LEU C 104 -15.46 36.72 5.17
CA LEU C 104 -14.23 37.44 5.50
C LEU C 104 -13.12 37.12 4.49
N THR C 105 -13.32 36.10 3.66
CA THR C 105 -12.32 35.76 2.66
C THR C 105 -12.68 36.39 1.30
N LYS C 106 -13.82 37.08 1.25
CA LYS C 106 -14.29 37.70 0.02
C LYS C 106 -14.08 39.21 0.01
N HIS C 107 -14.35 39.83 -1.15
CA HIS C 107 -14.29 41.28 -1.26
C HIS C 107 -15.74 41.69 -1.07
N LEU C 108 -15.98 42.47 -0.01
CA LEU C 108 -17.32 42.87 0.36
C LEU C 108 -17.68 44.32 0.05
N TYR C 109 -18.95 44.54 -0.26
CA TYR C 109 -19.45 45.89 -0.56
C TYR C 109 -19.77 46.60 0.76
N ASP C 110 -19.23 47.79 0.93
CA ASP C 110 -19.42 48.60 2.13
C ASP C 110 -20.10 49.89 1.72
N SER C 111 -21.40 50.00 1.97
CA SER C 111 -22.13 51.20 1.58
C SER C 111 -21.71 52.46 2.32
N SER C 112 -21.16 52.30 3.53
CA SER C 112 -20.76 53.46 4.31
C SER C 112 -19.59 54.21 3.69
N LYS C 113 -18.89 53.59 2.74
CA LYS C 113 -17.75 54.22 2.10
C LYS C 113 -18.06 54.76 0.70
N SER C 114 -19.23 54.44 0.18
CA SER C 114 -19.60 54.86 -1.16
C SER C 114 -20.38 56.18 -1.22
N ARG C 115 -19.82 57.18 -1.90
CA ARG C 115 -20.48 58.48 -2.04
C ARG C 115 -21.79 58.40 -2.77
N THR C 116 -21.89 57.45 -3.70
CA THR C 116 -23.08 57.29 -4.52
C THR C 116 -24.16 56.33 -4.05
N TYR C 117 -23.96 55.73 -2.88
CA TYR C 117 -24.92 54.81 -2.29
C TYR C 117 -26.20 55.50 -1.89
N GLU C 118 -27.32 54.81 -2.10
CA GLU C 118 -28.60 55.31 -1.69
C GLU C 118 -29.34 54.12 -1.12
N LYS C 119 -29.83 54.29 0.09
CA LYS C 119 -30.54 53.23 0.78
C LYS C 119 -31.85 52.80 0.13
N ASP C 120 -32.13 51.51 0.23
CA ASP C 120 -33.38 50.95 -0.25
C ASP C 120 -33.83 50.16 0.97
N GLY C 121 -33.14 49.04 1.23
CA GLY C 121 -33.46 48.25 2.40
C GLY C 121 -34.48 47.13 2.25
N THR C 122 -35.14 47.04 1.09
CA THR C 122 -36.11 45.99 0.87
C THR C 122 -35.42 44.65 1.09
N LYS C 123 -35.97 43.83 1.95
CA LYS C 123 -35.38 42.54 2.24
C LYS C 123 -35.59 41.45 1.19
N VAL C 124 -34.59 40.57 1.10
CA VAL C 124 -34.61 39.45 0.18
C VAL C 124 -34.33 38.20 1.00
N GLU C 125 -35.19 37.20 0.87
CA GLU C 125 -35.03 35.95 1.62
C GLU C 125 -35.17 34.77 0.68
N MET C 126 -34.20 33.86 0.73
CA MET C 126 -34.22 32.67 -0.13
C MET C 126 -32.88 31.94 -0.11
N VAL C 133 -30.33 31.97 1.98
CA VAL C 133 -29.63 33.23 1.58
C VAL C 133 -30.45 34.46 1.95
N SER C 134 -29.83 35.38 2.69
CA SER C 134 -30.50 36.59 3.12
C SER C 134 -29.76 37.87 2.74
N GLY C 135 -30.52 38.90 2.38
CA GLY C 135 -29.93 40.16 2.03
C GLY C 135 -30.97 41.25 1.90
N PHE C 136 -30.60 42.35 1.25
CA PHE C 136 -31.51 43.46 1.05
C PHE C 136 -31.03 44.32 -0.11
N PHE C 137 -31.96 45.05 -0.71
CA PHE C 137 -31.62 45.91 -1.84
C PHE C 137 -30.94 47.21 -1.42
N SER C 138 -30.01 47.63 -2.27
CA SER C 138 -29.29 48.88 -2.07
C SER C 138 -29.15 49.48 -3.46
N LYS C 139 -28.94 50.77 -3.54
CA LYS C 139 -28.77 51.39 -4.84
C LYS C 139 -27.41 52.07 -4.87
N ASP C 140 -26.73 51.92 -5.98
CA ASP C 140 -25.43 52.55 -6.13
C ASP C 140 -25.06 52.53 -7.60
N LEU C 141 -23.99 53.22 -7.95
CA LEU C 141 -23.56 53.27 -9.32
C LEU C 141 -22.88 51.94 -9.67
N VAL C 142 -23.39 51.26 -10.69
CA VAL C 142 -22.80 49.99 -11.10
C VAL C 142 -22.15 50.21 -12.45
N THR C 143 -20.91 49.76 -12.58
CA THR C 143 -20.19 49.93 -13.83
C THR C 143 -19.72 48.60 -14.39
N VAL C 144 -19.98 48.39 -15.67
CA VAL C 144 -19.56 47.20 -16.38
C VAL C 144 -18.93 47.73 -17.66
N GLY C 145 -17.60 47.62 -17.76
CA GLY C 145 -16.94 48.14 -18.95
C GLY C 145 -17.12 49.64 -18.98
N ASN C 146 -17.60 50.18 -20.10
CA ASN C 146 -17.81 51.62 -20.23
C ASN C 146 -19.26 52.02 -19.94
N LEU C 147 -20.03 51.09 -19.40
CA LEU C 147 -21.42 51.37 -19.05
C LEU C 147 -21.54 51.53 -17.55
N SER C 148 -22.15 52.63 -17.12
CA SER C 148 -22.37 52.93 -15.70
C SER C 148 -23.80 53.38 -15.52
N LEU C 149 -24.44 52.96 -14.43
CA LEU C 149 -25.79 53.39 -14.17
C LEU C 149 -26.16 53.18 -12.72
N PRO C 150 -27.03 54.06 -12.18
CA PRO C 150 -27.48 53.93 -10.80
C PRO C 150 -28.32 52.66 -10.92
N TYR C 151 -28.02 51.65 -10.10
CA TYR C 151 -28.75 50.40 -10.20
C TYR C 151 -28.99 49.79 -8.83
N LYS C 152 -30.12 49.12 -8.67
CA LYS C 152 -30.46 48.48 -7.42
C LYS C 152 -30.05 47.02 -7.44
N PHE C 153 -29.18 46.64 -6.51
CA PHE C 153 -28.68 45.29 -6.41
C PHE C 153 -28.94 44.74 -5.03
N ILE C 154 -28.65 43.46 -4.84
CA ILE C 154 -28.89 42.82 -3.56
C ILE C 154 -27.62 42.64 -2.73
N GLU C 155 -27.58 43.25 -1.54
CA GLU C 155 -26.46 43.08 -0.62
C GLU C 155 -26.77 41.83 0.18
N VAL C 156 -25.84 40.87 0.18
CA VAL C 156 -26.05 39.62 0.88
C VAL C 156 -25.40 39.60 2.27
N ILE C 157 -26.20 39.32 3.29
CA ILE C 157 -25.66 39.27 4.65
C ILE C 157 -25.48 37.86 5.16
N ASP C 158 -26.16 36.90 4.53
CA ASP C 158 -26.06 35.50 4.96
C ASP C 158 -26.17 34.56 3.76
N THR C 159 -25.15 33.73 3.58
CA THR C 159 -25.13 32.76 2.48
C THR C 159 -25.66 31.42 2.98
N ASN C 160 -26.28 31.46 4.15
CA ASN C 160 -26.87 30.31 4.80
C ASN C 160 -26.05 29.03 4.67
N GLY C 161 -26.59 28.05 3.95
CA GLY C 161 -25.90 26.78 3.78
C GLY C 161 -24.94 26.75 2.61
N PHE C 162 -24.93 27.81 1.81
CA PHE C 162 -24.04 27.86 0.66
C PHE C 162 -22.63 28.22 1.11
N GLU C 163 -22.49 28.58 2.38
CA GLU C 163 -21.19 28.96 2.92
C GLU C 163 -20.07 28.07 2.40
N PRO C 164 -20.19 26.74 2.59
CA PRO C 164 -19.15 25.81 2.11
C PRO C 164 -18.80 25.98 0.63
N THR C 165 -19.80 25.86 -0.23
CA THR C 165 -19.60 26.00 -1.67
C THR C 165 -19.11 27.39 -2.06
N TYR C 166 -19.75 28.41 -1.51
CA TYR C 166 -19.38 29.80 -1.77
C TYR C 166 -17.96 30.05 -1.29
N THR C 167 -17.68 29.67 -0.06
CA THR C 167 -16.36 29.85 0.52
C THR C 167 -15.31 29.15 -0.34
N ALA C 168 -15.71 28.02 -0.91
CA ALA C 168 -14.82 27.23 -1.76
C ALA C 168 -14.61 27.89 -3.12
N SER C 169 -15.64 28.59 -3.60
CA SER C 169 -15.56 29.25 -4.90
C SER C 169 -14.58 30.41 -4.86
N THR C 170 -14.31 30.99 -6.02
CA THR C 170 -13.37 32.11 -6.09
C THR C 170 -14.02 33.40 -6.62
N PHE C 171 -15.32 33.55 -6.42
CA PHE C 171 -15.99 34.76 -6.89
C PHE C 171 -16.65 35.48 -5.72
N ASP C 172 -16.99 36.74 -5.92
CA ASP C 172 -17.63 37.51 -4.86
C ASP C 172 -19.12 37.63 -5.04
N GLY C 173 -19.53 38.13 -6.21
CA GLY C 173 -20.95 38.31 -6.48
C GLY C 173 -21.45 37.69 -7.76
N ILE C 174 -22.73 37.91 -8.05
CA ILE C 174 -23.32 37.35 -9.24
C ILE C 174 -23.96 38.44 -10.08
N LEU C 175 -23.62 38.49 -11.37
N LEU C 175 -23.62 38.47 -11.36
CA LEU C 175 -24.20 39.48 -12.27
CA LEU C 175 -24.17 39.44 -12.31
C LEU C 175 -25.24 38.74 -13.08
C LEU C 175 -25.25 38.71 -13.08
N GLY C 176 -26.51 39.05 -12.81
CA GLY C 176 -27.61 38.39 -13.49
C GLY C 176 -27.90 38.75 -14.94
N LEU C 177 -28.02 37.73 -15.77
CA LEU C 177 -28.34 37.89 -17.19
C LEU C 177 -29.62 37.12 -17.44
N GLY C 178 -30.38 36.93 -16.38
CA GLY C 178 -31.63 36.20 -16.47
C GLY C 178 -32.84 37.11 -16.53
N TRP C 179 -34.00 36.54 -16.22
CA TRP C 179 -35.24 37.30 -16.28
C TRP C 179 -35.75 37.73 -14.92
N LYS C 180 -36.37 38.91 -14.90
CA LYS C 180 -36.92 39.46 -13.67
C LYS C 180 -37.85 38.48 -12.98
N ASP C 181 -37.60 38.26 -11.70
CA ASP C 181 -38.38 37.35 -10.88
C ASP C 181 -39.04 38.23 -9.82
N LEU C 182 -40.34 38.46 -9.96
CA LEU C 182 -41.05 39.32 -9.02
C LEU C 182 -41.12 38.79 -7.60
N SER C 183 -40.74 37.54 -7.39
CA SER C 183 -40.78 36.99 -6.03
C SER C 183 -39.57 37.51 -5.26
N ILE C 184 -38.61 38.09 -5.96
CA ILE C 184 -37.41 38.64 -5.34
C ILE C 184 -37.50 40.17 -5.25
N GLY C 185 -37.87 40.79 -6.37
CA GLY C 185 -37.99 42.23 -6.40
C GLY C 185 -38.57 42.71 -7.72
N SER C 186 -38.87 44.00 -7.81
CA SER C 186 -39.44 44.58 -9.02
C SER C 186 -38.34 45.21 -9.87
N VAL C 187 -37.10 45.02 -9.45
CA VAL C 187 -35.96 45.56 -10.16
C VAL C 187 -35.67 44.78 -11.44
N ASP C 188 -35.51 45.49 -12.56
CA ASP C 188 -35.21 44.83 -13.82
C ASP C 188 -33.77 44.39 -13.89
N PRO C 189 -33.49 43.33 -14.67
CA PRO C 189 -32.12 42.82 -14.83
C PRO C 189 -31.29 43.99 -15.33
N ILE C 190 -30.01 43.99 -15.03
CA ILE C 190 -29.18 45.11 -15.41
C ILE C 190 -29.23 45.46 -16.91
N VAL C 191 -29.26 44.47 -17.79
CA VAL C 191 -29.31 44.78 -19.23
C VAL C 191 -30.57 45.55 -19.57
N VAL C 192 -31.68 45.14 -18.98
CA VAL C 192 -32.95 45.82 -19.21
C VAL C 192 -32.93 47.24 -18.63
N GLU C 193 -32.39 47.39 -17.42
CA GLU C 193 -32.34 48.70 -16.78
C GLU C 193 -31.46 49.66 -17.59
N LEU C 194 -30.38 49.15 -18.17
CA LEU C 194 -29.50 49.97 -18.99
C LEU C 194 -30.31 50.54 -20.17
N LYS C 195 -31.16 49.69 -20.75
CA LYS C 195 -32.00 50.14 -21.85
C LYS C 195 -33.02 51.17 -21.34
N ASN C 196 -33.58 50.91 -20.15
CA ASN C 196 -34.56 51.84 -19.60
C ASN C 196 -34.01 53.25 -19.44
N GLN C 197 -32.72 53.35 -19.13
CA GLN C 197 -32.05 54.62 -18.94
C GLN C 197 -31.39 55.15 -20.20
N ASN C 198 -31.71 54.51 -21.33
CA ASN C 198 -31.16 54.89 -22.62
C ASN C 198 -29.64 54.88 -22.64
N LYS C 199 -29.05 53.91 -21.94
CA LYS C 199 -27.60 53.76 -21.86
C LYS C 199 -27.11 52.84 -23.00
N ILE C 200 -28.02 52.03 -23.53
CA ILE C 200 -27.69 51.13 -24.63
C ILE C 200 -28.85 51.18 -25.63
N GLU C 201 -28.60 50.75 -26.86
CA GLU C 201 -29.62 50.81 -27.90
C GLU C 201 -30.75 49.78 -27.79
N ASN C 202 -30.43 48.58 -27.33
CA ASN C 202 -31.40 47.50 -27.22
C ASN C 202 -31.24 46.73 -25.93
N ALA C 203 -32.33 46.17 -25.42
CA ALA C 203 -32.24 45.36 -24.21
C ALA C 203 -31.96 43.93 -24.70
N LEU C 204 -30.69 43.67 -25.00
CA LEU C 204 -30.26 42.34 -25.45
C LEU C 204 -28.78 42.20 -25.16
N PHE C 205 -28.32 40.96 -25.08
CA PHE C 205 -26.89 40.71 -24.93
C PHE C 205 -26.59 39.52 -25.82
N THR C 206 -25.32 39.32 -26.14
CA THR C 206 -24.94 38.21 -27.00
C THR C 206 -23.74 37.51 -26.40
N PHE C 207 -23.56 36.25 -26.77
CA PHE C 207 -22.43 35.46 -26.32
C PHE C 207 -21.66 34.93 -27.51
N TYR C 208 -20.37 35.21 -27.52
CA TYR C 208 -19.51 34.69 -28.57
C TYR C 208 -18.49 33.87 -27.80
N LEU C 209 -18.54 32.56 -27.96
CA LEU C 209 -17.60 31.67 -27.27
C LEU C 209 -16.64 31.11 -28.30
N PRO C 210 -15.43 31.68 -28.38
CA PRO C 210 -14.42 31.22 -29.34
C PRO C 210 -14.20 29.72 -29.27
N VAL C 211 -14.42 29.03 -30.39
CA VAL C 211 -14.27 27.59 -30.43
C VAL C 211 -12.84 27.17 -30.09
N HIS C 212 -11.89 28.06 -30.33
CA HIS C 212 -10.46 27.77 -30.08
C HIS C 212 -9.98 27.95 -28.64
N ASP C 213 -10.84 28.48 -27.76
CA ASP C 213 -10.44 28.69 -26.37
C ASP C 213 -11.61 28.47 -25.43
N LYS C 214 -11.76 27.26 -24.93
CA LYS C 214 -12.87 26.93 -24.04
C LYS C 214 -12.87 27.66 -22.71
N HIS C 215 -11.77 28.33 -22.38
CA HIS C 215 -11.70 29.06 -21.11
C HIS C 215 -11.97 30.55 -21.25
N THR C 216 -12.48 30.94 -22.41
N THR C 216 -12.47 30.96 -22.42
CA THR C 216 -12.76 32.36 -22.66
CA THR C 216 -12.77 32.36 -22.66
C THR C 216 -14.13 32.53 -23.32
C THR C 216 -14.13 32.52 -23.30
N GLY C 217 -14.69 33.73 -23.18
CA GLY C 217 -15.98 34.03 -23.75
C GLY C 217 -16.13 35.54 -23.81
N PHE C 218 -17.04 36.01 -24.66
CA PHE C 218 -17.27 37.43 -24.80
C PHE C 218 -18.74 37.76 -24.72
N LEU C 219 -19.07 38.70 -23.84
CA LEU C 219 -20.45 39.13 -23.66
C LEU C 219 -20.60 40.53 -24.23
N THR C 220 -21.53 40.72 -25.15
CA THR C 220 -21.78 42.04 -25.73
C THR C 220 -23.13 42.50 -25.20
N ILE C 221 -23.18 43.74 -24.70
CA ILE C 221 -24.41 44.28 -24.14
C ILE C 221 -25.00 45.45 -24.92
N GLY C 222 -26.25 45.33 -25.36
CA GLY C 222 -26.90 46.42 -26.05
C GLY C 222 -27.02 46.41 -27.56
N GLY C 223 -26.30 45.52 -28.23
CA GLY C 223 -26.37 45.48 -29.67
C GLY C 223 -25.73 44.22 -30.22
N ILE C 224 -25.88 44.02 -31.52
CA ILE C 224 -25.35 42.84 -32.18
C ILE C 224 -24.18 43.21 -33.08
N GLU C 225 -23.01 42.65 -32.80
CA GLU C 225 -21.80 42.89 -33.58
C GLU C 225 -21.69 41.85 -34.71
N GLU C 226 -21.76 42.35 -35.94
CA GLU C 226 -21.69 41.51 -37.14
C GLU C 226 -20.45 40.64 -37.27
N ARG C 227 -19.34 41.09 -36.68
CA ARG C 227 -18.10 40.34 -36.79
C ARG C 227 -18.14 38.96 -36.13
N PHE C 228 -19.07 38.75 -35.20
CA PHE C 228 -19.13 37.47 -34.50
C PHE C 228 -19.81 36.31 -35.21
N TYR C 229 -20.53 36.59 -36.30
CA TYR C 229 -21.26 35.53 -36.96
C TYR C 229 -21.39 35.62 -38.48
N GLU C 230 -21.74 34.50 -39.08
CA GLU C 230 -21.93 34.38 -40.52
C GLU C 230 -23.41 34.38 -40.87
N GLY C 231 -23.77 35.09 -41.93
CA GLY C 231 -25.15 35.10 -42.38
C GLY C 231 -26.17 35.79 -41.48
N PRO C 232 -27.45 35.71 -41.84
CA PRO C 232 -28.54 36.33 -41.09
C PRO C 232 -28.84 35.51 -39.84
N LEU C 233 -29.27 36.19 -38.79
CA LEU C 233 -29.62 35.51 -37.57
C LEU C 233 -30.99 34.87 -37.78
N THR C 234 -31.22 33.76 -37.10
CA THR C 234 -32.52 33.09 -37.15
C THR C 234 -32.98 33.20 -35.70
N TYR C 235 -34.14 33.83 -35.51
CA TYR C 235 -34.66 33.99 -34.16
C TYR C 235 -35.65 32.91 -33.78
N GLU C 236 -35.50 32.41 -32.57
CA GLU C 236 -36.37 31.37 -32.02
C GLU C 236 -37.03 32.03 -30.80
N LYS C 237 -38.36 32.03 -30.75
CA LYS C 237 -39.07 32.64 -29.64
C LYS C 237 -38.94 31.84 -28.35
N LEU C 238 -38.84 32.54 -27.23
CA LEU C 238 -38.74 31.89 -25.93
C LEU C 238 -40.09 31.27 -25.64
N ASN C 239 -40.11 30.18 -24.87
CA ASN C 239 -41.36 29.54 -24.51
C ASN C 239 -41.56 29.63 -23.00
N HIS C 240 -40.69 30.38 -22.34
CA HIS C 240 -40.75 30.55 -20.89
C HIS C 240 -40.46 32.02 -20.53
N ASP C 241 -40.91 32.45 -19.36
CA ASP C 241 -40.72 33.83 -18.95
C ASP C 241 -39.57 34.04 -17.98
N LEU C 242 -38.95 32.96 -17.54
CA LEU C 242 -37.85 33.09 -16.59
C LEU C 242 -36.56 32.51 -17.11
N TYR C 243 -36.64 31.70 -18.16
CA TYR C 243 -35.45 31.07 -18.72
C TYR C 243 -35.32 31.29 -20.21
N TRP C 244 -34.08 31.30 -20.69
CA TRP C 244 -33.83 31.47 -22.12
C TRP C 244 -34.03 30.09 -22.72
N GLN C 245 -35.28 29.67 -22.75
CA GLN C 245 -35.67 28.36 -23.22
C GLN C 245 -36.52 28.46 -24.47
N ILE C 246 -36.20 27.64 -25.46
CA ILE C 246 -36.94 27.62 -26.72
C ILE C 246 -37.39 26.21 -26.99
N THR C 247 -38.19 26.04 -28.03
CA THR C 247 -38.69 24.73 -28.40
C THR C 247 -38.07 24.24 -29.70
N LEU C 248 -37.51 23.04 -29.69
CA LEU C 248 -36.88 22.46 -30.87
C LEU C 248 -37.05 20.95 -30.90
N ASP C 249 -37.15 20.38 -32.08
CA ASP C 249 -37.24 18.94 -32.19
C ASP C 249 -35.81 18.46 -32.10
N ALA C 250 -35.58 17.35 -31.39
CA ALA C 250 -34.24 16.81 -31.23
C ALA C 250 -34.14 15.45 -31.92
N HIS C 251 -33.10 15.28 -32.73
CA HIS C 251 -32.88 14.03 -33.43
C HIS C 251 -31.43 13.63 -33.21
N VAL C 252 -31.22 12.40 -32.74
CA VAL C 252 -29.88 11.88 -32.52
C VAL C 252 -29.87 10.45 -33.03
N GLY C 253 -29.47 10.29 -34.29
CA GLY C 253 -29.44 8.97 -34.87
C GLY C 253 -30.85 8.49 -35.16
N ASN C 254 -31.25 7.40 -34.51
CA ASN C 254 -32.58 6.84 -34.71
C ASN C 254 -33.61 7.34 -33.71
N ILE C 255 -33.14 7.86 -32.59
CA ILE C 255 -34.07 8.37 -31.58
C ILE C 255 -34.41 9.84 -31.79
N MET C 256 -35.55 10.25 -31.28
CA MET C 256 -35.99 11.62 -31.45
C MET C 256 -36.96 12.08 -30.37
N LEU C 257 -36.90 13.37 -30.05
CA LEU C 257 -37.80 13.98 -29.07
C LEU C 257 -38.41 15.18 -29.76
N GLU C 258 -39.72 15.13 -29.93
CA GLU C 258 -40.45 16.20 -30.58
C GLU C 258 -40.76 17.38 -29.64
N LYS C 259 -40.53 18.58 -30.14
CA LYS C 259 -40.79 19.81 -29.39
C LYS C 259 -40.22 19.81 -27.98
N ALA C 260 -38.94 19.45 -27.85
CA ALA C 260 -38.30 19.43 -26.54
C ALA C 260 -37.96 20.85 -26.09
N ASN C 261 -37.89 21.06 -24.78
CA ASN C 261 -37.49 22.38 -24.31
C ASN C 261 -35.98 22.41 -24.42
N CYS C 262 -35.44 23.51 -24.92
CA CYS C 262 -34.01 23.63 -25.06
C CYS C 262 -33.58 24.95 -24.43
N ILE C 263 -32.78 24.83 -23.38
CA ILE C 263 -32.28 25.99 -22.65
C ILE C 263 -30.91 26.35 -23.19
N VAL C 264 -30.79 27.54 -23.76
CA VAL C 264 -29.50 27.99 -24.29
C VAL C 264 -28.82 28.65 -23.11
N ASP C 265 -27.79 28.00 -22.58
CA ASP C 265 -27.14 28.51 -21.39
C ASP C 265 -25.62 28.37 -21.38
N SER C 266 -24.93 29.52 -21.46
CA SER C 266 -23.48 29.53 -21.44
C SER C 266 -22.97 29.09 -20.06
N GLY C 267 -23.88 29.03 -19.09
CA GLY C 267 -23.51 28.63 -17.74
C GLY C 267 -23.46 27.12 -17.50
N THR C 268 -23.73 26.36 -18.55
CA THR C 268 -23.69 24.90 -18.47
C THR C 268 -22.57 24.45 -19.39
N SER C 269 -21.63 23.68 -18.82
CA SER C 269 -20.46 23.19 -19.55
C SER C 269 -20.68 22.05 -20.53
N ALA C 270 -21.87 21.48 -20.54
CA ALA C 270 -22.12 20.36 -21.44
C ALA C 270 -23.44 20.46 -22.16
N ILE C 271 -23.73 19.42 -22.92
CA ILE C 271 -25.00 19.32 -23.59
C ILE C 271 -25.68 18.33 -22.64
N THR C 272 -26.80 18.71 -22.06
CA THR C 272 -27.47 17.78 -21.17
C THR C 272 -28.66 17.25 -21.94
N VAL C 273 -28.97 15.98 -21.73
CA VAL C 273 -30.08 15.32 -22.41
C VAL C 273 -30.80 14.45 -21.38
N PRO C 274 -32.07 14.11 -21.65
CA PRO C 274 -32.82 13.26 -20.71
C PRO C 274 -32.05 11.95 -20.53
N THR C 275 -31.96 11.46 -19.28
CA THR C 275 -31.22 10.23 -18.99
C THR C 275 -31.57 9.05 -19.89
N ASP C 276 -32.85 8.75 -20.05
CA ASP C 276 -33.25 7.64 -20.90
C ASP C 276 -32.77 7.86 -22.33
N PHE C 277 -32.91 9.08 -22.80
CA PHE C 277 -32.51 9.46 -24.15
C PHE C 277 -31.01 9.19 -24.31
N LEU C 278 -30.24 9.54 -23.29
CA LEU C 278 -28.80 9.32 -23.32
C LEU C 278 -28.50 7.82 -23.36
N ASN C 279 -29.19 7.06 -22.50
CA ASN C 279 -29.00 5.62 -22.45
C ASN C 279 -29.19 5.01 -23.83
N LYS C 280 -30.25 5.41 -24.53
CA LYS C 280 -30.49 4.88 -25.87
C LYS C 280 -29.33 5.23 -26.79
N MET C 281 -28.93 6.50 -26.79
CA MET C 281 -27.83 6.97 -27.61
C MET C 281 -26.60 6.09 -27.49
N LEU C 282 -26.13 5.93 -26.25
CA LEU C 282 -24.93 5.16 -25.94
C LEU C 282 -24.94 3.66 -26.23
N GLN C 283 -26.12 3.08 -26.44
CA GLN C 283 -26.20 1.65 -26.72
C GLN C 283 -25.32 1.25 -27.90
N ASN C 284 -24.29 0.46 -27.61
CA ASN C 284 -23.36 -0.02 -28.63
C ASN C 284 -22.50 1.03 -29.34
N LEU C 285 -22.37 2.21 -28.75
CA LEU C 285 -21.57 3.25 -29.38
C LEU C 285 -20.10 3.09 -29.01
N ASP C 286 -19.78 1.99 -28.34
CA ASP C 286 -18.41 1.74 -27.93
C ASP C 286 -17.96 2.86 -27.00
N VAL C 287 -18.86 3.23 -26.09
CA VAL C 287 -18.61 4.27 -25.09
C VAL C 287 -18.70 3.57 -23.75
N ILE C 288 -17.85 3.96 -22.81
CA ILE C 288 -17.84 3.31 -21.50
C ILE C 288 -17.87 4.31 -20.35
N LYS C 289 -18.57 3.95 -19.28
CA LYS C 289 -18.61 4.81 -18.11
C LYS C 289 -17.54 4.32 -17.16
N VAL C 290 -16.69 5.23 -16.70
CA VAL C 290 -15.63 4.87 -15.76
C VAL C 290 -16.29 4.45 -14.45
N PRO C 291 -15.97 3.25 -13.96
CA PRO C 291 -16.56 2.79 -12.71
C PRO C 291 -16.37 3.78 -11.57
N PHE C 292 -17.48 4.06 -10.88
CA PHE C 292 -17.49 4.98 -9.74
C PHE C 292 -17.13 6.43 -10.04
N LEU C 293 -17.00 6.79 -11.30
CA LEU C 293 -16.65 8.17 -11.65
C LEU C 293 -17.67 8.80 -12.62
N PRO C 294 -17.96 10.10 -12.43
CA PRO C 294 -18.89 10.95 -13.18
C PRO C 294 -18.54 11.29 -14.63
N PHE C 295 -18.28 10.29 -15.46
CA PHE C 295 -17.97 10.57 -16.86
C PHE C 295 -17.78 9.34 -17.75
N TYR C 296 -18.18 9.50 -19.01
CA TYR C 296 -18.07 8.44 -20.01
C TYR C 296 -16.83 8.65 -20.86
N VAL C 297 -16.23 7.55 -21.28
CA VAL C 297 -15.03 7.60 -22.10
C VAL C 297 -15.23 6.85 -23.41
N THR C 298 -14.59 7.33 -24.46
CA THR C 298 -14.71 6.71 -25.77
C THR C 298 -13.51 7.11 -26.63
N LEU C 299 -13.22 6.33 -27.66
CA LEU C 299 -12.13 6.67 -28.56
C LEU C 299 -12.55 7.94 -29.29
N CYS C 300 -11.67 8.92 -29.29
CA CYS C 300 -11.94 10.21 -29.94
C CYS C 300 -12.40 10.12 -31.39
N ASN C 301 -11.98 9.07 -32.11
CA ASN C 301 -12.36 8.94 -33.52
C ASN C 301 -13.54 7.99 -33.70
N ASN C 302 -14.17 7.62 -32.59
CA ASN C 302 -15.32 6.72 -32.62
C ASN C 302 -16.26 7.19 -33.73
N SER C 303 -16.48 6.35 -34.75
CA SER C 303 -17.34 6.72 -35.86
C SER C 303 -18.82 6.54 -35.60
N LYS C 304 -19.17 5.90 -34.50
CA LYS C 304 -20.59 5.69 -34.17
C LYS C 304 -21.18 6.91 -33.48
N LEU C 305 -20.32 7.82 -33.03
CA LEU C 305 -20.79 9.03 -32.35
C LEU C 305 -21.74 9.82 -33.23
N PRO C 306 -22.99 9.99 -32.78
CA PRO C 306 -24.03 10.71 -33.50
C PRO C 306 -23.89 12.23 -33.47
N THR C 307 -24.53 12.88 -34.42
CA THR C 307 -24.55 14.33 -34.51
C THR C 307 -25.93 14.75 -33.99
N PHE C 308 -25.95 15.67 -33.03
CA PHE C 308 -27.20 16.18 -32.49
C PHE C 308 -27.88 17.01 -33.59
N GLU C 309 -29.18 16.87 -33.72
CA GLU C 309 -29.93 17.65 -34.71
C GLU C 309 -31.16 18.28 -34.08
N PHE C 310 -31.20 19.60 -34.07
CA PHE C 310 -32.30 20.36 -33.50
C PHE C 310 -32.97 21.15 -34.60
N THR C 311 -34.29 21.05 -34.70
CA THR C 311 -34.99 21.77 -35.74
C THR C 311 -36.19 22.55 -35.24
N SER C 312 -36.47 23.64 -35.93
CA SER C 312 -37.61 24.50 -35.61
C SER C 312 -38.24 24.78 -36.96
N GLU C 313 -39.31 25.57 -36.97
CA GLU C 313 -39.98 25.91 -38.21
C GLU C 313 -39.11 26.86 -39.04
N ASN C 314 -38.13 27.49 -38.41
CA ASN C 314 -37.29 28.43 -39.14
C ASN C 314 -35.83 28.03 -39.32
N GLY C 315 -35.39 26.98 -38.64
CA GLY C 315 -34.01 26.59 -38.80
C GLY C 315 -33.66 25.19 -38.36
N LYS C 316 -32.43 24.80 -38.65
CA LYS C 316 -31.91 23.50 -38.28
C LYS C 316 -30.52 23.74 -37.72
N TYR C 317 -30.30 23.32 -36.49
CA TYR C 317 -29.03 23.50 -35.82
C TYR C 317 -28.47 22.12 -35.47
N THR C 318 -27.22 21.87 -35.83
CA THR C 318 -26.63 20.57 -35.54
C THR C 318 -25.35 20.70 -34.74
N LEU C 319 -25.02 19.65 -34.00
CA LEU C 319 -23.80 19.67 -33.21
C LEU C 319 -23.07 18.35 -33.44
N GLU C 320 -21.97 18.43 -34.19
CA GLU C 320 -21.17 17.29 -34.54
C GLU C 320 -20.34 16.86 -33.32
N PRO C 321 -19.95 15.57 -33.28
CA PRO C 321 -19.16 15.03 -32.16
C PRO C 321 -17.96 15.86 -31.70
N GLU C 322 -17.28 16.49 -32.65
CA GLU C 322 -16.11 17.29 -32.32
C GLU C 322 -16.42 18.32 -31.23
N TYR C 323 -17.63 18.87 -31.23
CA TYR C 323 -18.01 19.86 -30.22
C TYR C 323 -18.31 19.33 -28.82
N TYR C 324 -18.67 18.05 -28.72
CA TYR C 324 -18.96 17.50 -27.39
C TYR C 324 -17.93 16.47 -26.89
N LEU C 325 -16.77 16.45 -27.54
CA LEU C 325 -15.70 15.53 -27.13
C LEU C 325 -14.67 16.24 -26.29
N GLN C 326 -14.32 15.63 -25.15
CA GLN C 326 -13.33 16.17 -24.25
C GLN C 326 -12.10 15.28 -24.35
N HIS C 327 -11.07 15.79 -25.02
CA HIS C 327 -9.83 15.04 -25.24
C HIS C 327 -9.00 14.85 -23.96
N ILE C 328 -8.78 13.58 -23.60
CA ILE C 328 -7.99 13.23 -22.42
C ILE C 328 -6.97 12.17 -22.83
N GLU C 329 -6.46 12.28 -24.05
CA GLU C 329 -5.50 11.32 -24.56
C GLU C 329 -4.24 11.15 -23.71
N ASP C 330 -4.14 11.92 -22.62
CA ASP C 330 -3.00 11.81 -21.72
C ASP C 330 -3.31 10.76 -20.67
N VAL C 331 -4.59 10.41 -20.55
CA VAL C 331 -5.04 9.40 -19.61
C VAL C 331 -4.90 8.06 -20.32
N GLY C 332 -5.23 8.07 -21.60
CA GLY C 332 -5.14 6.88 -22.43
C GLY C 332 -5.10 7.32 -23.89
N PRO C 333 -4.23 6.70 -24.70
CA PRO C 333 -4.12 7.06 -26.11
C PRO C 333 -5.45 7.08 -26.84
N GLY C 334 -5.70 8.15 -27.59
CA GLY C 334 -6.93 8.27 -28.35
C GLY C 334 -8.23 8.27 -27.56
N LEU C 335 -8.17 8.59 -26.27
CA LEU C 335 -9.37 8.61 -25.44
C LEU C 335 -9.98 9.98 -25.22
N CYS C 336 -11.31 10.03 -25.27
CA CYS C 336 -12.05 11.26 -25.05
C CYS C 336 -13.20 11.01 -24.07
N MET C 337 -13.57 12.04 -23.32
CA MET C 337 -14.72 11.95 -22.41
C MET C 337 -15.89 12.60 -23.15
N LEU C 338 -17.08 12.04 -23.02
CA LEU C 338 -18.24 12.61 -23.68
C LEU C 338 -18.75 13.75 -22.84
N ASN C 339 -18.84 14.94 -23.43
CA ASN C 339 -19.32 16.08 -22.70
C ASN C 339 -20.83 16.18 -22.85
N ILE C 340 -21.48 15.09 -22.50
CA ILE C 340 -22.92 14.94 -22.56
C ILE C 340 -23.30 14.39 -21.19
N ILE C 341 -24.24 15.05 -20.54
CA ILE C 341 -24.69 14.64 -19.22
C ILE C 341 -26.16 14.30 -19.20
N GLY C 342 -26.50 13.25 -18.45
CA GLY C 342 -27.89 12.86 -18.32
C GLY C 342 -28.53 13.73 -17.26
N LEU C 343 -29.60 14.42 -17.62
CA LEU C 343 -30.27 15.30 -16.69
C LEU C 343 -31.73 15.40 -17.05
N ASP C 344 -32.60 15.09 -16.08
CA ASP C 344 -34.03 15.14 -16.32
C ASP C 344 -34.71 16.33 -15.67
N PHE C 345 -35.58 16.97 -16.43
CA PHE C 345 -36.36 18.08 -15.94
C PHE C 345 -37.76 17.48 -15.89
N PRO C 346 -38.72 18.18 -15.30
CA PRO C 346 -40.07 17.63 -15.23
C PRO C 346 -40.56 17.15 -16.61
N VAL C 347 -40.05 17.77 -17.67
CA VAL C 347 -40.41 17.40 -19.04
C VAL C 347 -39.13 17.25 -19.86
N PRO C 348 -39.20 16.55 -21.00
CA PRO C 348 -38.00 16.38 -21.83
C PRO C 348 -37.32 17.71 -22.10
N THR C 349 -36.07 17.83 -21.66
CA THR C 349 -35.33 19.07 -21.81
C THR C 349 -33.86 18.85 -22.12
N PHE C 350 -33.34 19.71 -22.98
CA PHE C 350 -31.93 19.69 -23.36
C PHE C 350 -31.35 21.02 -22.94
N ILE C 351 -30.15 21.03 -22.38
CA ILE C 351 -29.52 22.30 -22.07
C ILE C 351 -28.46 22.42 -23.15
N LEU C 352 -28.61 23.40 -24.02
CA LEU C 352 -27.64 23.62 -25.08
C LEU C 352 -26.61 24.53 -24.43
N GLY C 353 -25.65 23.89 -23.78
CA GLY C 353 -24.61 24.62 -23.09
C GLY C 353 -23.45 25.05 -23.96
N ASP C 354 -22.32 25.24 -23.30
CA ASP C 354 -21.09 25.67 -23.94
C ASP C 354 -20.78 25.03 -25.31
N PRO C 355 -20.84 23.68 -25.42
CA PRO C 355 -20.52 23.05 -26.71
C PRO C 355 -21.34 23.58 -27.88
N PHE C 356 -22.62 23.81 -27.65
CA PHE C 356 -23.49 24.31 -28.71
C PHE C 356 -23.15 25.77 -29.05
N MET C 357 -22.84 26.54 -28.01
CA MET C 357 -22.51 27.95 -28.18
C MET C 357 -21.11 28.17 -28.71
N ARG C 358 -20.31 27.11 -28.80
CA ARG C 358 -18.96 27.23 -29.37
C ARG C 358 -19.16 27.19 -30.88
N LYS C 359 -20.22 26.53 -31.32
CA LYS C 359 -20.49 26.46 -32.75
C LYS C 359 -21.38 27.61 -33.22
N TYR C 360 -22.35 27.97 -32.39
CA TYR C 360 -23.30 29.02 -32.75
C TYR C 360 -23.25 30.27 -31.90
N PHE C 361 -23.24 31.42 -32.58
CA PHE C 361 -23.27 32.73 -31.92
C PHE C 361 -24.71 32.83 -31.45
N THR C 362 -24.93 33.39 -30.26
CA THR C 362 -26.29 33.50 -29.76
C THR C 362 -26.64 34.89 -29.26
N VAL C 363 -27.88 35.28 -29.51
CA VAL C 363 -28.37 36.60 -29.12
C VAL C 363 -29.53 36.39 -28.18
N PHE C 364 -29.48 37.06 -27.03
CA PHE C 364 -30.53 36.95 -26.04
C PHE C 364 -31.25 38.28 -26.01
N ASP C 365 -32.44 38.28 -26.62
CA ASP C 365 -33.23 39.48 -26.77
C ASP C 365 -34.39 39.59 -25.77
N TYR C 366 -34.25 40.51 -24.82
CA TYR C 366 -35.28 40.75 -23.81
C TYR C 366 -36.49 41.42 -24.46
N ASP C 367 -36.24 42.46 -25.26
CA ASP C 367 -37.30 43.22 -25.92
C ASP C 367 -38.21 42.33 -26.76
N ASN C 368 -37.61 41.40 -27.49
CA ASN C 368 -38.36 40.52 -28.37
C ASN C 368 -38.57 39.09 -27.85
N HIS C 369 -38.21 38.86 -26.59
CA HIS C 369 -38.35 37.52 -25.98
C HIS C 369 -37.93 36.42 -26.93
N SER C 370 -36.69 36.45 -27.36
CA SER C 370 -36.23 35.44 -28.28
C SER C 370 -34.73 35.24 -28.17
N VAL C 371 -34.27 34.20 -28.84
CA VAL C 371 -32.86 33.87 -28.90
C VAL C 371 -32.50 33.86 -30.38
N GLY C 372 -31.48 34.60 -30.76
CA GLY C 372 -31.05 34.64 -32.15
C GLY C 372 -29.90 33.67 -32.28
N ILE C 373 -29.84 32.95 -33.40
CA ILE C 373 -28.81 31.95 -33.62
C ILE C 373 -28.22 32.08 -35.01
N ALA C 374 -26.90 31.94 -35.11
CA ALA C 374 -26.24 31.97 -36.40
C ALA C 374 -24.89 31.31 -36.20
N LEU C 375 -24.35 30.74 -37.27
CA LEU C 375 -23.05 30.09 -37.20
C LEU C 375 -22.05 31.12 -36.71
N ALA C 376 -21.29 30.77 -35.68
CA ALA C 376 -20.30 31.70 -35.16
C ALA C 376 -19.11 31.75 -36.12
N LYS C 377 -18.51 32.93 -36.28
CA LYS C 377 -17.32 33.02 -37.12
C LYS C 377 -16.19 32.45 -36.28
N LYS C 378 -15.54 31.41 -36.79
CA LYS C 378 -14.45 30.79 -36.04
C LYS C 378 -13.23 31.68 -35.92
N ASN C 379 -12.93 32.42 -36.98
CA ASN C 379 -11.78 33.30 -36.97
C ASN C 379 -12.19 34.73 -37.27
N LEU C 380 -12.01 35.60 -36.29
CA LEU C 380 -12.37 37.01 -36.45
C LEU C 380 -11.37 37.73 -37.34
N HIS D 6 26.90 -49.79 18.30
CA HIS D 6 27.38 -48.43 18.70
C HIS D 6 26.28 -47.71 19.49
N LEU D 7 26.70 -46.85 20.42
CA LEU D 7 25.75 -46.11 21.23
C LEU D 7 25.15 -44.90 20.52
N THR D 8 23.82 -44.82 20.51
CA THR D 8 23.14 -43.68 19.92
C THR D 8 22.28 -43.06 20.99
N ILE D 9 22.47 -41.78 21.26
CA ILE D 9 21.65 -41.11 22.26
C ILE D 9 20.87 -40.00 21.59
N GLY D 10 19.65 -39.80 22.05
CA GLY D 10 18.83 -38.75 21.49
C GLY D 10 18.98 -37.50 22.32
N PHE D 11 18.76 -36.34 21.70
CA PHE D 11 18.86 -35.08 22.41
C PHE D 11 17.77 -34.14 21.91
N LYS D 12 17.38 -33.21 22.75
CA LYS D 12 16.36 -32.25 22.39
C LYS D 12 17.02 -31.00 21.85
N VAL D 13 16.35 -30.30 20.94
CA VAL D 13 16.89 -29.10 20.33
C VAL D 13 16.05 -27.85 20.50
N GLU D 14 16.70 -26.75 20.87
CA GLU D 14 16.04 -25.46 21.01
C GLU D 14 16.70 -24.60 19.95
N ASN D 15 15.98 -24.26 18.89
CA ASN D 15 16.55 -23.45 17.83
C ASN D 15 16.19 -21.97 17.92
N ALA D 16 16.73 -21.18 16.99
CA ALA D 16 16.48 -19.76 16.95
C ALA D 16 14.99 -19.45 16.90
N HIS D 17 14.26 -20.22 16.10
CA HIS D 17 12.83 -19.99 16.00
C HIS D 17 12.15 -20.19 17.34
N ASP D 18 12.55 -21.22 18.08
CA ASP D 18 11.93 -21.44 19.38
C ASP D 18 12.05 -20.20 20.24
N ARG D 19 13.25 -19.65 20.33
CA ARG D 19 13.45 -18.45 21.13
C ARG D 19 12.79 -17.21 20.56
N ILE D 20 12.66 -17.14 19.23
CA ILE D 20 11.99 -16.00 18.63
C ILE D 20 10.52 -16.07 19.03
N LEU D 21 9.98 -17.29 19.06
CA LEU D 21 8.58 -17.48 19.45
C LEU D 21 8.36 -17.01 20.89
N LYS D 22 9.31 -17.31 21.76
CA LYS D 22 9.21 -16.91 23.17
C LYS D 22 9.21 -15.39 23.31
N THR D 23 10.08 -14.73 22.54
CA THR D 23 10.16 -13.28 22.58
C THR D 23 8.83 -12.68 22.14
N ILE D 24 8.36 -13.13 20.97
CA ILE D 24 7.11 -12.64 20.42
C ILE D 24 5.97 -12.77 21.44
N LYS D 25 5.92 -13.90 22.13
CA LYS D 25 4.88 -14.14 23.12
C LYS D 25 5.08 -13.24 24.34
N THR D 26 6.24 -13.36 24.97
CA THR D 26 6.54 -12.57 26.16
C THR D 26 6.26 -11.08 25.98
N HIS D 27 6.60 -10.53 24.81
CA HIS D 27 6.38 -9.11 24.58
C HIS D 27 5.21 -8.85 23.63
N LYS D 28 4.44 -9.88 23.34
CA LYS D 28 3.29 -9.74 22.44
C LYS D 28 3.69 -8.88 21.24
N LEU D 29 4.39 -9.49 20.29
CA LEU D 29 4.85 -8.77 19.12
C LEU D 29 4.32 -9.30 17.79
N LYS D 30 3.30 -10.15 17.85
CA LYS D 30 2.72 -10.69 16.62
C LYS D 30 2.37 -9.59 15.63
N ASN D 31 1.68 -8.56 16.11
CA ASN D 31 1.26 -7.45 15.26
C ASN D 31 2.41 -6.56 14.83
N TYR D 32 3.37 -6.34 15.72
CA TYR D 32 4.51 -5.51 15.36
C TYR D 32 5.16 -6.11 14.12
N ILE D 33 5.43 -7.41 14.17
CA ILE D 33 6.05 -8.12 13.06
C ILE D 33 5.19 -7.99 11.80
N LYS D 34 3.91 -8.26 11.95
CA LYS D 34 2.97 -8.20 10.84
C LYS D 34 2.99 -6.80 10.21
N GLU D 35 2.89 -5.77 11.04
CA GLU D 35 2.90 -4.40 10.55
C GLU D 35 4.23 -4.02 9.89
N SER D 36 5.33 -4.53 10.44
CA SER D 36 6.64 -4.23 9.88
C SER D 36 6.81 -4.88 8.52
N VAL D 37 6.34 -6.11 8.40
CA VAL D 37 6.44 -6.83 7.14
C VAL D 37 5.68 -6.08 6.05
N ASN D 38 4.48 -5.63 6.39
CA ASN D 38 3.65 -4.89 5.43
C ASN D 38 4.35 -3.62 4.95
N PHE D 39 4.74 -2.77 5.89
CA PHE D 39 5.40 -1.50 5.56
C PHE D 39 6.71 -1.68 4.79
N LEU D 40 7.50 -2.68 5.19
CA LEU D 40 8.79 -2.91 4.55
C LEU D 40 8.76 -3.49 3.13
N ASN D 41 7.61 -3.98 2.70
CA ASN D 41 7.50 -4.53 1.34
C ASN D 41 6.84 -3.55 0.38
N SER D 42 6.30 -2.45 0.93
CA SER D 42 5.66 -1.45 0.10
C SER D 42 6.72 -0.64 -0.64
N GLY D 43 6.28 0.35 -1.40
CA GLY D 43 7.22 1.16 -2.15
C GLY D 43 7.63 2.43 -1.42
N LEU D 44 7.21 2.56 -0.17
CA LEU D 44 7.54 3.73 0.63
C LEU D 44 9.01 3.72 1.02
N THR D 45 9.75 2.72 0.55
CA THR D 45 11.17 2.59 0.83
C THR D 45 11.92 2.31 -0.46
N LYS D 46 13.00 3.06 -0.68
CA LYS D 46 13.82 2.90 -1.89
C LYS D 46 14.18 1.44 -2.12
N THR D 47 14.52 0.74 -1.04
CA THR D 47 14.88 -0.68 -1.13
C THR D 47 14.29 -1.45 0.05
N ASN D 48 14.53 -2.74 0.09
CA ASN D 48 14.02 -3.59 1.17
C ASN D 48 15.01 -3.61 2.33
N TYR D 49 14.52 -3.27 3.52
CA TYR D 49 15.35 -3.25 4.72
C TYR D 49 15.87 -4.63 5.06
N LEU D 50 17.17 -4.73 5.29
CA LEU D 50 17.79 -5.99 5.65
C LEU D 50 18.64 -5.83 6.91
N GLY D 51 18.38 -4.75 7.65
CA GLY D 51 19.11 -4.48 8.87
C GLY D 51 20.02 -3.28 8.75
N SER D 52 20.72 -2.96 9.83
CA SER D 52 21.66 -1.84 9.85
C SER D 52 22.69 -2.10 10.93
N SER D 53 23.78 -1.34 10.92
CA SER D 53 24.83 -1.51 11.91
C SER D 53 24.24 -1.34 13.30
N ASN D 54 23.08 -0.70 13.36
CA ASN D 54 22.40 -0.48 14.63
C ASN D 54 21.33 -1.53 14.90
N ASP D 55 20.97 -2.28 13.86
CA ASP D 55 19.96 -3.32 13.99
C ASP D 55 20.38 -4.56 13.22
N ASN D 56 21.11 -5.45 13.88
CA ASN D 56 21.59 -6.66 13.23
C ASN D 56 21.34 -7.93 14.03
N ILE D 57 21.74 -9.05 13.45
CA ILE D 57 21.58 -10.36 14.08
C ILE D 57 22.91 -10.87 14.61
N GLU D 58 22.87 -11.49 15.78
CA GLU D 58 24.06 -12.03 16.41
C GLU D 58 24.04 -13.56 16.33
N LEU D 59 25.21 -14.17 16.18
CA LEU D 59 25.27 -15.62 16.10
C LEU D 59 24.58 -16.26 17.31
N VAL D 60 24.67 -15.61 18.47
CA VAL D 60 24.05 -16.14 19.68
C VAL D 60 22.54 -16.30 19.49
N ASP D 61 21.93 -15.41 18.71
CA ASP D 61 20.50 -15.49 18.44
C ASP D 61 20.16 -16.77 17.71
N PHE D 62 21.15 -17.34 17.02
CA PHE D 62 20.90 -18.56 16.27
C PHE D 62 21.65 -19.79 16.77
N GLN D 63 21.74 -19.93 18.09
CA GLN D 63 22.38 -21.10 18.68
C GLN D 63 21.36 -22.23 18.62
N ASN D 64 21.81 -23.42 18.27
CA ASN D 64 20.95 -24.59 18.18
C ASN D 64 21.32 -25.39 19.44
N ILE D 65 20.62 -25.12 20.55
CA ILE D 65 20.94 -25.80 21.81
C ILE D 65 20.45 -27.25 21.85
N MET D 66 21.43 -28.15 22.00
CA MET D 66 21.17 -29.59 22.04
C MET D 66 21.31 -30.14 23.46
N PHE D 67 20.17 -30.53 24.04
CA PHE D 67 20.15 -31.04 25.41
C PHE D 67 20.12 -32.56 25.55
N TYR D 68 20.92 -33.06 26.48
CA TYR D 68 20.98 -34.48 26.81
C TYR D 68 20.96 -34.53 28.35
N GLY D 69 19.97 -35.19 28.93
CA GLY D 69 19.87 -35.20 30.38
C GLY D 69 20.14 -36.48 31.14
N ASP D 70 20.67 -37.50 30.49
CA ASP D 70 20.90 -38.75 31.19
C ASP D 70 22.36 -39.06 31.51
N ALA D 71 23.23 -38.06 31.43
CA ALA D 71 24.64 -38.27 31.74
C ALA D 71 24.85 -38.25 33.24
N GLU D 72 25.89 -38.94 33.71
CA GLU D 72 26.17 -38.99 35.15
C GLU D 72 27.65 -38.80 35.41
N VAL D 73 27.98 -38.24 36.56
CA VAL D 73 29.37 -38.04 36.93
C VAL D 73 29.56 -38.54 38.35
N GLY D 74 30.66 -39.25 38.59
CA GLY D 74 30.93 -39.78 39.92
C GLY D 74 30.53 -41.24 40.04
N ASP D 75 31.18 -42.00 40.92
CA ASP D 75 30.82 -43.40 41.05
C ASP D 75 29.49 -43.52 41.80
N ASN D 76 29.00 -42.41 42.33
CA ASN D 76 27.71 -42.40 43.00
C ASN D 76 26.71 -41.86 42.00
N GLN D 77 27.13 -41.87 40.74
CA GLN D 77 26.34 -41.42 39.60
C GLN D 77 25.46 -40.19 39.80
N GLN D 78 26.12 -39.03 39.91
CA GLN D 78 25.43 -37.76 40.09
C GLN D 78 24.89 -37.29 38.75
N PRO D 79 23.59 -36.96 38.70
CA PRO D 79 22.85 -36.49 37.53
C PRO D 79 23.18 -35.09 37.00
N PHE D 80 23.14 -34.95 35.68
CA PHE D 80 23.43 -33.69 35.01
C PHE D 80 22.76 -33.60 33.64
N THR D 81 22.43 -32.38 33.25
CA THR D 81 21.87 -32.11 31.94
C THR D 81 23.01 -31.41 31.21
N PHE D 82 23.42 -31.97 30.09
CA PHE D 82 24.51 -31.38 29.33
C PHE D 82 23.99 -30.95 27.97
N ILE D 83 24.60 -29.92 27.40
CA ILE D 83 24.23 -29.49 26.07
C ILE D 83 25.48 -29.82 25.27
N LEU D 84 25.31 -30.08 23.98
CA LEU D 84 26.43 -30.45 23.13
C LEU D 84 27.07 -29.20 22.52
N ASP D 85 28.39 -29.22 22.42
CA ASP D 85 29.13 -28.10 21.85
C ASP D 85 30.20 -28.69 20.94
N THR D 86 30.00 -28.59 19.62
CA THR D 86 30.95 -29.14 18.68
C THR D 86 32.19 -28.25 18.55
N GLY D 87 32.22 -27.16 19.31
CA GLY D 87 33.33 -26.24 19.25
C GLY D 87 34.29 -26.25 20.43
N SER D 88 34.08 -27.19 21.35
N SER D 88 34.08 -27.19 21.35
CA SER D 88 34.94 -27.30 22.53
CA SER D 88 34.94 -27.31 22.53
C SER D 88 35.32 -28.76 22.77
C SER D 88 35.32 -28.77 22.76
N ALA D 89 36.53 -28.98 23.27
CA ALA D 89 37.00 -30.34 23.53
C ALA D 89 36.69 -30.80 24.94
N ASN D 90 36.38 -29.88 25.84
CA ASN D 90 36.14 -30.28 27.22
C ASN D 90 34.71 -30.49 27.62
N LEU D 91 34.59 -31.10 28.79
CA LEU D 91 33.31 -31.35 29.42
C LEU D 91 33.38 -30.49 30.68
N TRP D 92 32.42 -29.57 30.80
N TRP D 92 32.50 -29.49 30.82
CA TRP D 92 32.36 -28.65 31.93
CA TRP D 92 32.56 -28.74 32.07
C TRP D 92 31.20 -29.04 32.84
C TRP D 92 31.29 -28.98 32.84
N VAL D 93 31.47 -29.16 34.14
CA VAL D 93 30.38 -29.47 35.05
C VAL D 93 30.43 -28.50 36.22
N PRO D 94 29.27 -27.97 36.63
CA PRO D 94 29.19 -27.03 37.76
C PRO D 94 29.44 -27.76 39.07
N SER D 95 30.30 -27.16 39.91
CA SER D 95 30.66 -27.76 41.20
C SER D 95 29.75 -27.33 42.33
N VAL D 96 29.70 -28.16 43.37
CA VAL D 96 28.90 -27.83 44.55
C VAL D 96 29.60 -26.65 45.23
N LYS D 97 30.85 -26.42 44.83
CA LYS D 97 31.64 -25.30 45.38
C LYS D 97 31.25 -24.00 44.69
N CYS D 98 30.37 -24.09 43.69
CA CYS D 98 29.89 -22.89 43.03
C CYS D 98 28.62 -22.59 43.83
N THR D 99 28.60 -21.48 44.53
CA THR D 99 27.46 -21.16 45.38
C THR D 99 26.74 -19.86 45.05
N THR D 100 26.86 -19.41 43.80
CA THR D 100 26.18 -18.21 43.34
C THR D 100 24.70 -18.56 43.24
N ALA D 101 23.84 -17.55 43.17
CA ALA D 101 22.41 -17.81 43.07
C ALA D 101 22.14 -18.69 41.84
N GLY D 102 22.88 -18.44 40.77
CA GLY D 102 22.70 -19.22 39.55
C GLY D 102 23.01 -20.70 39.74
N CYS D 103 24.14 -20.98 40.37
CA CYS D 103 24.54 -22.35 40.62
C CYS D 103 23.60 -23.09 41.54
N LEU D 104 23.05 -22.39 42.52
CA LEU D 104 22.14 -23.03 43.45
C LEU D 104 20.88 -23.57 42.75
N THR D 105 20.65 -23.18 41.50
CA THR D 105 19.48 -23.67 40.77
C THR D 105 19.81 -24.84 39.84
N LYS D 106 21.09 -25.21 39.80
CA LYS D 106 21.56 -26.29 38.93
C LYS D 106 21.90 -27.56 39.70
N HIS D 107 22.14 -28.64 38.96
CA HIS D 107 22.55 -29.90 39.58
C HIS D 107 24.06 -29.75 39.66
N LEU D 108 24.61 -29.90 40.86
CA LEU D 108 26.04 -29.71 41.03
C LEU D 108 26.83 -30.97 41.35
N TYR D 109 28.10 -30.97 40.95
CA TYR D 109 29.00 -32.09 41.19
C TYR D 109 29.64 -31.97 42.57
N ASP D 110 29.53 -33.03 43.36
CA ASP D 110 30.12 -33.07 44.69
C ASP D 110 31.18 -34.16 44.71
N SER D 111 32.45 -33.76 44.59
CA SER D 111 33.54 -34.73 44.56
C SER D 111 33.77 -35.50 45.85
N SER D 112 33.25 -35.00 46.96
CA SER D 112 33.46 -35.67 48.25
C SER D 112 32.57 -36.90 48.39
N LYS D 113 31.61 -37.06 47.49
CA LYS D 113 30.71 -38.20 47.56
C LYS D 113 31.00 -39.24 46.48
N SER D 114 32.16 -39.12 45.84
CA SER D 114 32.56 -40.04 44.79
C SER D 114 33.93 -40.66 45.05
N ARG D 115 33.94 -41.96 45.32
CA ARG D 115 35.19 -42.67 45.59
C ARG D 115 36.15 -42.67 44.41
N THR D 116 35.61 -42.56 43.21
CA THR D 116 36.42 -42.57 42.00
C THR D 116 36.99 -41.21 41.63
N TYR D 117 36.69 -40.20 42.44
CA TYR D 117 37.19 -38.85 42.21
C TYR D 117 38.71 -38.81 42.34
N GLU D 118 39.37 -38.22 41.35
CA GLU D 118 40.83 -38.07 41.38
C GLU D 118 41.10 -36.58 41.20
N LYS D 119 41.69 -35.97 42.23
CA LYS D 119 41.98 -34.55 42.17
C LYS D 119 43.03 -34.19 41.12
N ASP D 120 42.93 -32.97 40.60
CA ASP D 120 43.87 -32.46 39.63
C ASP D 120 44.14 -31.05 40.14
N GLY D 121 43.13 -30.20 40.06
CA GLY D 121 43.26 -28.83 40.56
C GLY D 121 43.77 -27.79 39.59
N THR D 122 44.24 -28.22 38.42
CA THR D 122 44.72 -27.26 37.43
C THR D 122 43.59 -26.29 37.12
N LYS D 123 43.84 -25.01 37.36
CA LYS D 123 42.84 -23.97 37.14
C LYS D 123 42.54 -23.70 35.67
N VAL D 124 41.32 -23.26 35.41
CA VAL D 124 40.87 -22.94 34.06
C VAL D 124 40.03 -21.68 34.06
N GLU D 125 40.46 -20.69 33.30
CA GLU D 125 39.75 -19.42 33.21
C GLU D 125 38.95 -19.35 31.91
N MET D 126 38.87 -20.48 31.21
CA MET D 126 38.15 -20.56 29.95
C MET D 126 36.64 -20.65 30.19
N VAL D 133 32.97 -18.64 32.63
CA VAL D 133 33.14 -19.93 33.36
C VAL D 133 34.56 -20.13 33.85
N SER D 134 34.72 -20.22 35.18
CA SER D 134 36.01 -20.39 35.82
C SER D 134 36.02 -21.63 36.72
N GLY D 135 37.10 -22.42 36.65
CA GLY D 135 37.17 -23.62 37.47
C GLY D 135 38.52 -24.31 37.49
N PHE D 136 38.50 -25.63 37.68
CA PHE D 136 39.72 -26.43 37.72
C PHE D 136 39.44 -27.86 37.25
N PHE D 137 40.45 -28.54 36.73
CA PHE D 137 40.27 -29.91 36.29
C PHE D 137 40.10 -30.90 37.43
N SER D 138 39.23 -31.87 37.19
CA SER D 138 38.95 -32.94 38.14
C SER D 138 38.72 -34.19 37.29
N LYS D 139 39.05 -35.35 37.84
CA LYS D 139 38.85 -36.58 37.10
C LYS D 139 37.89 -37.48 37.86
N ASP D 140 36.95 -38.07 37.13
CA ASP D 140 35.99 -38.98 37.75
C ASP D 140 35.25 -39.76 36.68
N LEU D 141 34.42 -40.69 37.13
CA LEU D 141 33.67 -41.55 36.24
C LEU D 141 32.55 -40.74 35.56
N VAL D 142 32.60 -40.67 34.24
CA VAL D 142 31.58 -39.97 33.47
C VAL D 142 30.84 -41.04 32.70
N THR D 143 29.52 -41.01 32.77
CA THR D 143 28.71 -42.01 32.10
C THR D 143 27.73 -41.40 31.10
N VAL D 144 27.74 -41.96 29.88
CA VAL D 144 26.85 -41.53 28.82
C VAL D 144 26.26 -42.80 28.23
N GLY D 145 24.99 -43.02 28.49
CA GLY D 145 24.35 -44.23 27.98
C GLY D 145 25.00 -45.45 28.60
N ASN D 146 25.43 -46.38 27.77
CA ASN D 146 26.06 -47.60 28.26
C ASN D 146 27.58 -47.43 28.27
N LEU D 147 28.04 -46.22 27.99
CA LEU D 147 29.48 -45.93 28.00
C LEU D 147 29.81 -45.23 29.30
N SER D 148 30.88 -45.68 29.95
CA SER D 148 31.31 -45.10 31.21
C SER D 148 32.83 -45.17 31.26
N LEU D 149 33.46 -44.08 31.70
CA LEU D 149 34.91 -44.05 31.77
C LEU D 149 35.43 -42.95 32.68
N PRO D 150 36.58 -43.16 33.32
CA PRO D 150 37.12 -42.12 34.19
C PRO D 150 37.55 -41.03 33.18
N TYR D 151 37.07 -39.81 33.37
CA TYR D 151 37.40 -38.72 32.44
C TYR D 151 37.75 -37.43 33.17
N LYS D 152 38.65 -36.64 32.60
CA LYS D 152 39.04 -35.39 33.21
C LYS D 152 38.22 -34.23 32.66
N PHE D 153 37.35 -33.69 33.51
CA PHE D 153 36.49 -32.58 33.13
C PHE D 153 36.87 -31.33 33.91
N ILE D 154 36.21 -30.23 33.56
CA ILE D 154 36.44 -28.96 34.23
C ILE D 154 35.33 -28.77 35.27
N GLU D 155 35.71 -28.71 36.53
CA GLU D 155 34.76 -28.50 37.62
C GLU D 155 34.66 -26.99 37.72
N VAL D 156 33.49 -26.43 37.49
CA VAL D 156 33.32 -24.98 37.50
C VAL D 156 32.84 -24.40 38.82
N ILE D 157 33.56 -23.41 39.32
CA ILE D 157 33.21 -22.76 40.59
C ILE D 157 32.71 -21.32 40.40
N ASP D 158 32.87 -20.77 39.21
CA ASP D 158 32.43 -19.41 38.93
C ASP D 158 31.91 -19.26 37.51
N THR D 159 30.64 -18.87 37.40
CA THR D 159 29.99 -18.71 36.10
C THR D 159 29.37 -17.33 35.90
N ASN D 160 29.59 -16.41 36.84
CA ASN D 160 29.03 -15.07 36.74
C ASN D 160 29.24 -14.41 35.38
N GLY D 161 30.43 -14.59 34.81
CA GLY D 161 30.69 -14.03 33.50
C GLY D 161 29.93 -14.84 32.46
N PHE D 162 28.73 -15.27 32.83
CA PHE D 162 27.88 -16.08 31.97
C PHE D 162 26.62 -16.42 32.74
N GLU D 163 26.64 -16.09 34.04
CA GLU D 163 25.52 -16.35 34.95
C GLU D 163 24.16 -15.93 34.41
N PRO D 164 24.07 -14.71 33.83
CA PRO D 164 22.79 -14.25 33.29
C PRO D 164 22.18 -15.27 32.34
N THR D 165 22.95 -15.65 31.33
CA THR D 165 22.52 -16.63 30.35
C THR D 165 22.35 -17.98 31.03
N TYR D 166 23.39 -18.41 31.73
CA TYR D 166 23.40 -19.69 32.43
C TYR D 166 22.15 -19.90 33.28
N THR D 167 21.86 -18.96 34.17
CA THR D 167 20.70 -19.06 35.05
C THR D 167 19.41 -19.13 34.24
N ALA D 168 19.37 -18.45 33.11
CA ALA D 168 18.18 -18.45 32.26
C ALA D 168 18.03 -19.77 31.53
N SER D 169 19.16 -20.36 31.15
CA SER D 169 19.16 -21.64 30.43
C SER D 169 18.69 -22.79 31.31
N THR D 170 18.49 -23.95 30.69
CA THR D 170 18.03 -25.13 31.41
C THR D 170 19.02 -26.30 31.40
N PHE D 171 20.31 -26.01 31.37
CA PHE D 171 21.30 -27.08 31.39
C PHE D 171 22.25 -26.86 32.56
N ASP D 172 23.06 -27.87 32.87
CA ASP D 172 24.02 -27.76 33.97
C ASP D 172 25.43 -27.65 33.45
N GLY D 173 25.77 -28.51 32.51
CA GLY D 173 27.11 -28.49 31.95
C GLY D 173 27.12 -28.57 30.44
N ILE D 174 28.33 -28.60 29.89
CA ILE D 174 28.52 -28.66 28.46
C ILE D 174 29.47 -29.79 28.12
N LEU D 175 29.08 -30.64 27.16
CA LEU D 175 29.92 -31.76 26.76
C LEU D 175 30.52 -31.42 25.39
N GLY D 176 31.85 -31.43 25.33
CA GLY D 176 32.51 -31.10 24.09
C GLY D 176 32.64 -32.17 23.03
N LEU D 177 32.31 -31.80 21.80
CA LEU D 177 32.41 -32.70 20.67
C LEU D 177 33.31 -32.03 19.64
N GLY D 178 34.15 -31.13 20.15
CA GLY D 178 35.08 -30.43 19.29
C GLY D 178 36.49 -30.97 19.43
N TRP D 179 37.46 -30.18 19.00
CA TRP D 179 38.87 -30.58 19.03
C TRP D 179 39.66 -30.01 20.19
N LYS D 180 40.60 -30.83 20.68
CA LYS D 180 41.46 -30.43 21.78
C LYS D 180 42.19 -29.12 21.47
N ASP D 181 42.31 -28.27 22.47
CA ASP D 181 42.98 -26.98 22.32
C ASP D 181 43.91 -26.72 23.50
N LEU D 182 45.21 -26.88 23.25
CA LEU D 182 46.25 -26.71 24.25
C LEU D 182 46.14 -25.50 25.19
N SER D 183 45.67 -24.37 24.68
CA SER D 183 45.54 -23.17 25.51
C SER D 183 44.62 -23.39 26.71
N ILE D 184 43.61 -24.24 26.54
CA ILE D 184 42.68 -24.52 27.62
C ILE D 184 43.19 -25.70 28.43
N GLY D 185 43.60 -26.76 27.73
CA GLY D 185 44.11 -27.94 28.39
C GLY D 185 44.65 -28.99 27.42
N SER D 186 45.24 -30.04 27.97
CA SER D 186 45.81 -31.11 27.17
C SER D 186 44.97 -32.37 27.27
N VAL D 187 43.69 -32.21 27.56
CA VAL D 187 42.78 -33.35 27.70
C VAL D 187 42.05 -33.61 26.37
N ASP D 188 42.01 -34.87 25.95
CA ASP D 188 41.33 -35.19 24.71
C ASP D 188 39.83 -35.13 24.94
N PRO D 189 39.07 -34.86 23.88
CA PRO D 189 37.61 -34.79 24.01
C PRO D 189 37.13 -36.16 24.46
N ILE D 190 35.97 -36.22 25.10
CA ILE D 190 35.47 -37.48 25.60
C ILE D 190 35.36 -38.61 24.55
N VAL D 191 35.01 -38.27 23.32
CA VAL D 191 34.91 -39.30 22.28
C VAL D 191 36.26 -39.94 21.98
N VAL D 192 37.29 -39.11 21.92
CA VAL D 192 38.64 -39.61 21.67
C VAL D 192 39.09 -40.45 22.84
N GLU D 193 38.79 -39.99 24.05
CA GLU D 193 39.19 -40.72 25.26
C GLU D 193 38.50 -42.07 25.32
N LEU D 194 37.24 -42.13 24.89
CA LEU D 194 36.51 -43.39 24.87
C LEU D 194 37.23 -44.39 23.98
N LYS D 195 37.70 -43.91 22.83
CA LYS D 195 38.43 -44.76 21.90
C LYS D 195 39.78 -45.15 22.52
N ASN D 196 40.40 -44.23 23.24
CA ASN D 196 41.70 -44.51 23.88
C ASN D 196 41.57 -45.63 24.91
N GLN D 197 40.42 -45.68 25.57
CA GLN D 197 40.18 -46.70 26.58
C GLN D 197 39.54 -47.93 26.00
N ASN D 198 39.55 -48.00 24.67
CA ASN D 198 39.01 -49.15 23.96
C ASN D 198 37.57 -49.44 24.37
N LYS D 199 36.80 -48.38 24.56
CA LYS D 199 35.40 -48.50 24.95
C LYS D 199 34.46 -48.35 23.75
N ILE D 200 35.00 -47.82 22.67
CA ILE D 200 34.24 -47.65 21.42
C ILE D 200 35.16 -48.10 20.30
N GLU D 201 34.57 -48.54 19.20
CA GLU D 201 35.33 -49.05 18.06
C GLU D 201 36.16 -48.00 17.33
N ASN D 202 35.60 -46.80 17.16
CA ASN D 202 36.29 -45.74 16.45
C ASN D 202 36.12 -44.41 17.16
N ALA D 203 37.07 -43.50 16.96
CA ALA D 203 36.98 -42.18 17.57
C ALA D 203 36.24 -41.31 16.58
N LEU D 204 34.92 -41.49 16.55
CA LEU D 204 34.09 -40.71 15.64
C LEU D 204 32.70 -40.68 16.22
N PHE D 205 31.92 -39.70 15.80
CA PHE D 205 30.55 -39.60 16.22
C PHE D 205 29.79 -39.12 15.02
N THR D 206 28.49 -39.35 15.00
CA THR D 206 27.73 -38.91 13.86
C THR D 206 26.48 -38.20 14.35
N PHE D 207 25.92 -37.39 13.46
CA PHE D 207 24.69 -36.67 13.76
C PHE D 207 23.63 -37.02 12.75
N TYR D 208 22.49 -37.45 13.25
CA TYR D 208 21.34 -37.74 12.40
C TYR D 208 20.28 -36.80 12.93
N LEU D 209 19.91 -35.81 12.12
CA LEU D 209 18.88 -34.85 12.54
C LEU D 209 17.63 -35.11 11.70
N PRO D 210 16.63 -35.79 12.28
CA PRO D 210 15.41 -36.09 11.53
C PRO D 210 14.84 -34.85 10.85
N VAL D 211 14.73 -34.91 9.53
CA VAL D 211 14.23 -33.78 8.77
C VAL D 211 12.85 -33.35 9.22
N HIS D 212 12.05 -34.32 9.68
CA HIS D 212 10.69 -34.06 10.11
C HIS D 212 10.49 -33.61 11.55
N ASP D 213 11.57 -33.52 12.32
CA ASP D 213 11.44 -33.06 13.71
C ASP D 213 12.63 -32.19 14.07
N LYS D 214 12.46 -30.88 13.92
CA LYS D 214 13.50 -29.91 14.21
C LYS D 214 13.90 -29.83 15.68
N HIS D 215 13.09 -30.39 16.56
CA HIS D 215 13.41 -30.36 17.99
C HIS D 215 14.12 -31.62 18.46
N THR D 216 14.53 -32.45 17.52
CA THR D 216 15.21 -33.70 17.86
C THR D 216 16.48 -33.96 17.05
N GLY D 217 17.40 -34.68 17.66
CA GLY D 217 18.64 -35.03 17.00
C GLY D 217 19.19 -36.27 17.64
N PHE D 218 20.01 -37.01 16.89
CA PHE D 218 20.61 -38.22 17.43
C PHE D 218 22.11 -38.22 17.24
N LEU D 219 22.83 -38.43 18.33
CA LEU D 219 24.27 -38.49 18.34
C LEU D 219 24.68 -39.95 18.50
N THR D 220 25.46 -40.46 17.55
CA THR D 220 25.95 -41.82 17.63
C THR D 220 27.44 -41.75 17.92
N ILE D 221 27.89 -42.50 18.91
CA ILE D 221 29.28 -42.48 19.32
C ILE D 221 30.04 -43.78 19.06
N GLY D 222 31.14 -43.67 18.31
CA GLY D 222 31.98 -44.84 18.07
C GLY D 222 31.80 -45.62 16.80
N GLY D 223 30.75 -45.33 16.03
CA GLY D 223 30.56 -46.06 14.80
C GLY D 223 29.53 -45.44 13.88
N ILE D 224 29.48 -45.96 12.65
CA ILE D 224 28.56 -45.47 11.64
C ILE D 224 27.43 -46.45 11.40
N GLU D 225 26.20 -46.02 11.63
CA GLU D 225 25.02 -46.87 11.42
C GLU D 225 24.46 -46.66 10.03
N GLU D 226 24.47 -47.73 9.24
CA GLU D 226 23.97 -47.69 7.86
C GLU D 226 22.54 -47.20 7.72
N ARG D 227 21.72 -47.44 8.74
CA ARG D 227 20.33 -47.05 8.70
C ARG D 227 20.09 -45.54 8.63
N PHE D 228 21.10 -44.74 8.91
CA PHE D 228 20.93 -43.29 8.88
C PHE D 228 21.13 -42.61 7.53
N TYR D 229 21.77 -43.30 6.58
CA TYR D 229 22.03 -42.67 5.29
C TYR D 229 21.91 -43.58 4.07
N GLU D 230 21.91 -42.95 2.91
CA GLU D 230 21.81 -43.63 1.61
C GLU D 230 23.16 -43.55 0.89
N GLY D 231 23.57 -44.66 0.28
CA GLY D 231 24.80 -44.68 -0.48
C GLY D 231 26.08 -44.52 0.31
N PRO D 232 27.23 -44.43 -0.38
CA PRO D 232 28.54 -44.26 0.25
C PRO D 232 28.74 -42.87 0.81
N LEU D 233 29.52 -42.78 1.87
CA LEU D 233 29.83 -41.49 2.48
C LEU D 233 30.95 -40.85 1.66
N THR D 234 30.90 -39.54 1.51
CA THR D 234 31.95 -38.81 0.81
C THR D 234 32.64 -38.04 1.92
N TYR D 235 33.94 -38.27 2.07
CA TYR D 235 34.68 -37.58 3.10
C TYR D 235 35.38 -36.32 2.62
N GLU D 236 35.31 -35.30 3.45
CA GLU D 236 35.92 -34.01 3.17
C GLU D 236 36.92 -33.80 4.31
N LYS D 237 38.19 -33.60 3.95
CA LYS D 237 39.23 -33.42 4.96
C LYS D 237 39.09 -32.08 5.67
N LEU D 238 39.30 -32.09 6.99
CA LEU D 238 39.24 -30.85 7.78
C LEU D 238 40.35 -29.94 7.30
N ASN D 239 40.10 -28.63 7.28
CA ASN D 239 41.13 -27.71 6.82
C ASN D 239 41.65 -26.84 7.96
N HIS D 240 41.29 -27.24 9.18
CA HIS D 240 41.71 -26.51 10.37
C HIS D 240 41.94 -27.53 11.47
N ASP D 241 42.89 -27.26 12.37
CA ASP D 241 43.21 -28.18 13.45
C ASP D 241 42.28 -28.11 14.66
N LEU D 242 41.53 -27.02 14.78
CA LEU D 242 40.65 -26.86 15.93
C LEU D 242 39.16 -26.79 15.69
N TYR D 243 38.72 -26.92 14.43
CA TYR D 243 37.29 -26.85 14.14
C TYR D 243 36.84 -27.86 13.09
N TRP D 244 35.58 -28.30 13.16
CA TRP D 244 35.07 -29.23 12.14
C TRP D 244 34.76 -28.35 10.95
N GLN D 245 35.83 -27.95 10.27
CA GLN D 245 35.73 -27.05 9.13
C GLN D 245 36.37 -27.65 7.90
N ILE D 246 35.68 -27.52 6.77
CA ILE D 246 36.16 -28.04 5.51
C ILE D 246 36.10 -26.95 4.44
N THR D 247 36.70 -27.20 3.29
CA THR D 247 36.70 -26.21 2.21
C THR D 247 35.73 -26.62 1.11
N LEU D 248 34.89 -25.67 0.70
CA LEU D 248 33.91 -25.91 -0.35
C LEU D 248 33.66 -24.63 -1.12
N ASP D 249 33.45 -24.75 -2.43
CA ASP D 249 33.13 -23.56 -3.24
C ASP D 249 31.64 -23.39 -3.02
N ALA D 250 31.21 -22.14 -2.80
CA ALA D 250 29.80 -21.86 -2.57
C ALA D 250 29.21 -21.07 -3.72
N HIS D 251 28.08 -21.56 -4.23
CA HIS D 251 27.38 -20.90 -5.33
C HIS D 251 25.93 -20.74 -4.90
N VAL D 252 25.40 -19.55 -5.11
CA VAL D 252 24.02 -19.24 -4.80
C VAL D 252 23.58 -18.34 -5.93
N GLY D 253 22.83 -18.91 -6.87
CA GLY D 253 22.40 -18.12 -8.01
C GLY D 253 23.63 -17.75 -8.82
N ASN D 254 23.75 -16.48 -9.16
CA ASN D 254 24.88 -16.00 -9.95
C ASN D 254 26.11 -15.59 -9.13
N ILE D 255 25.98 -15.57 -7.80
CA ILE D 255 27.12 -15.20 -6.97
C ILE D 255 27.80 -16.40 -6.35
N MET D 256 29.12 -16.35 -6.27
CA MET D 256 29.86 -17.46 -5.70
C MET D 256 31.05 -17.01 -4.88
N LEU D 257 31.54 -17.95 -4.08
CA LEU D 257 32.70 -17.78 -3.22
C LEU D 257 33.41 -19.11 -3.29
N GLU D 258 34.55 -19.17 -3.96
CA GLU D 258 35.24 -20.44 -4.04
C GLU D 258 36.15 -20.65 -2.85
N LYS D 259 36.39 -21.92 -2.54
CA LYS D 259 37.27 -22.33 -1.44
C LYS D 259 36.95 -21.61 -0.13
N ALA D 260 35.68 -21.58 0.25
CA ALA D 260 35.29 -20.91 1.48
C ALA D 260 35.41 -21.86 2.67
N ASN D 261 35.63 -21.31 3.86
CA ASN D 261 35.69 -22.14 5.05
C ASN D 261 34.25 -22.44 5.41
N CYS D 262 33.95 -23.71 5.62
CA CYS D 262 32.60 -24.12 5.98
C CYS D 262 32.67 -24.97 7.22
N ILE D 263 32.09 -24.44 8.29
CA ILE D 263 32.03 -25.11 9.57
C ILE D 263 30.74 -25.91 9.63
N VAL D 264 30.86 -27.22 9.86
CA VAL D 264 29.67 -28.06 9.96
C VAL D 264 29.33 -28.09 11.45
N ASP D 265 28.24 -27.43 11.82
CA ASP D 265 27.88 -27.36 13.22
C ASP D 265 26.39 -27.50 13.51
N SER D 266 26.04 -28.61 14.15
CA SER D 266 24.65 -28.86 14.51
C SER D 266 24.20 -27.86 15.57
N GLY D 267 25.15 -27.17 16.18
CA GLY D 267 24.85 -26.20 17.22
C GLY D 267 24.46 -24.81 16.72
N THR D 268 24.32 -24.67 15.41
CA THR D 268 23.93 -23.39 14.80
C THR D 268 22.61 -23.64 14.06
N SER D 269 21.58 -22.87 14.38
CA SER D 269 20.27 -23.03 13.77
C SER D 269 20.11 -22.57 12.32
N ALA D 270 21.15 -22.00 11.74
CA ALA D 270 21.02 -21.51 10.36
C ALA D 270 22.20 -21.83 9.48
N ILE D 271 22.09 -21.43 8.22
CA ILE D 271 23.18 -21.54 7.28
C ILE D 271 23.66 -20.10 7.36
N THR D 272 24.88 -19.87 7.84
CA THR D 272 25.35 -18.51 7.94
C THR D 272 26.29 -18.26 6.77
N VAL D 273 26.25 -17.04 6.25
CA VAL D 273 27.11 -16.69 5.13
C VAL D 273 27.74 -15.33 5.42
N PRO D 274 28.82 -15.00 4.70
CA PRO D 274 29.48 -13.71 4.91
C PRO D 274 28.44 -12.60 4.69
N THR D 275 28.52 -11.52 5.46
CA THR D 275 27.56 -10.44 5.31
C THR D 275 27.45 -9.90 3.89
N ASP D 276 28.59 -9.68 3.22
CA ASP D 276 28.55 -9.16 1.86
C ASP D 276 27.83 -10.15 0.94
N PHE D 277 28.04 -11.43 1.20
CA PHE D 277 27.43 -12.47 0.39
C PHE D 277 25.91 -12.41 0.58
N LEU D 278 25.48 -12.31 1.83
CA LEU D 278 24.05 -12.24 2.14
C LEU D 278 23.42 -11.02 1.45
N ASN D 279 24.07 -9.87 1.58
CA ASN D 279 23.57 -8.64 0.96
C ASN D 279 23.33 -8.80 -0.53
N LYS D 280 24.23 -9.50 -1.23
CA LYS D 280 24.07 -9.71 -2.65
C LYS D 280 22.95 -10.73 -2.90
N MET D 281 22.92 -11.78 -2.09
CA MET D 281 21.90 -12.82 -2.21
C MET D 281 20.49 -12.25 -2.11
N LEU D 282 20.28 -11.43 -1.09
CA LEU D 282 18.96 -10.85 -0.84
C LEU D 282 18.59 -9.65 -1.70
N GLN D 283 19.51 -9.23 -2.57
CA GLN D 283 19.26 -8.10 -3.45
C GLN D 283 18.00 -8.37 -4.28
N ASN D 284 16.96 -7.58 -4.09
CA ASN D 284 15.70 -7.73 -4.83
C ASN D 284 15.12 -9.14 -4.71
N LEU D 285 15.35 -9.79 -3.59
CA LEU D 285 14.86 -11.15 -3.39
C LEU D 285 13.53 -11.18 -2.65
N ASP D 286 12.98 -10.01 -2.36
CA ASP D 286 11.72 -9.89 -1.65
C ASP D 286 11.79 -10.51 -0.27
N VAL D 287 12.86 -10.17 0.43
CA VAL D 287 13.11 -10.63 1.80
C VAL D 287 13.35 -9.36 2.61
N ILE D 288 12.92 -9.36 3.86
CA ILE D 288 13.11 -8.19 4.70
C ILE D 288 13.47 -8.60 6.12
N LYS D 289 14.16 -7.73 6.83
CA LYS D 289 14.50 -8.01 8.21
C LYS D 289 13.52 -7.26 9.07
N VAL D 290 12.97 -7.94 10.08
CA VAL D 290 12.05 -7.28 10.98
C VAL D 290 12.92 -6.41 11.88
N PRO D 291 12.66 -5.08 11.89
CA PRO D 291 13.46 -4.20 12.72
C PRO D 291 13.50 -4.59 14.20
N PHE D 292 14.71 -4.69 14.71
CA PHE D 292 14.98 -5.01 16.11
C PHE D 292 14.53 -6.38 16.61
N LEU D 293 14.40 -7.32 15.68
CA LEU D 293 14.05 -8.69 15.98
C LEU D 293 15.01 -9.49 15.10
N PRO D 294 15.73 -10.45 15.69
CA PRO D 294 16.72 -11.32 15.05
C PRO D 294 16.33 -12.28 13.92
N PHE D 295 15.62 -11.81 12.90
CA PHE D 295 15.29 -12.70 11.78
C PHE D 295 14.77 -12.05 10.51
N TYR D 296 14.95 -12.77 9.41
CA TYR D 296 14.51 -12.34 8.08
C TYR D 296 13.20 -13.03 7.75
N VAL D 297 12.34 -12.31 7.05
CA VAL D 297 11.03 -12.83 6.66
C VAL D 297 10.84 -12.76 5.15
N THR D 298 10.16 -13.76 4.62
CA THR D 298 9.87 -13.84 3.19
C THR D 298 8.66 -14.75 3.02
N LEU D 299 8.02 -14.69 1.85
CA LEU D 299 6.91 -15.57 1.59
C LEU D 299 7.53 -16.95 1.39
N CYS D 300 6.90 -17.98 1.94
CA CYS D 300 7.41 -19.33 1.84
C CYS D 300 7.54 -19.83 0.40
N ASN D 301 6.64 -19.39 -0.48
CA ASN D 301 6.67 -19.85 -1.87
C ASN D 301 7.51 -18.94 -2.79
N ASN D 302 8.31 -18.07 -2.18
CA ASN D 302 9.16 -17.14 -2.93
C ASN D 302 9.96 -17.92 -3.98
N SER D 303 9.55 -17.81 -5.25
CA SER D 303 10.22 -18.53 -6.33
C SER D 303 11.65 -18.05 -6.58
N LYS D 304 12.00 -16.91 -6.00
CA LYS D 304 13.34 -16.38 -6.17
C LYS D 304 14.35 -17.00 -5.21
N LEU D 305 13.87 -17.62 -4.13
CA LEU D 305 14.79 -18.21 -3.16
C LEU D 305 15.77 -19.18 -3.82
N PRO D 306 17.07 -18.92 -3.66
CA PRO D 306 18.12 -19.74 -4.24
C PRO D 306 18.43 -21.06 -3.54
N THR D 307 19.03 -21.97 -4.30
CA THR D 307 19.45 -23.24 -3.77
C THR D 307 20.96 -23.11 -3.53
N PHE D 308 21.40 -23.42 -2.32
CA PHE D 308 22.81 -23.36 -1.99
C PHE D 308 23.50 -24.51 -2.72
N GLU D 309 24.66 -24.25 -3.29
CA GLU D 309 25.41 -25.30 -3.96
C GLU D 309 26.84 -25.24 -3.43
N PHE D 310 27.29 -26.34 -2.84
CA PHE D 310 28.63 -26.44 -2.29
C PHE D 310 29.34 -27.56 -3.01
N THR D 311 30.53 -27.27 -3.53
CA THR D 311 31.27 -28.28 -4.26
C THR D 311 32.70 -28.44 -3.78
N SER D 312 33.19 -29.68 -3.82
CA SER D 312 34.55 -30.01 -3.42
C SER D 312 35.09 -30.82 -4.58
N GLU D 313 36.33 -31.26 -4.50
CA GLU D 313 36.92 -32.06 -5.57
C GLU D 313 36.27 -33.44 -5.57
N ASN D 314 35.59 -33.78 -4.47
CA ASN D 314 34.97 -35.10 -4.34
C ASN D 314 33.46 -35.16 -4.34
N GLY D 315 32.79 -34.04 -4.13
CA GLY D 315 31.34 -34.07 -4.12
C GLY D 315 30.64 -32.75 -4.35
N LYS D 316 29.33 -32.84 -4.43
CA LYS D 316 28.50 -31.66 -4.63
C LYS D 316 27.33 -31.83 -3.69
N TYR D 317 27.13 -30.83 -2.84
CA TYR D 317 26.06 -30.84 -1.85
C TYR D 317 25.21 -29.61 -2.10
N THR D 318 23.89 -29.78 -2.08
CA THR D 318 23.01 -28.65 -2.31
C THR D 318 22.00 -28.57 -1.21
N LEU D 319 21.49 -27.36 -0.97
CA LEU D 319 20.49 -27.15 0.07
C LEU D 319 19.39 -26.29 -0.52
N GLU D 320 18.27 -26.94 -0.82
CA GLU D 320 17.12 -26.27 -1.40
C GLU D 320 16.39 -25.44 -0.35
N PRO D 321 15.59 -24.46 -0.79
CA PRO D 321 14.84 -23.58 0.10
C PRO D 321 14.07 -24.25 1.22
N GLU D 322 13.45 -25.39 0.92
CA GLU D 322 12.65 -26.11 1.90
C GLU D 322 13.42 -26.40 3.19
N TYR D 323 14.73 -26.61 3.05
CA TYR D 323 15.54 -26.90 4.21
C TYR D 323 15.90 -25.70 5.08
N TYR D 324 15.86 -24.49 4.52
CA TYR D 324 16.21 -23.33 5.33
C TYR D 324 15.08 -22.38 5.63
N LEU D 325 13.85 -22.82 5.32
CA LEU D 325 12.67 -22.03 5.59
C LEU D 325 11.95 -22.57 6.83
N GLN D 326 11.56 -21.66 7.71
N GLN D 326 11.56 -21.66 7.72
CA GLN D 326 10.84 -21.99 8.93
CA GLN D 326 10.87 -22.00 8.95
C GLN D 326 9.50 -21.27 8.85
C GLN D 326 9.51 -21.28 8.89
N HIS D 327 8.43 -22.05 8.83
CA HIS D 327 7.10 -21.47 8.75
C HIS D 327 6.79 -20.68 10.01
N ILE D 328 6.22 -19.50 9.82
CA ILE D 328 5.81 -18.62 10.91
C ILE D 328 4.38 -18.20 10.58
N GLU D 329 3.55 -19.20 10.27
CA GLU D 329 2.15 -19.03 9.91
C GLU D 329 1.34 -18.29 10.96
N ASP D 330 1.85 -18.24 12.19
CA ASP D 330 1.16 -17.58 13.29
C ASP D 330 1.31 -16.06 13.29
N VAL D 331 2.19 -15.54 12.43
CA VAL D 331 2.41 -14.10 12.36
C VAL D 331 1.85 -13.53 11.06
N GLY D 332 1.66 -14.39 10.07
CA GLY D 332 1.13 -13.94 8.79
C GLY D 332 1.00 -15.07 7.80
N PRO D 333 -0.01 -15.02 6.93
CA PRO D 333 -0.26 -16.04 5.92
C PRO D 333 0.90 -16.21 4.95
N GLY D 334 1.30 -17.44 4.72
CA GLY D 334 2.38 -17.74 3.79
C GLY D 334 3.74 -17.16 4.13
N LEU D 335 3.92 -16.72 5.37
CA LEU D 335 5.20 -16.16 5.78
C LEU D 335 6.15 -17.17 6.42
N CYS D 336 7.43 -17.04 6.11
CA CYS D 336 8.46 -17.92 6.64
C CYS D 336 9.65 -17.09 7.12
N MET D 337 10.36 -17.57 8.13
CA MET D 337 11.55 -16.85 8.53
C MET D 337 12.64 -17.62 7.80
N LEU D 338 13.74 -16.94 7.49
CA LEU D 338 14.84 -17.60 6.79
C LEU D 338 15.88 -18.02 7.81
N ASN D 339 16.23 -19.31 7.82
CA ASN D 339 17.28 -19.74 8.73
C ASN D 339 18.59 -19.55 8.00
N ILE D 340 18.82 -18.30 7.59
CA ILE D 340 20.02 -17.87 6.89
C ILE D 340 20.33 -16.52 7.50
N ILE D 341 21.58 -16.29 7.86
CA ILE D 341 21.98 -15.01 8.43
C ILE D 341 23.37 -14.66 7.93
N GLY D 342 23.70 -13.38 8.00
CA GLY D 342 25.01 -12.93 7.59
C GLY D 342 25.86 -12.76 8.83
N LEU D 343 27.05 -13.35 8.79
N LEU D 343 27.05 -13.35 8.81
CA LEU D 343 27.98 -13.27 9.89
CA LEU D 343 27.96 -13.28 9.95
C LEU D 343 29.37 -13.03 9.32
C LEU D 343 29.38 -13.12 9.42
N ASP D 344 30.09 -12.11 9.93
CA ASP D 344 31.45 -11.87 9.47
C ASP D 344 32.45 -12.51 10.39
N PHE D 345 33.53 -12.97 9.78
CA PHE D 345 34.63 -13.62 10.48
C PHE D 345 35.90 -13.08 9.85
N PRO D 346 37.06 -13.35 10.45
CA PRO D 346 38.35 -12.87 9.94
C PRO D 346 38.50 -13.15 8.44
N VAL D 347 37.92 -14.26 7.99
CA VAL D 347 37.92 -14.61 6.57
C VAL D 347 36.50 -15.11 6.30
N PRO D 348 36.04 -15.03 5.04
CA PRO D 348 34.71 -15.46 4.65
C PRO D 348 34.47 -16.89 5.13
N THR D 349 33.38 -17.07 5.86
CA THR D 349 33.06 -18.37 6.43
C THR D 349 31.57 -18.66 6.37
N PHE D 350 31.24 -19.92 6.14
CA PHE D 350 29.85 -20.34 6.14
C PHE D 350 29.72 -21.35 7.27
N ILE D 351 28.62 -21.31 7.99
CA ILE D 351 28.40 -22.32 9.01
C ILE D 351 27.27 -23.16 8.42
N LEU D 352 27.55 -24.42 8.17
CA LEU D 352 26.53 -25.31 7.64
C LEU D 352 25.88 -25.87 8.90
N GLY D 353 24.90 -25.14 9.40
CA GLY D 353 24.22 -25.54 10.61
C GLY D 353 23.13 -26.57 10.40
N ASP D 354 22.22 -26.59 11.36
CA ASP D 354 21.10 -27.52 11.37
C ASP D 354 20.43 -27.75 10.01
N PRO D 355 20.08 -26.69 9.27
CA PRO D 355 19.43 -26.87 7.97
C PRO D 355 20.13 -27.84 7.02
N PHE D 356 21.45 -27.72 6.93
CA PHE D 356 22.25 -28.58 6.06
C PHE D 356 22.25 -30.02 6.57
N MET D 357 22.32 -30.16 7.89
CA MET D 357 22.36 -31.47 8.51
C MET D 357 21.00 -32.18 8.57
N ARG D 358 19.94 -31.48 8.22
CA ARG D 358 18.61 -32.11 8.16
C ARG D 358 18.52 -32.83 6.82
N LYS D 359 19.35 -32.41 5.86
CA LYS D 359 19.36 -33.06 4.56
C LYS D 359 20.49 -34.09 4.50
N TYR D 360 21.62 -33.74 5.08
CA TYR D 360 22.77 -34.62 5.05
C TYR D 360 23.17 -35.24 6.38
N PHE D 361 23.39 -36.55 6.36
CA PHE D 361 23.86 -37.30 7.52
C PHE D 361 25.32 -36.92 7.56
N THR D 362 25.86 -36.70 8.75
CA THR D 362 27.25 -36.30 8.88
C THR D 362 28.04 -37.15 9.86
N VAL D 363 29.29 -37.41 9.49
CA VAL D 363 30.21 -38.20 10.29
C VAL D 363 31.39 -37.32 10.64
N PHE D 364 31.71 -37.26 11.93
CA PHE D 364 32.82 -36.45 12.42
C PHE D 364 33.87 -37.43 12.92
N ASP D 365 34.85 -37.66 12.06
CA ASP D 365 35.92 -38.61 12.30
C ASP D 365 37.19 -37.98 12.85
N TYR D 366 37.47 -38.21 14.12
CA TYR D 366 38.67 -37.69 14.77
C TYR D 366 39.91 -38.41 14.24
N ASP D 367 39.83 -39.73 14.16
CA ASP D 367 40.96 -40.54 13.69
C ASP D 367 41.41 -40.13 12.28
N ASN D 368 40.45 -39.86 11.40
CA ASN D 368 40.79 -39.50 10.04
C ASN D 368 40.70 -38.01 9.70
N HIS D 369 40.49 -37.19 10.72
CA HIS D 369 40.43 -35.74 10.53
C HIS D 369 39.58 -35.36 9.32
N SER D 370 38.32 -35.75 9.34
CA SER D 370 37.46 -35.43 8.22
C SER D 370 36.01 -35.50 8.61
N VAL D 371 35.17 -35.06 7.69
CA VAL D 371 33.73 -35.09 7.87
C VAL D 371 33.17 -35.93 6.73
N GLY D 372 32.39 -36.95 7.06
CA GLY D 372 31.80 -37.77 6.02
C GLY D 372 30.40 -37.23 5.77
N ILE D 373 29.97 -37.20 4.52
CA ILE D 373 28.64 -36.69 4.17
C ILE D 373 27.91 -37.64 3.24
N ALA D 374 26.60 -37.78 3.45
CA ALA D 374 25.79 -38.61 2.60
C ALA D 374 24.34 -38.19 2.79
N LEU D 375 23.52 -38.43 1.79
CA LEU D 375 22.12 -38.07 1.90
C LEU D 375 21.58 -38.85 3.09
N ALA D 376 20.94 -38.16 4.01
CA ALA D 376 20.34 -38.81 5.17
C ALA D 376 19.06 -39.49 4.74
N LYS D 377 18.70 -40.58 5.41
CA LYS D 377 17.45 -41.27 5.10
C LYS D 377 16.35 -40.46 5.77
N LYS D 378 15.36 -40.00 5.01
CA LYS D 378 14.28 -39.22 5.58
C LYS D 378 13.46 -40.05 6.57
N ASN D 379 13.26 -41.32 6.24
CA ASN D 379 12.47 -42.20 7.08
C ASN D 379 13.22 -43.49 7.43
N LEU D 380 13.46 -43.69 8.72
CA LEU D 380 14.17 -44.86 9.20
C LEU D 380 13.27 -46.09 9.17
C1 GOL E . -26.46 -29.66 -0.29
O1 GOL E . -27.28 -28.95 0.61
C2 GOL E . -26.20 -28.84 -1.55
O2 GOL E . -27.43 -28.56 -2.20
C3 GOL E . -25.26 -29.57 -2.52
O3 GOL E . -25.00 -28.77 -3.66
C1 GOL F . -19.98 -28.03 -3.45
O1 GOL F . -20.06 -29.44 -3.39
C2 GOL F . -20.60 -27.49 -4.74
O2 GOL F . -19.88 -28.01 -5.87
C3 GOL F . -22.07 -27.89 -4.85
O3 GOL F . -22.81 -27.39 -3.75
C1 GOL G . 1.91 -36.77 4.36
O1 GOL G . 3.22 -36.48 3.92
C2 GOL G . 1.70 -38.29 4.52
O2 GOL G . 2.67 -38.83 5.41
C3 GOL G . 1.79 -39.02 3.17
O3 GOL G . 1.47 -40.39 3.32
C1 GOL H . -23.43 51.56 -32.18
O1 GOL H . -22.44 50.65 -32.65
C2 GOL H . -24.33 52.08 -33.31
O2 GOL H . -25.03 50.99 -33.93
C3 GOL H . -23.59 52.89 -34.37
O3 GOL H . -22.76 52.07 -35.18
C1 GOL I . -12.08 39.61 -29.46
O1 GOL I . -11.85 38.40 -30.16
C2 GOL I . -13.45 40.20 -29.80
O2 GOL I . -13.50 40.54 -31.19
C3 GOL I . -13.72 41.45 -28.96
O3 GOL I . -13.63 41.15 -27.59
C1 GOL J . 39.42 -17.69 1.93
O1 GOL J . 40.39 -18.02 2.90
C2 GOL J . 38.05 -17.41 2.59
O2 GOL J . 37.56 -18.59 3.24
C3 GOL J . 37.04 -16.92 1.55
O3 GOL J . 36.79 -17.89 0.53
#